data_9GL0
#
_entry.id   9GL0
#
_cell.length_a   109.121
_cell.length_b   109.121
_cell.length_c   400.511
_cell.angle_alpha   90
_cell.angle_beta   90
_cell.angle_gamma   90
#
_symmetry.space_group_name_H-M   'P 41 2 2'
#
loop_
_entity.id
_entity.type
_entity.pdbx_description
1 polymer 'Acetylpolyamine aminohydrolase'
2 non-polymer 'ZINC ION'
3 non-polymer 'POTASSIUM ION'
4 water water
#
_entity_poly.entity_id   1
_entity_poly.type   'polypeptide(L)'
_entity_poly.pdbx_seq_one_letter_code
;MAHHHHHHVGTMDMAKDKGFFKKAKMEKNKRLVTPYSEECAIQIPSEIDNEQMQRMPAGGEEDQYLRIKHMSALIKKYGD
LPVITTQETRLPYYWLDLFAAIDEGDTPKAHALFHLLPQDDIILRALRAVHSEDYLYQLIKYCIQAKHFGFKQLNADLVV
TPKTFEILIRDCATTLFNPAKAHFSFGLPSHHAYTQMGSGFCLINKTAMLMKQAELSSAQPPKFVIIGTDVNRDNGLCDI
LRHSFSHLSICHIDVFDSRVYPQQDFAYINNEFNSEGVDIGKNIHVWHHNNLNYYAVDLSLTSRKSVGVHPALLFALEQL
KESIREAKAKGQKIALYLPTGWDSHEDETAYCGKFVNGRMMGKTAAHQFRFNDGDLGYFYESIFTLYNENKDCVDTIYWG
LEGGYDRTMYERELKILLQVIEKQLLPKDSNSHSMSY
;
_entity_poly.pdbx_strand_id   A,B,C,D
#
loop_
_chem_comp.id
_chem_comp.type
_chem_comp.name
_chem_comp.formula
K non-polymer 'POTASSIUM ION' 'K 1'
ZN non-polymer 'ZINC ION' 'Zn 2'
#
# COMPACT_ATOMS: atom_id res chain seq x y z
N SER A 37 17.10 -40.80 6.79
CA SER A 37 17.85 -40.26 5.66
C SER A 37 18.74 -39.10 6.12
N GLU A 38 20.07 -39.25 5.91
CA GLU A 38 21.03 -38.15 6.03
C GLU A 38 20.97 -37.18 4.84
N GLU A 39 20.22 -37.50 3.78
CA GLU A 39 20.26 -36.73 2.54
C GLU A 39 19.40 -35.46 2.61
N CYS A 40 18.42 -35.41 3.50
CA CYS A 40 17.62 -34.21 3.66
C CYS A 40 16.96 -34.25 5.03
N ALA A 41 16.77 -33.08 5.63
CA ALA A 41 16.07 -33.00 6.90
C ALA A 41 15.21 -31.75 6.95
N ILE A 42 14.26 -31.74 7.90
CA ILE A 42 13.36 -30.62 8.14
C ILE A 42 13.33 -30.37 9.65
N GLN A 43 13.71 -29.17 10.06
CA GLN A 43 14.02 -28.88 11.45
C GLN A 43 12.95 -28.00 12.06
N ILE A 44 12.38 -28.45 13.18
CA ILE A 44 11.47 -27.64 13.98
C ILE A 44 11.99 -27.61 15.41
N PRO A 45 11.63 -26.59 16.17
CA PRO A 45 11.88 -26.64 17.61
C PRO A 45 11.08 -27.73 18.27
N SER A 46 11.62 -28.24 19.37
CA SER A 46 10.91 -29.18 20.22
C SER A 46 9.74 -28.48 20.93
N GLU A 47 8.99 -29.25 21.71
CA GLU A 47 7.88 -28.66 22.47
C GLU A 47 8.38 -27.53 23.38
N ILE A 48 9.34 -27.86 24.28
CA ILE A 48 9.88 -26.86 25.22
C ILE A 48 10.47 -25.67 24.49
N ASP A 49 11.32 -25.93 23.48
CA ASP A 49 11.98 -24.84 22.78
C ASP A 49 10.96 -23.87 22.17
N ASN A 50 9.99 -24.39 21.40
CA ASN A 50 8.92 -23.55 20.87
C ASN A 50 8.15 -22.85 21.99
N GLU A 51 7.83 -23.57 23.07
CA GLU A 51 7.09 -22.94 24.17
C GLU A 51 7.81 -21.71 24.73
N GLN A 52 9.14 -21.74 24.80
CA GLN A 52 9.84 -20.58 25.36
C GLN A 52 9.99 -19.46 24.35
N MET A 53 8.96 -19.23 23.51
CA MET A 53 9.02 -18.14 22.54
C MET A 53 7.80 -17.21 22.66
N GLN A 54 7.01 -17.35 23.72
CA GLN A 54 5.84 -16.47 23.87
C GLN A 54 6.29 -15.03 24.08
N ARG A 55 5.40 -14.11 23.73
CA ARG A 55 5.63 -12.66 23.82
C ARG A 55 6.65 -12.17 22.79
N MET A 56 7.25 -13.11 22.04
CA MET A 56 8.25 -12.72 21.07
C MET A 56 7.58 -12.14 19.81
N PRO A 57 7.76 -10.87 19.47
CA PRO A 57 6.93 -10.22 18.47
C PRO A 57 7.14 -10.77 17.09
N ALA A 58 6.01 -10.80 16.34
CA ALA A 58 6.00 -11.00 14.88
C ALA A 58 5.18 -9.88 14.23
N GLY A 59 5.50 -9.60 12.97
CA GLY A 59 4.85 -8.54 12.19
C GLY A 59 3.44 -8.91 11.84
N GLY A 60 2.98 -10.02 12.41
CA GLY A 60 1.61 -10.43 12.34
C GLY A 60 0.89 -10.26 13.67
N GLU A 61 -0.26 -10.90 13.76
CA GLU A 61 -1.20 -10.80 14.85
C GLU A 61 -0.92 -11.79 15.97
N GLU A 62 -0.17 -12.84 15.68
CA GLU A 62 0.21 -13.87 16.64
C GLU A 62 1.69 -13.69 17.00
N ASP A 63 2.04 -14.08 18.24
CA ASP A 63 3.44 -14.07 18.62
C ASP A 63 4.19 -15.16 17.88
N GLN A 64 5.51 -15.12 17.97
CA GLN A 64 6.32 -16.14 17.30
C GLN A 64 6.03 -17.54 17.85
N TYR A 65 5.54 -17.65 19.08
CA TYR A 65 5.22 -18.97 19.63
C TYR A 65 4.11 -19.65 18.84
N LEU A 66 2.94 -19.02 18.77
CA LEU A 66 1.84 -19.56 17.95
C LEU A 66 2.31 -19.77 16.51
N ARG A 67 2.93 -18.74 15.91
CA ARG A 67 3.34 -18.82 14.51
C ARG A 67 4.17 -20.07 14.23
N ILE A 68 5.25 -20.28 15.01
CA ILE A 68 6.12 -21.43 14.73
C ILE A 68 5.44 -22.72 15.13
N LYS A 69 4.63 -22.70 16.19
CA LYS A 69 3.88 -23.90 16.59
C LYS A 69 2.93 -24.37 15.49
N HIS A 70 2.20 -23.44 14.88
CA HIS A 70 1.30 -23.80 13.79
C HIS A 70 2.06 -24.50 12.67
N MET A 71 3.20 -23.95 12.25
CA MET A 71 3.95 -24.57 11.18
C MET A 71 4.42 -25.96 11.58
N SER A 72 4.82 -26.14 12.85
CA SER A 72 5.37 -27.42 13.30
C SER A 72 4.29 -28.49 13.35
N ALA A 73 3.09 -28.16 13.87
CA ALA A 73 1.99 -29.11 13.85
C ALA A 73 1.70 -29.58 12.42
N LEU A 74 1.68 -28.66 11.47
CA LEU A 74 1.46 -29.04 10.07
C LEU A 74 2.54 -29.99 9.58
N ILE A 75 3.81 -29.65 9.84
CA ILE A 75 4.94 -30.43 9.33
C ILE A 75 4.94 -31.84 9.93
N LYS A 76 4.55 -31.96 11.20
CA LYS A 76 4.47 -33.28 11.81
C LYS A 76 3.33 -34.10 11.21
N LYS A 77 2.24 -33.44 10.82
CA LYS A 77 1.03 -34.13 10.35
C LYS A 77 1.14 -34.56 8.90
N TYR A 78 1.81 -33.78 8.05
CA TYR A 78 2.09 -34.17 6.67
C TYR A 78 2.93 -35.45 6.67
N GLY A 79 2.26 -36.61 6.65
CA GLY A 79 2.89 -37.92 6.52
C GLY A 79 4.28 -38.17 7.09
N ASP A 80 5.22 -38.45 6.18
CA ASP A 80 6.57 -38.92 6.52
C ASP A 80 7.59 -38.03 5.82
N LEU A 81 8.03 -36.97 6.51
CA LEU A 81 9.23 -36.28 6.06
C LEU A 81 10.35 -36.48 7.07
N PRO A 82 11.60 -36.38 6.64
CA PRO A 82 12.73 -36.52 7.57
C PRO A 82 12.84 -35.34 8.53
N VAL A 83 12.20 -35.41 9.68
CA VAL A 83 12.01 -34.24 10.54
C VAL A 83 12.81 -34.44 11.82
N ILE A 84 13.66 -33.46 12.15
CA ILE A 84 14.56 -33.50 13.30
C ILE A 84 14.17 -32.41 14.27
N THR A 85 14.45 -32.66 15.55
CA THR A 85 13.89 -31.83 16.61
C THR A 85 15.00 -31.32 17.51
N THR A 86 14.95 -30.03 17.86
CA THR A 86 16.02 -29.45 18.64
C THR A 86 16.12 -30.02 20.05
N GLN A 87 15.27 -30.97 20.45
CA GLN A 87 15.43 -31.56 21.77
C GLN A 87 16.41 -32.70 21.79
N GLU A 88 16.59 -33.41 20.67
CA GLU A 88 17.40 -34.63 20.72
C GLU A 88 18.89 -34.35 20.72
N THR A 89 19.33 -33.25 20.13
CA THR A 89 20.75 -32.89 20.09
C THR A 89 21.20 -32.38 21.45
N ARG A 90 22.15 -33.06 22.05
CA ARG A 90 22.69 -32.65 23.34
C ARG A 90 24.01 -31.91 23.09
N LEU A 91 24.16 -30.75 23.73
CA LEU A 91 25.36 -29.96 23.57
C LEU A 91 26.49 -30.50 24.45
N PRO A 92 27.72 -30.02 24.25
CA PRO A 92 28.78 -30.37 25.19
C PRO A 92 28.44 -29.78 26.56
N TYR A 93 29.12 -30.31 27.58
CA TYR A 93 28.86 -29.90 28.97
C TYR A 93 28.93 -28.37 29.12
N TYR A 94 30.03 -27.75 28.69
CA TYR A 94 30.22 -26.32 28.95
C TYR A 94 29.08 -25.47 28.40
N TRP A 95 28.49 -25.84 27.25
CA TRP A 95 27.26 -25.16 26.82
C TRP A 95 26.13 -25.37 27.82
N LEU A 96 25.90 -26.61 28.26
CA LEU A 96 24.84 -26.87 29.23
C LEU A 96 25.06 -26.09 30.53
N ASP A 97 26.32 -25.77 30.87
CA ASP A 97 26.59 -25.03 32.11
C ASP A 97 26.41 -23.52 31.94
N LEU A 98 26.82 -22.95 30.80
CA LEU A 98 26.48 -21.56 30.52
C LEU A 98 24.96 -21.36 30.57
N PHE A 99 24.22 -22.25 29.89
CA PHE A 99 22.75 -22.25 30.01
C PHE A 99 22.33 -22.22 31.48
N ALA A 100 22.79 -23.21 32.26
CA ALA A 100 22.35 -23.37 33.65
C ALA A 100 22.59 -22.09 34.44
N ALA A 101 23.79 -21.51 34.32
CA ALA A 101 24.09 -20.22 34.94
C ALA A 101 23.08 -19.12 34.57
N ILE A 102 22.67 -19.06 33.29
CA ILE A 102 21.68 -18.08 32.85
C ILE A 102 20.37 -18.25 33.61
N ASP A 103 20.07 -19.47 34.02
CA ASP A 103 18.76 -19.72 34.62
C ASP A 103 18.71 -19.24 36.07
N GLU A 104 19.81 -19.35 36.83
CA GLU A 104 19.77 -18.92 38.22
C GLU A 104 20.03 -17.42 38.40
N GLY A 105 20.41 -16.70 37.35
CA GLY A 105 20.50 -15.26 37.42
C GLY A 105 21.88 -14.68 37.65
N ASP A 106 22.90 -15.51 37.82
CA ASP A 106 24.24 -14.95 37.98
C ASP A 106 24.72 -14.36 36.66
N THR A 107 24.49 -13.06 36.44
CA THR A 107 25.01 -12.43 35.24
C THR A 107 26.53 -12.44 35.19
N PRO A 108 27.28 -12.19 36.28
CA PRO A 108 28.74 -12.36 36.20
C PRO A 108 29.21 -13.80 36.02
N LYS A 109 28.49 -14.79 36.58
CA LYS A 109 28.86 -16.18 36.35
C LYS A 109 28.65 -16.58 34.88
N ALA A 110 27.50 -16.18 34.31
CA ALA A 110 27.26 -16.43 32.90
C ALA A 110 28.28 -15.69 32.05
N HIS A 111 28.46 -14.39 32.33
CA HIS A 111 29.42 -13.60 31.57
C HIS A 111 30.79 -14.25 31.57
N ALA A 112 31.22 -14.75 32.72
CA ALA A 112 32.53 -15.39 32.82
C ALA A 112 32.52 -16.75 32.14
N LEU A 113 31.51 -17.57 32.45
CA LEU A 113 31.46 -18.94 31.94
C LEU A 113 31.52 -18.96 30.42
N PHE A 114 30.81 -18.01 29.79
CA PHE A 114 30.81 -17.88 28.34
C PHE A 114 32.17 -17.42 27.82
N HIS A 115 32.76 -16.39 28.45
CA HIS A 115 34.09 -15.94 28.06
C HIS A 115 35.10 -17.09 27.96
N LEU A 116 34.98 -18.06 28.87
CA LEU A 116 35.93 -19.18 28.98
C LEU A 116 35.53 -20.41 28.14
N LEU A 117 34.51 -20.32 27.29
CA LEU A 117 34.21 -21.46 26.43
C LEU A 117 35.36 -21.72 25.45
N PRO A 118 35.57 -22.98 25.07
CA PRO A 118 36.65 -23.30 24.13
C PRO A 118 36.52 -22.56 22.81
N GLN A 119 37.59 -21.87 22.42
CA GLN A 119 37.66 -21.09 21.18
C GLN A 119 37.50 -21.95 19.93
N ASP A 120 37.47 -23.28 20.05
CA ASP A 120 37.40 -24.17 18.90
C ASP A 120 36.17 -25.07 18.90
N ASP A 121 35.25 -24.88 19.85
CA ASP A 121 33.96 -25.57 19.82
C ASP A 121 33.20 -25.16 18.55
N ILE A 122 32.52 -26.13 17.93
CA ILE A 122 31.92 -25.92 16.61
C ILE A 122 30.96 -24.73 16.62
N ILE A 123 30.03 -24.71 17.59
CA ILE A 123 29.08 -23.60 17.72
C ILE A 123 29.80 -22.27 17.85
N LEU A 124 30.66 -22.16 18.87
CA LEU A 124 31.13 -20.84 19.30
C LEU A 124 32.02 -20.20 18.25
N ARG A 125 32.94 -20.98 17.69
CA ARG A 125 33.80 -20.46 16.65
C ARG A 125 32.97 -19.80 15.54
N ALA A 126 31.90 -20.47 15.12
CA ALA A 126 31.00 -19.88 14.12
C ALA A 126 30.19 -18.73 14.71
N LEU A 127 29.70 -18.88 15.95
CA LEU A 127 28.90 -17.85 16.59
C LEU A 127 29.67 -16.52 16.66
N ARG A 128 30.90 -16.54 17.19
CA ARG A 128 31.63 -15.30 17.35
C ARG A 128 32.42 -14.92 16.10
N ALA A 129 32.40 -15.75 15.06
CA ALA A 129 32.85 -15.29 13.75
C ALA A 129 31.91 -14.25 13.15
N VAL A 130 30.65 -14.19 13.59
CA VAL A 130 29.72 -13.21 13.06
C VAL A 130 29.16 -12.26 14.11
N HIS A 131 29.31 -12.53 15.40
CA HIS A 131 28.73 -11.67 16.41
C HIS A 131 29.77 -11.16 17.40
N SER A 132 29.75 -9.85 17.63
CA SER A 132 30.68 -9.22 18.55
C SER A 132 30.49 -9.75 19.96
N GLU A 133 31.61 -9.86 20.68
CA GLU A 133 31.55 -10.32 22.07
C GLU A 133 30.74 -9.36 22.94
N ASP A 134 30.77 -8.06 22.63
CA ASP A 134 29.94 -7.14 23.39
C ASP A 134 28.46 -7.39 23.15
N TYR A 135 28.07 -7.68 21.91
CA TYR A 135 26.65 -7.97 21.66
C TYR A 135 26.23 -9.20 22.47
N LEU A 136 27.04 -10.26 22.46
CA LEU A 136 26.64 -11.48 23.14
C LEU A 136 26.59 -11.28 24.65
N TYR A 137 27.44 -10.41 25.18
CA TYR A 137 27.35 -10.08 26.59
C TYR A 137 26.05 -9.36 26.88
N GLN A 138 25.78 -8.30 26.10
CA GLN A 138 24.57 -7.52 26.29
C GLN A 138 23.34 -8.42 26.19
N LEU A 139 23.44 -9.49 25.42
CA LEU A 139 22.31 -10.38 25.15
C LEU A 139 22.06 -11.34 26.31
N ILE A 140 23.03 -12.19 26.63
CA ILE A 140 23.06 -12.95 27.88
C ILE A 140 22.56 -12.06 29.02
N LYS A 141 23.04 -10.82 29.04
CA LYS A 141 22.62 -9.88 30.07
C LYS A 141 21.12 -9.65 30.03
N TYR A 142 20.57 -9.50 28.82
CA TYR A 142 19.15 -9.25 28.67
C TYR A 142 18.31 -10.46 29.04
N CYS A 143 18.76 -11.66 28.67
CA CYS A 143 18.00 -12.87 28.99
C CYS A 143 17.79 -12.99 30.48
N ILE A 144 18.86 -12.78 31.26
CA ILE A 144 18.77 -12.84 32.72
C ILE A 144 17.96 -11.66 33.26
N GLN A 145 18.29 -10.46 32.77
CA GLN A 145 17.53 -9.28 33.13
C GLN A 145 16.05 -9.43 32.80
N ALA A 146 15.72 -10.37 31.90
CA ALA A 146 14.34 -10.60 31.51
C ALA A 146 13.60 -11.50 32.49
N LYS A 147 14.32 -12.35 33.23
CA LYS A 147 13.68 -13.39 34.03
C LYS A 147 12.71 -12.84 35.08
N HIS A 148 12.71 -11.54 35.33
CA HIS A 148 11.76 -10.99 36.29
C HIS A 148 10.35 -11.08 35.72
N PHE A 149 10.06 -10.23 34.74
CA PHE A 149 8.74 -10.16 34.13
C PHE A 149 8.49 -11.28 33.11
N GLY A 150 9.34 -12.29 33.02
CA GLY A 150 9.22 -13.30 31.98
C GLY A 150 9.57 -12.83 30.59
N PHE A 151 9.86 -11.53 30.41
CA PHE A 151 10.15 -10.97 29.10
C PHE A 151 10.76 -9.59 29.31
N LYS A 152 11.77 -9.26 28.51
CA LYS A 152 12.42 -7.95 28.55
C LYS A 152 12.31 -7.33 27.17
N GLN A 153 11.58 -6.23 27.08
CA GLN A 153 11.38 -5.54 25.81
C GLN A 153 12.57 -4.63 25.55
N LEU A 154 13.31 -4.88 24.47
CA LEU A 154 14.38 -3.97 24.05
C LEU A 154 13.82 -2.79 23.28
N ASN A 155 13.42 -3.01 22.02
CA ASN A 155 12.69 -2.01 21.24
C ASN A 155 11.47 -2.67 20.61
N ALA A 156 10.73 -1.88 19.82
CA ALA A 156 9.42 -2.30 19.30
C ALA A 156 9.43 -3.71 18.71
N ASP A 157 10.56 -4.18 18.19
CA ASP A 157 10.62 -5.43 17.44
C ASP A 157 11.46 -6.51 18.11
N LEU A 158 11.89 -6.32 19.35
CA LEU A 158 12.86 -7.23 19.94
C LEU A 158 12.45 -7.53 21.37
N VAL A 159 12.00 -8.75 21.62
CA VAL A 159 11.75 -9.19 22.98
C VAL A 159 12.56 -10.45 23.26
N VAL A 160 12.93 -10.63 24.52
CA VAL A 160 13.68 -11.81 24.92
C VAL A 160 13.06 -12.37 26.19
N THR A 161 13.07 -13.68 26.29
CA THR A 161 12.70 -14.45 27.45
C THR A 161 13.97 -15.01 28.11
N PRO A 162 13.90 -15.46 29.37
CA PRO A 162 15.08 -16.09 30.00
C PRO A 162 15.78 -17.10 29.12
N LYS A 163 15.01 -17.89 28.37
CA LYS A 163 15.57 -19.01 27.64
C LYS A 163 15.82 -18.68 26.16
N THR A 164 15.71 -17.40 25.76
CA THR A 164 16.00 -17.02 24.37
C THR A 164 17.37 -17.53 23.96
N PHE A 165 18.37 -17.29 24.81
CA PHE A 165 19.73 -17.68 24.49
C PHE A 165 19.84 -19.19 24.34
N GLU A 166 19.26 -19.96 25.28
CA GLU A 166 19.36 -21.42 25.18
C GLU A 166 18.81 -21.90 23.84
N ILE A 167 17.73 -21.29 23.36
CA ILE A 167 17.05 -21.77 22.17
C ILE A 167 17.78 -21.34 20.91
N LEU A 168 18.15 -20.05 20.83
CA LEU A 168 18.94 -19.56 19.71
C LEU A 168 20.12 -20.47 19.46
N ILE A 169 20.75 -20.97 20.53
CA ILE A 169 21.93 -21.82 20.40
C ILE A 169 21.54 -23.28 20.19
N ARG A 170 20.52 -23.77 20.93
CA ARG A 170 20.09 -25.15 20.68
C ARG A 170 19.57 -25.32 19.26
N ASP A 171 18.94 -24.29 18.70
CA ASP A 171 18.67 -24.27 17.26
C ASP A 171 19.97 -24.41 16.45
N CYS A 172 20.88 -23.43 16.62
CA CYS A 172 22.12 -23.40 15.84
C CYS A 172 22.90 -24.69 15.98
N ALA A 173 22.88 -25.28 17.17
CA ALA A 173 23.45 -26.60 17.37
C ALA A 173 22.99 -27.57 16.29
N THR A 174 21.70 -27.95 16.34
CA THR A 174 21.22 -29.09 15.58
C THR A 174 21.53 -28.96 14.09
N THR A 175 21.35 -27.77 13.53
CA THR A 175 21.73 -27.55 12.13
C THR A 175 23.21 -27.81 11.92
N LEU A 176 24.07 -27.25 12.80
CA LEU A 176 25.51 -27.43 12.69
C LEU A 176 25.90 -28.89 12.90
N PHE A 177 25.32 -29.56 13.90
CA PHE A 177 25.66 -30.93 14.25
C PHE A 177 24.93 -31.99 13.39
N ASN A 178 24.38 -31.67 12.21
CA ASN A 178 23.68 -32.69 11.43
C ASN A 178 24.10 -32.64 9.96
N PRO A 179 24.43 -33.82 9.36
CA PRO A 179 24.95 -33.88 7.97
C PRO A 179 23.86 -34.07 6.93
N ALA A 180 22.98 -33.07 6.80
CA ALA A 180 21.92 -33.09 5.80
C ALA A 180 22.33 -32.21 4.64
N LYS A 181 22.41 -32.79 3.43
CA LYS A 181 22.83 -31.99 2.28
C LYS A 181 21.79 -30.93 1.90
N ALA A 182 20.52 -31.14 2.27
CA ALA A 182 19.44 -30.20 1.99
C ALA A 182 18.66 -29.98 3.28
N HIS A 183 18.94 -28.85 3.95
CA HIS A 183 18.40 -28.55 5.27
C HIS A 183 17.30 -27.51 5.16
N PHE A 184 16.11 -27.84 5.62
CA PHE A 184 15.02 -26.89 5.77
C PHE A 184 14.76 -26.77 7.27
N SER A 185 14.97 -25.58 7.81
CA SER A 185 14.84 -25.43 9.26
C SER A 185 13.85 -24.31 9.56
N PHE A 186 12.98 -24.58 10.53
CA PHE A 186 11.92 -23.66 10.92
C PHE A 186 12.17 -23.20 12.35
N GLY A 187 12.64 -21.96 12.48
CA GLY A 187 12.95 -21.40 13.78
C GLY A 187 12.64 -19.92 13.83
N LEU A 188 13.38 -19.17 14.67
CA LEU A 188 13.28 -17.72 14.75
C LEU A 188 14.15 -17.08 13.66
N PRO A 189 13.88 -15.85 13.27
CA PRO A 189 14.47 -15.33 12.03
C PRO A 189 15.84 -14.71 12.27
N SER A 190 16.52 -14.37 11.16
CA SER A 190 17.93 -14.04 11.24
C SER A 190 18.42 -12.94 10.30
N HIS A 191 17.82 -12.71 9.13
CA HIS A 191 18.48 -11.86 8.16
C HIS A 191 18.51 -10.37 8.55
N HIS A 192 17.88 -9.97 9.66
CA HIS A 192 18.02 -8.61 10.16
C HIS A 192 19.05 -8.49 11.26
N ALA A 193 19.37 -9.59 11.94
CA ALA A 193 20.42 -9.59 12.94
C ALA A 193 21.70 -9.01 12.35
N TYR A 194 22.28 -8.07 13.10
CA TYR A 194 23.55 -7.44 12.78
C TYR A 194 24.67 -8.11 13.59
N THR A 195 25.90 -7.96 13.10
CA THR A 195 27.06 -8.48 13.80
C THR A 195 27.19 -7.94 15.23
N GLN A 196 26.40 -6.92 15.58
CA GLN A 196 26.63 -6.11 16.77
C GLN A 196 25.37 -5.73 17.52
N MET A 197 24.19 -5.79 16.88
CA MET A 197 22.92 -5.58 17.55
C MET A 197 21.89 -6.51 16.94
N GLY A 198 20.70 -6.52 17.55
CA GLY A 198 19.56 -7.19 16.97
C GLY A 198 18.59 -6.19 16.37
N SER A 199 17.86 -6.64 15.35
CA SER A 199 16.82 -5.78 14.80
C SER A 199 15.70 -6.62 14.23
N GLY A 200 14.49 -6.05 14.25
CA GLY A 200 13.33 -6.59 13.56
C GLY A 200 13.14 -8.08 13.68
N PHE A 201 12.76 -8.54 14.88
CA PHE A 201 12.49 -9.93 15.23
C PHE A 201 13.73 -10.83 15.19
N CYS A 202 14.91 -10.32 14.86
CA CYS A 202 16.12 -11.15 14.72
C CYS A 202 17.12 -10.89 15.83
N LEU A 203 17.72 -11.96 16.36
CA LEU A 203 18.65 -11.86 17.49
C LEU A 203 20.09 -12.26 17.13
N ILE A 204 20.26 -13.31 16.32
CA ILE A 204 21.55 -13.68 15.76
C ILE A 204 21.35 -14.13 14.32
N ASN A 205 22.45 -14.20 13.58
CA ASN A 205 22.40 -14.42 12.13
C ASN A 205 22.86 -15.84 11.87
N LYS A 206 21.94 -16.78 12.12
CA LYS A 206 22.21 -18.21 11.94
C LYS A 206 22.69 -18.53 10.53
N THR A 207 22.33 -17.71 9.54
CA THR A 207 22.77 -18.00 8.19
C THR A 207 24.28 -17.79 8.05
N ALA A 208 24.79 -16.66 8.57
CA ALA A 208 26.21 -16.35 8.43
C ALA A 208 27.07 -17.39 9.16
N MET A 209 26.68 -17.75 10.38
CA MET A 209 27.39 -18.82 11.08
C MET A 209 27.40 -20.10 10.27
N LEU A 210 26.28 -20.43 9.62
CA LEU A 210 26.25 -21.64 8.81
C LEU A 210 27.24 -21.53 7.65
N MET A 211 27.41 -20.32 7.10
CA MET A 211 28.48 -20.09 6.13
C MET A 211 29.84 -20.22 6.77
N LYS A 212 29.97 -19.84 8.04
CA LYS A 212 31.27 -19.97 8.69
C LYS A 212 31.68 -21.43 8.70
N GLN A 213 30.83 -22.29 9.28
CA GLN A 213 31.15 -23.71 9.37
C GLN A 213 31.37 -24.35 8.01
N ALA A 214 31.05 -23.65 6.92
CA ALA A 214 31.32 -24.18 5.58
C ALA A 214 32.69 -23.78 5.08
N GLU A 215 33.10 -22.55 5.34
CA GLU A 215 34.47 -22.13 5.01
C GLU A 215 35.50 -22.99 5.73
N LEU A 216 35.23 -23.38 6.99
CA LEU A 216 36.19 -24.11 7.80
C LEU A 216 36.07 -25.63 7.67
N SER A 217 34.89 -26.18 7.40
CA SER A 217 34.74 -27.62 7.22
C SER A 217 35.29 -28.10 5.89
N SER A 218 35.38 -27.23 4.91
CA SER A 218 35.87 -27.58 3.59
C SER A 218 37.36 -27.31 3.50
N ALA A 219 38.03 -28.04 2.61
CA ALA A 219 39.45 -27.82 2.35
C ALA A 219 39.67 -26.48 1.67
N GLN A 220 39.03 -26.28 0.52
CA GLN A 220 39.01 -25.01 -0.18
C GLN A 220 37.62 -24.41 -0.05
N PRO A 221 37.50 -23.13 0.33
CA PRO A 221 36.19 -22.52 0.59
C PRO A 221 35.23 -22.74 -0.57
N PRO A 222 33.99 -23.12 -0.29
CA PRO A 222 33.01 -23.28 -1.37
C PRO A 222 32.58 -21.93 -1.93
N LYS A 223 32.16 -21.95 -3.19
CA LYS A 223 31.61 -20.76 -3.83
C LYS A 223 30.20 -20.53 -3.31
N PHE A 224 30.00 -19.41 -2.63
CA PHE A 224 28.76 -19.14 -1.94
C PHE A 224 27.77 -18.41 -2.83
N VAL A 225 26.49 -18.73 -2.64
CA VAL A 225 25.39 -18.10 -3.33
C VAL A 225 24.21 -18.03 -2.36
N ILE A 226 23.64 -16.85 -2.19
CA ILE A 226 22.48 -16.66 -1.34
C ILE A 226 21.35 -16.05 -2.17
N ILE A 227 20.12 -16.51 -1.94
CA ILE A 227 18.91 -15.91 -2.52
C ILE A 227 17.91 -15.75 -1.39
N GLY A 228 17.64 -14.50 -0.99
CA GLY A 228 16.73 -14.24 0.11
C GLY A 228 15.44 -13.56 -0.34
N THR A 229 14.34 -14.31 -0.37
CA THR A 229 13.12 -13.83 -1.01
C THR A 229 12.14 -13.18 -0.04
N ASP A 230 12.44 -13.18 1.27
CA ASP A 230 11.69 -12.40 2.24
C ASP A 230 11.58 -10.96 1.76
N VAL A 231 10.38 -10.38 1.87
CA VAL A 231 10.12 -9.11 1.22
C VAL A 231 10.91 -7.95 1.86
N ASN A 232 11.28 -8.06 3.14
CA ASN A 232 12.15 -7.09 3.79
C ASN A 232 13.64 -7.39 3.51
N ARG A 233 14.42 -6.32 3.35
CA ARG A 233 15.81 -6.45 2.89
C ARG A 233 16.67 -7.20 3.90
N ASP A 234 17.55 -8.06 3.39
CA ASP A 234 18.57 -8.71 4.22
C ASP A 234 19.61 -7.70 4.71
N ASN A 235 19.16 -6.62 5.36
CA ASN A 235 20.09 -5.56 5.72
C ASN A 235 21.19 -6.07 6.64
N GLY A 236 20.82 -6.87 7.65
CA GLY A 236 21.74 -7.38 8.64
C GLY A 236 22.80 -8.29 8.06
N LEU A 237 22.41 -9.51 7.70
CA LEU A 237 23.25 -10.47 6.99
C LEU A 237 24.17 -9.80 5.95
N CYS A 238 23.68 -8.73 5.31
CA CYS A 238 24.53 -8.03 4.35
C CYS A 238 25.70 -7.32 5.06
N ASP A 239 25.43 -6.61 6.14
CA ASP A 239 26.51 -5.94 6.86
C ASP A 239 27.57 -6.94 7.30
N ILE A 240 27.15 -8.09 7.83
CA ILE A 240 28.11 -9.10 8.28
C ILE A 240 28.92 -9.64 7.12
N LEU A 241 28.38 -9.63 5.89
CA LEU A 241 29.17 -10.16 4.79
C LEU A 241 30.15 -9.13 4.22
N ARG A 242 29.74 -7.87 4.13
CA ARG A 242 30.71 -6.81 3.83
C ARG A 242 31.84 -6.79 4.86
N HIS A 243 31.49 -6.84 6.15
CA HIS A 243 32.47 -6.65 7.21
C HIS A 243 33.44 -7.82 7.29
N SER A 244 32.92 -9.02 7.55
CA SER A 244 33.77 -10.11 7.98
C SER A 244 34.02 -11.18 6.93
N PHE A 245 33.32 -11.18 5.79
CA PHE A 245 33.44 -12.28 4.84
C PHE A 245 33.78 -11.83 3.42
N SER A 246 34.05 -10.54 3.20
CA SER A 246 34.22 -10.00 1.85
C SER A 246 35.26 -10.76 1.02
N HIS A 247 36.08 -11.57 1.68
CA HIS A 247 37.17 -12.28 1.03
C HIS A 247 36.72 -13.61 0.46
N LEU A 248 35.71 -14.23 1.07
CA LEU A 248 35.06 -15.39 0.48
C LEU A 248 34.34 -15.01 -0.81
N SER A 249 34.04 -16.01 -1.62
CA SER A 249 33.32 -15.79 -2.88
C SER A 249 31.83 -15.97 -2.62
N ILE A 250 31.09 -14.87 -2.62
CA ILE A 250 29.65 -14.90 -2.34
C ILE A 250 28.90 -14.13 -3.42
N CYS A 251 27.96 -14.78 -4.07
CA CYS A 251 26.98 -14.12 -4.90
C CYS A 251 25.70 -14.05 -4.07
N HIS A 252 25.26 -12.84 -3.75
CA HIS A 252 24.13 -12.62 -2.85
C HIS A 252 23.04 -11.84 -3.57
N ILE A 253 22.01 -12.55 -4.05
CA ILE A 253 20.85 -11.93 -4.69
C ILE A 253 19.79 -11.67 -3.62
N ASP A 254 19.53 -10.40 -3.36
CA ASP A 254 18.68 -9.97 -2.25
C ASP A 254 17.44 -9.33 -2.85
N VAL A 255 16.31 -10.01 -2.69
CA VAL A 255 15.03 -9.62 -3.25
C VAL A 255 14.24 -8.91 -2.15
N PHE A 256 13.83 -7.66 -2.39
CA PHE A 256 13.05 -6.92 -1.40
C PHE A 256 12.35 -5.74 -2.05
N ASP A 257 11.46 -5.13 -1.27
CA ASP A 257 10.74 -3.92 -1.67
C ASP A 257 11.24 -2.75 -0.84
N SER A 258 11.99 -1.83 -1.48
CA SER A 258 12.48 -0.61 -0.82
C SER A 258 11.37 0.29 -0.24
N ARG A 259 10.12 -0.16 -0.19
CA ARG A 259 9.00 0.65 0.25
C ARG A 259 8.45 0.25 1.60
N VAL A 260 8.66 -1.00 2.01
CA VAL A 260 8.28 -1.42 3.36
C VAL A 260 9.51 -1.37 4.23
N TYR A 261 9.47 -2.11 5.34
CA TYR A 261 10.62 -2.20 6.22
C TYR A 261 11.82 -2.80 5.48
N PRO A 262 13.01 -2.19 5.58
CA PRO A 262 13.33 -0.98 6.33
C PRO A 262 13.66 0.19 5.42
N GLN A 263 12.83 0.48 4.41
CA GLN A 263 12.87 1.72 3.65
C GLN A 263 14.22 2.00 2.99
N GLN A 264 15.12 1.01 2.88
CA GLN A 264 16.45 1.25 2.33
C GLN A 264 16.48 0.91 0.86
N ASP A 265 16.94 1.85 0.04
CA ASP A 265 17.00 1.70 -1.42
C ASP A 265 18.46 1.78 -1.88
N PHE A 266 18.65 1.96 -3.20
CA PHE A 266 19.98 1.93 -3.78
C PHE A 266 20.85 3.08 -3.25
N ALA A 267 20.27 4.26 -3.06
CA ALA A 267 21.03 5.35 -2.47
C ALA A 267 21.55 4.97 -1.10
N TYR A 268 20.73 4.25 -0.31
CA TYR A 268 21.16 3.83 1.02
C TYR A 268 22.30 2.81 0.94
N ILE A 269 22.26 1.91 -0.03
CA ILE A 269 23.35 0.96 -0.21
C ILE A 269 24.62 1.68 -0.62
N ASN A 270 24.49 2.69 -1.49
CA ASN A 270 25.67 3.45 -1.90
C ASN A 270 26.43 3.97 -0.68
N ASN A 271 25.73 4.62 0.25
CA ASN A 271 26.37 5.06 1.48
C ASN A 271 26.91 3.89 2.28
N GLU A 272 26.30 2.70 2.16
CA GLU A 272 26.77 1.54 2.92
C GLU A 272 28.10 1.01 2.38
N PHE A 273 28.20 0.80 1.07
CA PHE A 273 29.42 0.28 0.48
C PHE A 273 30.40 1.38 0.12
N ASN A 274 30.09 2.62 0.51
CA ASN A 274 30.64 3.87 -0.04
C ASN A 274 31.22 3.66 -1.44
N SER A 275 30.40 3.03 -2.29
CA SER A 275 30.60 2.91 -3.74
C SER A 275 29.25 3.09 -4.43
N GLU A 276 29.24 3.02 -5.75
CA GLU A 276 28.01 3.21 -6.52
C GLU A 276 27.69 1.95 -7.32
N GLY A 277 26.64 1.26 -6.90
CA GLY A 277 26.28 -0.01 -7.52
C GLY A 277 25.74 0.14 -8.93
N VAL A 278 26.43 -0.44 -9.90
CA VAL A 278 26.09 -0.30 -11.31
C VAL A 278 24.78 -1.02 -11.64
N ASP A 279 23.99 -0.43 -12.56
CA ASP A 279 22.73 -1.03 -13.00
C ASP A 279 23.01 -2.17 -13.95
N ILE A 280 22.56 -3.39 -13.60
CA ILE A 280 22.80 -4.58 -14.41
C ILE A 280 21.60 -4.95 -15.28
N GLY A 281 20.42 -4.45 -14.96
CA GLY A 281 19.23 -4.85 -15.69
C GLY A 281 18.01 -4.10 -15.19
N LYS A 282 16.95 -4.85 -14.86
CA LYS A 282 15.61 -4.33 -14.62
C LYS A 282 15.55 -3.40 -13.40
N ASN A 283 16.28 -2.29 -13.49
CA ASN A 283 16.59 -1.43 -12.35
C ASN A 283 16.93 -2.31 -11.16
N ILE A 284 18.07 -2.99 -11.27
CA ILE A 284 18.68 -3.74 -10.19
C ILE A 284 20.17 -3.51 -10.26
N HIS A 285 20.75 -3.05 -9.15
CA HIS A 285 22.15 -2.70 -9.09
C HIS A 285 22.95 -3.80 -8.41
N VAL A 286 24.24 -3.86 -8.73
CA VAL A 286 25.16 -4.78 -8.06
C VAL A 286 26.29 -3.97 -7.45
N TRP A 287 26.70 -4.35 -6.24
CA TRP A 287 27.90 -3.80 -5.62
C TRP A 287 28.92 -4.92 -5.49
N HIS A 288 30.20 -4.57 -5.67
CA HIS A 288 31.32 -5.46 -5.39
C HIS A 288 32.16 -4.84 -4.30
N HIS A 289 32.60 -5.68 -3.36
CA HIS A 289 33.56 -5.30 -2.32
C HIS A 289 34.48 -6.51 -2.14
N ASN A 290 35.70 -6.41 -2.69
CA ASN A 290 36.65 -7.52 -2.74
C ASN A 290 36.08 -8.73 -3.47
N ASN A 291 35.65 -9.76 -2.75
CA ASN A 291 35.14 -10.95 -3.42
C ASN A 291 33.64 -11.20 -3.21
N LEU A 292 32.90 -10.22 -2.69
CA LEU A 292 31.48 -10.34 -2.41
C LEU A 292 30.68 -9.52 -3.42
N ASN A 293 29.67 -10.14 -4.01
CA ASN A 293 28.80 -9.46 -4.97
C ASN A 293 27.39 -9.43 -4.39
N TYR A 294 26.81 -8.23 -4.33
CA TYR A 294 25.48 -8.02 -3.75
C TYR A 294 24.56 -7.43 -4.80
N TYR A 295 23.55 -8.20 -5.21
CA TYR A 295 22.53 -7.78 -6.17
C TYR A 295 21.26 -7.39 -5.43
N ALA A 296 20.74 -6.20 -5.69
CA ALA A 296 19.52 -5.71 -5.06
C ALA A 296 18.35 -5.72 -6.06
N VAL A 297 17.55 -6.80 -6.03
CA VAL A 297 16.31 -6.90 -6.81
C VAL A 297 15.19 -6.13 -6.13
N ASP A 298 14.99 -4.86 -6.49
CA ASP A 298 13.97 -4.05 -5.84
C ASP A 298 12.63 -4.27 -6.50
N LEU A 299 11.65 -4.73 -5.71
CA LEU A 299 10.35 -5.10 -6.26
C LEU A 299 9.54 -3.89 -6.75
N SER A 300 9.82 -2.68 -6.25
CA SER A 300 9.18 -1.51 -6.84
C SER A 300 9.62 -1.32 -8.29
N LEU A 301 10.93 -1.30 -8.55
CA LEU A 301 11.38 -1.05 -9.91
C LEU A 301 11.15 -2.26 -10.81
N THR A 302 11.10 -3.45 -10.24
CA THR A 302 10.88 -4.68 -11.01
C THR A 302 9.42 -5.11 -10.84
N SER A 303 8.62 -4.81 -11.85
CA SER A 303 7.22 -5.21 -11.95
C SER A 303 7.09 -6.28 -13.04
N ARG A 304 5.96 -6.97 -13.06
CA ARG A 304 5.86 -8.20 -13.84
C ARG A 304 5.14 -7.98 -15.16
N LYS A 305 5.54 -8.74 -16.17
N LYS A 305 5.53 -8.79 -16.15
CA LYS A 305 5.05 -8.57 -17.55
CA LYS A 305 5.07 -8.68 -17.54
C LYS A 305 3.90 -9.55 -17.78
C LYS A 305 3.89 -9.61 -17.73
N SER A 306 2.69 -9.09 -17.45
CA SER A 306 1.44 -9.82 -17.69
C SER A 306 1.44 -11.23 -17.13
N VAL A 307 1.87 -12.19 -17.94
CA VAL A 307 1.87 -13.60 -17.56
C VAL A 307 3.31 -14.09 -17.48
N GLY A 308 3.48 -15.20 -16.79
CA GLY A 308 4.81 -15.74 -16.57
C GLY A 308 5.31 -15.46 -15.17
N VAL A 309 6.31 -16.25 -14.76
CA VAL A 309 6.90 -16.10 -13.44
C VAL A 309 7.46 -14.69 -13.29
N HIS A 310 7.19 -14.09 -12.13
CA HIS A 310 7.68 -12.76 -11.73
C HIS A 310 9.15 -12.54 -12.10
N PRO A 311 9.49 -11.39 -12.70
CA PRO A 311 10.88 -11.19 -13.16
C PRO A 311 11.91 -11.23 -12.05
N ALA A 312 11.51 -10.95 -10.81
CA ALA A 312 12.45 -10.97 -9.69
C ALA A 312 13.05 -12.35 -9.49
N LEU A 313 12.23 -13.40 -9.48
CA LEU A 313 12.74 -14.75 -9.32
C LEU A 313 13.26 -15.35 -10.61
N LEU A 314 12.99 -14.74 -11.77
CA LEU A 314 13.63 -15.23 -12.98
C LEU A 314 15.11 -14.83 -12.98
N PHE A 315 15.40 -13.63 -12.50
CA PHE A 315 16.80 -13.22 -12.35
C PHE A 315 17.51 -14.04 -11.27
N ALA A 316 16.82 -14.30 -10.16
CA ALA A 316 17.36 -15.18 -9.13
C ALA A 316 17.83 -16.50 -9.72
N LEU A 317 17.08 -17.04 -10.69
CA LEU A 317 17.41 -18.32 -11.31
C LEU A 317 18.42 -18.20 -12.45
N GLU A 318 18.34 -17.14 -13.26
CA GLU A 318 19.41 -16.85 -14.22
C GLU A 318 20.78 -16.77 -13.54
N GLN A 319 20.84 -16.21 -12.31
CA GLN A 319 22.12 -16.04 -11.62
C GLN A 319 22.58 -17.31 -10.89
N LEU A 320 21.64 -18.13 -10.41
CA LEU A 320 21.95 -19.43 -9.88
C LEU A 320 22.13 -20.47 -10.98
N LYS A 321 21.54 -20.24 -12.16
CA LYS A 321 21.88 -21.06 -13.30
C LYS A 321 23.31 -20.80 -13.72
N GLU A 322 23.74 -19.55 -13.59
CA GLU A 322 25.10 -19.24 -14.00
C GLU A 322 26.12 -19.62 -12.94
N SER A 323 25.92 -19.19 -11.69
CA SER A 323 26.86 -19.53 -10.62
C SER A 323 27.18 -21.02 -10.59
N ILE A 324 26.23 -21.87 -10.99
CA ILE A 324 26.53 -23.31 -11.11
C ILE A 324 27.54 -23.55 -12.22
N ARG A 325 27.30 -22.97 -13.41
CA ARG A 325 28.20 -23.17 -14.55
C ARG A 325 29.60 -22.64 -14.26
N GLU A 326 29.70 -21.48 -13.59
CA GLU A 326 31.01 -20.95 -13.25
C GLU A 326 31.78 -21.94 -12.38
N ALA A 327 31.14 -22.46 -11.33
CA ALA A 327 31.80 -23.38 -10.42
C ALA A 327 32.02 -24.78 -11.00
N LYS A 328 31.23 -25.20 -12.00
CA LYS A 328 31.48 -26.47 -12.69
C LYS A 328 32.85 -26.36 -13.39
N ALA A 329 32.91 -25.53 -14.43
CA ALA A 329 34.10 -25.48 -15.28
C ALA A 329 35.35 -24.98 -14.56
N LYS A 330 35.21 -24.41 -13.35
CA LYS A 330 36.32 -24.09 -12.45
C LYS A 330 36.58 -25.19 -11.42
N GLY A 331 35.64 -26.13 -11.25
CA GLY A 331 35.83 -27.27 -10.38
C GLY A 331 35.35 -27.12 -8.95
N GLN A 332 35.24 -25.88 -8.44
CA GLN A 332 34.87 -25.66 -7.05
C GLN A 332 33.42 -26.10 -6.79
N LYS A 333 33.07 -26.19 -5.50
CA LYS A 333 31.72 -26.55 -5.10
C LYS A 333 30.92 -25.30 -4.75
N ILE A 334 29.62 -25.50 -4.51
CA ILE A 334 28.70 -24.40 -4.22
C ILE A 334 27.83 -24.77 -3.03
N ALA A 335 27.70 -23.85 -2.08
CA ALA A 335 26.73 -23.95 -1.00
C ALA A 335 25.67 -22.88 -1.22
N LEU A 336 24.40 -23.29 -1.15
CA LEU A 336 23.25 -22.51 -1.61
C LEU A 336 22.37 -22.21 -0.40
N TYR A 337 22.15 -20.93 -0.12
CA TYR A 337 21.48 -20.51 1.11
C TYR A 337 20.23 -19.72 0.76
N LEU A 338 19.09 -20.23 1.21
CA LEU A 338 17.77 -19.65 0.96
C LEU A 338 17.21 -19.13 2.28
N PRO A 339 17.49 -17.86 2.64
CA PRO A 339 16.80 -17.24 3.76
C PRO A 339 15.50 -16.64 3.26
N THR A 340 14.46 -17.48 3.33
CA THR A 340 13.20 -17.25 2.65
C THR A 340 12.14 -16.76 3.63
N GLY A 341 11.47 -15.68 3.23
CA GLY A 341 10.26 -15.24 3.89
C GLY A 341 9.10 -15.35 2.93
N TRP A 342 7.90 -15.49 3.50
CA TRP A 342 6.68 -15.54 2.73
C TRP A 342 5.89 -14.24 2.80
N ASP A 343 6.30 -13.27 3.60
CA ASP A 343 5.59 -12.00 3.56
C ASP A 343 5.71 -11.34 2.20
N SER A 344 6.58 -11.83 1.32
CA SER A 344 6.63 -11.37 -0.05
C SER A 344 5.50 -11.91 -0.92
N HIS A 345 4.59 -12.70 -0.35
CA HIS A 345 3.44 -13.18 -1.10
C HIS A 345 2.41 -12.06 -1.28
N GLU A 346 1.63 -12.14 -2.37
CA GLU A 346 0.57 -11.16 -2.56
C GLU A 346 -0.50 -11.31 -1.49
N ASP A 347 -0.64 -12.52 -0.95
CA ASP A 347 -1.65 -12.88 0.04
C ASP A 347 -1.20 -12.62 1.47
N GLU A 348 -0.15 -11.81 1.67
CA GLU A 348 0.31 -11.45 3.01
C GLU A 348 -0.50 -10.26 3.52
N THR A 349 -0.96 -10.34 4.75
CA THR A 349 -1.70 -9.26 5.37
C THR A 349 -0.91 -8.53 6.44
N ALA A 350 0.35 -8.90 6.68
CA ALA A 350 1.19 -8.27 7.69
C ALA A 350 1.63 -6.89 7.27
N TYR A 351 1.63 -5.97 8.23
CA TYR A 351 1.97 -4.57 7.98
C TYR A 351 3.35 -4.44 7.33
N CYS A 352 4.33 -5.24 7.77
CA CYS A 352 5.68 -5.06 7.29
C CYS A 352 5.88 -5.54 5.84
N GLY A 353 4.87 -6.16 5.23
CA GLY A 353 4.98 -6.54 3.84
C GLY A 353 4.02 -5.83 2.89
N LYS A 354 3.07 -5.06 3.42
CA LYS A 354 1.95 -4.57 2.63
C LYS A 354 1.60 -3.09 2.81
N PHE A 355 2.01 -2.44 3.90
CA PHE A 355 1.75 -1.01 4.07
C PHE A 355 2.80 -0.26 3.25
N VAL A 356 2.38 0.26 2.10
CA VAL A 356 3.27 0.90 1.15
C VAL A 356 2.84 2.35 0.99
N ASN A 357 3.81 3.26 1.11
CA ASN A 357 3.66 4.72 1.21
C ASN A 357 2.30 5.17 1.76
N GLY A 358 2.10 4.99 3.06
CA GLY A 358 0.99 5.60 3.76
C GLY A 358 -0.33 4.82 3.75
N ARG A 359 -0.49 3.84 2.87
CA ARG A 359 -1.74 3.05 2.85
C ARG A 359 -1.44 1.60 2.50
N MET A 360 -2.38 0.73 2.87
CA MET A 360 -2.24 -0.71 2.64
C MET A 360 -2.42 -1.01 1.15
N MET A 361 -1.39 -1.59 0.55
CA MET A 361 -1.42 -1.97 -0.85
C MET A 361 -2.59 -2.92 -1.13
N GLY A 362 -3.16 -2.80 -2.33
CA GLY A 362 -4.37 -3.51 -2.72
C GLY A 362 -4.14 -4.56 -3.79
N LYS A 363 -5.20 -5.35 -4.02
CA LYS A 363 -5.10 -6.58 -4.81
C LYS A 363 -4.56 -6.33 -6.23
N THR A 364 -4.77 -5.15 -6.81
CA THR A 364 -4.19 -4.90 -8.12
C THR A 364 -2.69 -4.74 -8.02
N ALA A 365 -2.25 -3.82 -7.17
CA ALA A 365 -0.82 -3.60 -6.98
C ALA A 365 -0.15 -4.85 -6.40
N ALA A 366 -0.81 -5.52 -5.46
CA ALA A 366 -0.23 -6.71 -4.83
C ALA A 366 0.12 -7.78 -5.85
N HIS A 367 -0.65 -7.92 -6.92
CA HIS A 367 -0.29 -8.93 -7.91
C HIS A 367 0.82 -8.48 -8.84
N GLN A 368 1.06 -7.18 -8.95
CA GLN A 368 2.11 -6.69 -9.81
C GLN A 368 3.46 -6.57 -9.11
N PHE A 369 3.50 -6.63 -7.76
CA PHE A 369 4.71 -6.42 -6.97
C PHE A 369 5.09 -7.60 -6.08
N ARG A 370 4.16 -8.48 -5.75
CA ARG A 370 4.42 -9.63 -4.89
C ARG A 370 4.35 -10.93 -5.70
N PHE A 371 4.35 -12.05 -4.99
CA PHE A 371 4.47 -13.36 -5.61
C PHE A 371 3.21 -14.17 -5.32
N ASN A 372 2.91 -15.11 -6.23
CA ASN A 372 1.79 -16.02 -6.04
C ASN A 372 2.29 -17.44 -6.19
N ASP A 373 1.49 -18.39 -5.69
CA ASP A 373 1.87 -19.80 -5.68
C ASP A 373 2.41 -20.25 -7.03
N GLY A 374 1.97 -19.61 -8.11
CA GLY A 374 2.53 -19.89 -9.41
C GLY A 374 4.01 -19.62 -9.45
N ASP A 375 4.41 -18.41 -9.05
CA ASP A 375 5.82 -18.05 -8.98
C ASP A 375 6.59 -18.98 -8.06
N LEU A 376 6.13 -19.11 -6.82
CA LEU A 376 6.90 -19.86 -5.81
C LEU A 376 7.11 -21.30 -6.24
N GLY A 377 6.02 -21.99 -6.57
CA GLY A 377 6.11 -23.39 -6.99
C GLY A 377 7.07 -23.59 -8.14
N TYR A 378 7.14 -22.63 -9.07
CA TYR A 378 8.12 -22.75 -10.14
C TYR A 378 9.52 -22.63 -9.59
N PHE A 379 9.77 -21.57 -8.79
CA PHE A 379 11.08 -21.32 -8.18
C PHE A 379 11.60 -22.57 -7.47
N TYR A 380 10.89 -23.01 -6.43
CA TYR A 380 11.34 -24.18 -5.67
C TYR A 380 11.57 -25.37 -6.58
N GLU A 381 10.67 -25.61 -7.54
CA GLU A 381 10.84 -26.74 -8.45
C GLU A 381 12.10 -26.59 -9.31
N SER A 382 12.39 -25.36 -9.73
CA SER A 382 13.59 -25.14 -10.54
C SER A 382 14.86 -25.30 -9.71
N ILE A 383 14.88 -24.70 -8.51
CA ILE A 383 16.03 -24.79 -7.60
C ILE A 383 16.44 -26.25 -7.42
N PHE A 384 15.48 -27.09 -7.03
CA PHE A 384 15.80 -28.49 -6.76
C PHE A 384 16.20 -29.24 -8.02
N THR A 385 15.66 -28.85 -9.17
CA THR A 385 16.10 -29.44 -10.44
C THR A 385 17.58 -29.12 -10.70
N LEU A 386 17.98 -27.84 -10.62
CA LEU A 386 19.41 -27.51 -10.73
C LEU A 386 20.26 -28.33 -9.76
N TYR A 387 19.77 -28.51 -8.53
CA TYR A 387 20.47 -29.33 -7.55
C TYR A 387 20.59 -30.76 -8.05
N ASN A 388 19.45 -31.43 -8.24
CA ASN A 388 19.45 -32.83 -8.64
C ASN A 388 20.29 -33.08 -9.89
N GLU A 389 20.24 -32.15 -10.86
CA GLU A 389 21.02 -32.30 -12.08
C GLU A 389 22.48 -31.91 -11.90
N ASN A 390 22.85 -31.30 -10.77
CA ASN A 390 24.23 -30.90 -10.56
C ASN A 390 24.68 -31.16 -9.12
N LYS A 391 24.37 -32.38 -8.62
CA LYS A 391 24.87 -32.79 -7.31
C LYS A 391 26.39 -32.95 -7.29
N ASP A 392 27.05 -32.90 -8.45
CA ASP A 392 28.51 -32.87 -8.51
C ASP A 392 29.08 -31.49 -8.25
N CYS A 393 28.28 -30.43 -8.40
CA CYS A 393 28.73 -29.06 -8.23
C CYS A 393 28.02 -28.37 -7.07
N VAL A 394 26.68 -28.30 -7.10
CA VAL A 394 25.94 -27.85 -5.94
C VAL A 394 26.20 -28.80 -4.78
N ASP A 395 26.63 -28.25 -3.65
CA ASP A 395 26.90 -29.14 -2.54
C ASP A 395 25.75 -29.17 -1.54
N THR A 396 25.70 -28.22 -0.62
CA THR A 396 24.62 -28.18 0.36
C THR A 396 23.57 -27.16 -0.06
N ILE A 397 22.33 -27.41 0.38
CA ILE A 397 21.24 -26.45 0.32
C ILE A 397 20.76 -26.21 1.76
N TYR A 398 20.64 -24.95 2.15
CA TYR A 398 20.05 -24.62 3.44
C TYR A 398 18.98 -23.57 3.21
N TRP A 399 17.75 -23.93 3.56
CA TRP A 399 16.58 -23.06 3.52
C TRP A 399 16.21 -22.77 4.97
N GLY A 400 15.96 -21.50 5.27
CA GLY A 400 15.67 -21.08 6.63
C GLY A 400 14.56 -20.04 6.66
N LEU A 401 13.63 -20.25 7.59
CA LEU A 401 12.39 -19.46 7.67
C LEU A 401 12.63 -18.04 8.18
N GLU A 402 12.30 -17.03 7.37
CA GLU A 402 12.44 -15.65 7.78
C GLU A 402 11.08 -15.08 8.05
N GLY A 403 10.44 -14.35 7.12
CA GLY A 403 9.12 -13.80 7.30
C GLY A 403 8.00 -14.66 6.70
N GLY A 404 6.81 -14.05 6.60
CA GLY A 404 5.56 -14.73 6.26
C GLY A 404 4.68 -14.91 7.48
N TYR A 405 3.66 -14.05 7.64
CA TYR A 405 2.98 -13.88 8.92
C TYR A 405 1.48 -14.25 8.95
N ASP A 406 0.74 -14.14 7.87
CA ASP A 406 -0.70 -14.44 7.90
C ASP A 406 -0.94 -15.96 7.95
N ARG A 407 -1.77 -16.41 8.91
CA ARG A 407 -1.85 -17.84 9.23
C ARG A 407 -2.32 -18.68 8.04
N THR A 408 -3.43 -18.30 7.40
CA THR A 408 -3.91 -19.14 6.31
C THR A 408 -3.04 -19.02 5.08
N MET A 409 -2.34 -17.89 4.90
CA MET A 409 -1.39 -17.79 3.79
C MET A 409 -0.19 -18.72 4.02
N TYR A 410 0.51 -18.55 5.15
CA TYR A 410 1.72 -19.35 5.31
C TYR A 410 1.43 -20.84 5.46
N GLU A 411 0.22 -21.23 5.90
CA GLU A 411 -0.04 -22.66 5.95
C GLU A 411 -0.18 -23.22 4.53
N ARG A 412 -0.76 -22.44 3.61
CA ARG A 412 -0.84 -22.91 2.24
C ARG A 412 0.52 -22.92 1.57
N GLU A 413 1.31 -21.86 1.76
CA GLU A 413 2.63 -21.84 1.12
C GLU A 413 3.49 -22.98 1.62
N LEU A 414 3.37 -23.33 2.92
CA LEU A 414 4.15 -24.43 3.46
C LEU A 414 3.80 -25.76 2.80
N LYS A 415 2.48 -26.02 2.64
CA LYS A 415 2.02 -27.23 1.99
C LYS A 415 2.60 -27.35 0.59
N ILE A 416 2.63 -26.22 -0.15
CA ILE A 416 3.38 -26.18 -1.41
C ILE A 416 4.82 -26.62 -1.18
N LEU A 417 5.52 -25.92 -0.27
CA LEU A 417 6.93 -26.20 -0.02
C LEU A 417 7.16 -27.66 0.35
N LEU A 418 6.33 -28.22 1.25
CA LEU A 418 6.52 -29.61 1.65
C LEU A 418 6.29 -30.57 0.48
N GLN A 419 5.33 -30.23 -0.41
CA GLN A 419 5.01 -31.10 -1.54
C GLN A 419 6.13 -31.12 -2.57
N VAL A 420 6.73 -29.97 -2.89
CA VAL A 420 7.88 -29.95 -3.80
C VAL A 420 9.08 -30.71 -3.22
N ILE A 421 9.28 -30.66 -1.89
CA ILE A 421 10.35 -31.44 -1.28
C ILE A 421 10.04 -32.93 -1.35
N GLU A 422 8.82 -33.31 -0.95
CA GLU A 422 8.41 -34.71 -1.00
C GLU A 422 8.62 -35.30 -2.39
N LYS A 423 8.63 -34.47 -3.43
CA LYS A 423 8.72 -34.95 -4.79
C LYS A 423 10.15 -34.95 -5.30
N GLN A 424 10.88 -33.85 -5.09
CA GLN A 424 12.22 -33.72 -5.63
C GLN A 424 13.32 -34.29 -4.71
N LEU A 425 13.27 -33.99 -3.41
CA LEU A 425 14.42 -34.24 -2.54
C LEU A 425 14.25 -35.43 -1.62
N LEU A 426 13.22 -36.25 -1.83
CA LEU A 426 13.05 -37.41 -1.00
C LEU A 426 12.96 -38.66 -1.86
N PRO A 427 13.56 -39.77 -1.43
CA PRO A 427 13.36 -41.02 -2.16
C PRO A 427 11.91 -41.47 -2.03
N LYS A 428 11.38 -42.02 -3.12
CA LYS A 428 9.94 -42.19 -3.23
C LYS A 428 9.49 -43.49 -2.56
N ASP A 429 8.27 -43.46 -2.03
CA ASP A 429 7.67 -44.64 -1.41
C ASP A 429 6.43 -45.14 -2.19
N GLU B 38 -12.35 14.46 -12.81
CA GLU B 38 -13.68 14.97 -12.50
C GLU B 38 -13.90 15.04 -10.97
N GLU B 39 -12.96 14.53 -10.18
CA GLU B 39 -13.14 14.51 -8.73
C GLU B 39 -13.14 15.92 -8.14
N CYS B 40 -12.26 16.80 -8.62
CA CYS B 40 -12.21 18.16 -8.11
C CYS B 40 -12.08 19.16 -9.26
N ALA B 41 -12.56 20.39 -9.02
CA ALA B 41 -12.43 21.45 -10.01
C ALA B 41 -12.37 22.81 -9.32
N ILE B 42 -11.69 23.76 -9.97
CA ILE B 42 -11.66 25.16 -9.56
C ILE B 42 -11.96 26.01 -10.79
N GLN B 43 -13.04 26.80 -10.72
CA GLN B 43 -13.64 27.48 -11.86
C GLN B 43 -13.35 28.97 -11.80
N ILE B 44 -12.76 29.51 -12.87
CA ILE B 44 -12.49 30.95 -12.98
C ILE B 44 -13.13 31.48 -14.26
N PRO B 45 -13.59 32.73 -14.27
CA PRO B 45 -14.16 33.27 -15.50
C PRO B 45 -13.08 33.42 -16.54
N SER B 46 -13.43 33.08 -17.78
CA SER B 46 -12.53 33.24 -18.92
C SER B 46 -12.13 34.69 -19.11
N GLU B 47 -11.22 34.92 -20.06
CA GLU B 47 -10.66 36.25 -20.19
C GLU B 47 -11.67 37.23 -20.79
N ILE B 48 -12.39 36.82 -21.84
CA ILE B 48 -13.52 37.60 -22.35
C ILE B 48 -14.53 37.87 -21.24
N ASP B 49 -14.96 36.83 -20.53
CA ASP B 49 -15.90 37.00 -19.43
C ASP B 49 -15.42 38.02 -18.39
N ASN B 50 -14.25 37.77 -17.75
CA ASN B 50 -13.70 38.72 -16.79
C ASN B 50 -13.59 40.12 -17.40
N GLU B 51 -13.08 40.21 -18.64
CA GLU B 51 -12.99 41.51 -19.31
C GLU B 51 -14.32 42.26 -19.28
N GLN B 52 -15.43 41.58 -19.57
CA GLN B 52 -16.74 42.23 -19.60
C GLN B 52 -17.26 42.60 -18.21
N MET B 53 -16.37 42.73 -17.22
CA MET B 53 -16.80 42.94 -15.85
C MET B 53 -16.35 44.28 -15.28
N GLN B 54 -15.93 45.21 -16.13
CA GLN B 54 -15.51 46.52 -15.66
C GLN B 54 -16.70 47.32 -15.13
N ARG B 55 -16.41 48.28 -14.25
CA ARG B 55 -17.39 49.21 -13.69
C ARG B 55 -18.40 48.53 -12.77
N MET B 56 -18.41 47.21 -12.73
CA MET B 56 -19.26 46.52 -11.77
C MET B 56 -18.74 46.74 -10.36
N PRO B 57 -19.59 47.21 -9.44
CA PRO B 57 -19.08 47.71 -8.16
C PRO B 57 -18.66 46.58 -7.22
N ALA B 58 -17.77 46.94 -6.28
CA ALA B 58 -17.31 46.01 -5.27
C ALA B 58 -17.08 46.78 -3.97
N GLY B 59 -16.91 46.03 -2.87
CA GLY B 59 -16.76 46.66 -1.58
C GLY B 59 -15.48 47.45 -1.44
N GLY B 60 -14.43 47.04 -2.14
CA GLY B 60 -13.16 47.74 -2.11
C GLY B 60 -13.08 48.77 -3.21
N GLU B 61 -11.91 49.41 -3.29
CA GLU B 61 -11.68 50.49 -4.26
C GLU B 61 -11.36 49.96 -5.66
N GLU B 62 -11.64 48.69 -5.93
CA GLU B 62 -11.57 48.11 -7.27
C GLU B 62 -12.96 47.92 -7.85
N ASP B 63 -13.00 47.73 -9.17
CA ASP B 63 -14.18 47.14 -9.78
C ASP B 63 -14.05 45.63 -9.73
N GLN B 64 -15.17 44.94 -9.88
CA GLN B 64 -15.14 43.48 -9.85
C GLN B 64 -14.22 42.90 -10.92
N TYR B 65 -13.87 43.68 -11.95
CA TYR B 65 -13.00 43.15 -13.00
C TYR B 65 -11.60 42.90 -12.47
N LEU B 66 -10.95 43.92 -11.91
CA LEU B 66 -9.63 43.74 -11.28
C LEU B 66 -9.68 42.68 -10.19
N ARG B 67 -10.60 42.85 -9.23
CA ARG B 67 -10.73 41.93 -8.10
C ARG B 67 -10.84 40.47 -8.53
N ILE B 68 -11.50 40.20 -9.65
CA ILE B 68 -11.58 38.82 -10.12
C ILE B 68 -10.33 38.44 -10.86
N LYS B 69 -9.85 39.35 -11.73
CA LYS B 69 -8.65 39.13 -12.53
C LYS B 69 -7.45 38.80 -11.66
N HIS B 70 -7.34 39.49 -10.51
CA HIS B 70 -6.20 39.27 -9.63
C HIS B 70 -6.23 37.86 -9.03
N MET B 71 -7.36 37.46 -8.43
CA MET B 71 -7.39 36.11 -7.90
C MET B 71 -7.35 35.07 -9.02
N SER B 72 -7.51 35.48 -10.27
CA SER B 72 -7.49 34.53 -11.37
C SER B 72 -6.07 34.19 -11.79
N ALA B 73 -5.23 35.22 -11.98
CA ALA B 73 -3.82 34.95 -12.26
C ALA B 73 -3.13 34.24 -11.10
N LEU B 74 -3.54 34.53 -9.86
CA LEU B 74 -3.01 33.80 -8.71
C LEU B 74 -3.32 32.31 -8.82
N ILE B 75 -4.59 31.97 -9.12
CA ILE B 75 -5.01 30.57 -9.24
C ILE B 75 -4.34 29.90 -10.43
N LYS B 76 -4.15 30.63 -11.52
CA LYS B 76 -3.49 30.08 -12.69
C LYS B 76 -2.03 29.79 -12.38
N LYS B 77 -1.34 30.77 -11.78
CA LYS B 77 0.09 30.65 -11.49
C LYS B 77 0.37 29.53 -10.51
N TYR B 78 -0.42 29.43 -9.45
CA TYR B 78 -0.29 28.33 -8.50
C TYR B 78 -0.34 26.98 -9.22
N GLY B 79 0.54 26.07 -8.81
CA GLY B 79 0.63 24.66 -9.18
C GLY B 79 -0.17 24.02 -10.31
N ASP B 80 -0.60 22.76 -10.14
CA ASP B 80 -1.38 22.11 -11.20
C ASP B 80 -2.74 21.77 -10.58
N LEU B 81 -3.60 22.79 -10.39
CA LEU B 81 -4.93 22.53 -9.82
C LEU B 81 -5.95 22.32 -10.92
N PRO B 82 -6.95 21.50 -10.68
CA PRO B 82 -7.93 21.23 -11.73
C PRO B 82 -8.72 22.48 -12.05
N VAL B 83 -8.24 23.26 -13.03
CA VAL B 83 -8.87 24.52 -13.40
C VAL B 83 -9.75 24.31 -14.62
N ILE B 84 -11.02 24.71 -14.49
CA ILE B 84 -11.98 24.76 -15.60
C ILE B 84 -12.33 26.23 -15.82
N THR B 85 -12.53 26.59 -17.07
CA THR B 85 -12.90 27.96 -17.38
C THR B 85 -14.22 28.03 -18.14
N THR B 86 -14.94 29.14 -17.97
CA THR B 86 -16.20 29.36 -18.69
C THR B 86 -16.02 29.56 -20.19
N GLN B 87 -14.79 29.46 -20.71
CA GLN B 87 -14.63 29.46 -22.16
C GLN B 87 -14.86 28.06 -22.73
N GLU B 88 -14.51 27.01 -21.97
CA GLU B 88 -14.57 25.66 -22.52
C GLU B 88 -16.00 25.20 -22.79
N THR B 89 -16.99 25.64 -22.00
CA THR B 89 -18.36 25.11 -22.09
C THR B 89 -19.15 25.85 -23.16
N ARG B 90 -19.29 25.26 -24.34
CA ARG B 90 -20.18 25.85 -25.32
C ARG B 90 -21.62 25.54 -24.92
N LEU B 91 -22.48 26.54 -25.02
CA LEU B 91 -23.87 26.47 -24.61
C LEU B 91 -24.78 25.95 -25.75
N PRO B 92 -25.96 25.39 -25.42
CA PRO B 92 -26.92 25.00 -26.45
C PRO B 92 -27.28 26.16 -27.37
N TYR B 93 -27.58 25.79 -28.62
CA TYR B 93 -27.89 26.73 -29.71
C TYR B 93 -28.72 27.93 -29.25
N TYR B 94 -29.93 27.68 -28.72
CA TYR B 94 -30.85 28.77 -28.42
C TYR B 94 -30.29 29.76 -27.41
N TRP B 95 -29.58 29.27 -26.38
CA TRP B 95 -28.96 30.21 -25.44
C TRP B 95 -28.04 31.19 -26.17
N LEU B 96 -27.36 30.72 -27.23
CA LEU B 96 -26.48 31.62 -27.97
C LEU B 96 -27.27 32.68 -28.74
N ASP B 97 -28.45 32.32 -29.28
CA ASP B 97 -29.29 33.31 -30.00
C ASP B 97 -29.96 34.30 -29.04
N LEU B 98 -30.36 33.85 -27.86
CA LEU B 98 -30.70 34.80 -26.81
C LEU B 98 -29.54 35.76 -26.58
N PHE B 99 -28.35 35.22 -26.24
CA PHE B 99 -27.13 36.04 -26.20
C PHE B 99 -26.98 36.86 -27.47
N ALA B 100 -27.07 36.20 -28.63
CA ALA B 100 -26.96 36.90 -29.90
C ALA B 100 -27.93 38.08 -29.95
N ALA B 101 -29.21 37.83 -29.62
CA ALA B 101 -30.22 38.89 -29.65
C ALA B 101 -29.85 40.05 -28.72
N ILE B 102 -29.38 39.75 -27.51
CA ILE B 102 -28.98 40.83 -26.61
C ILE B 102 -27.80 41.59 -27.18
N ASP B 103 -27.03 40.97 -28.08
CA ASP B 103 -25.83 41.62 -28.58
C ASP B 103 -26.12 42.81 -29.49
N GLU B 104 -27.19 42.76 -30.31
CA GLU B 104 -27.46 43.91 -31.19
C GLU B 104 -28.72 44.70 -30.83
N GLY B 105 -29.32 44.47 -29.67
CA GLY B 105 -30.16 45.49 -29.07
C GLY B 105 -31.66 45.33 -29.23
N ASP B 106 -32.11 44.37 -30.03
CA ASP B 106 -33.54 44.11 -30.15
C ASP B 106 -34.09 43.51 -28.85
N THR B 107 -34.59 44.37 -27.96
CA THR B 107 -35.12 43.89 -26.69
C THR B 107 -36.28 42.92 -26.86
N PRO B 108 -37.29 43.16 -27.74
CA PRO B 108 -38.40 42.19 -27.85
C PRO B 108 -37.99 40.95 -28.62
N LYS B 109 -37.03 41.08 -29.54
CA LYS B 109 -36.40 39.89 -30.10
C LYS B 109 -35.79 39.04 -28.99
N ALA B 110 -35.24 39.69 -27.96
CA ALA B 110 -34.68 38.93 -26.85
C ALA B 110 -35.78 38.47 -25.91
N HIS B 111 -36.63 39.41 -25.49
CA HIS B 111 -37.71 39.07 -24.56
C HIS B 111 -38.44 37.82 -25.02
N ALA B 112 -38.85 37.81 -26.30
CA ALA B 112 -39.54 36.66 -26.90
C ALA B 112 -38.68 35.41 -26.89
N LEU B 113 -37.39 35.57 -27.24
CA LEU B 113 -36.49 34.42 -27.29
C LEU B 113 -36.35 33.76 -25.93
N PHE B 114 -36.05 34.55 -24.90
CA PHE B 114 -36.00 34.03 -23.54
C PHE B 114 -37.29 33.27 -23.22
N HIS B 115 -38.44 33.92 -23.42
CA HIS B 115 -39.73 33.31 -23.11
C HIS B 115 -39.85 31.94 -23.76
N LEU B 116 -39.46 31.84 -25.03
CA LEU B 116 -39.58 30.63 -25.82
C LEU B 116 -38.49 29.60 -25.54
N LEU B 117 -37.55 29.86 -24.64
CA LEU B 117 -36.55 28.84 -24.33
C LEU B 117 -37.21 27.64 -23.66
N PRO B 118 -36.73 26.43 -23.96
CA PRO B 118 -37.43 25.23 -23.47
C PRO B 118 -37.48 25.17 -21.97
N GLN B 119 -38.67 24.88 -21.44
CA GLN B 119 -38.83 24.77 -19.99
C GLN B 119 -37.99 23.64 -19.40
N ASP B 120 -37.30 22.85 -20.23
CA ASP B 120 -36.54 21.70 -19.78
C ASP B 120 -35.07 22.00 -19.59
N ASP B 121 -34.46 22.78 -20.51
CA ASP B 121 -33.04 23.15 -20.48
C ASP B 121 -32.52 23.26 -19.05
N ILE B 122 -31.39 22.59 -18.80
CA ILE B 122 -30.84 22.44 -17.45
C ILE B 122 -30.73 23.79 -16.75
N ILE B 123 -30.08 24.76 -17.41
CA ILE B 123 -30.00 26.14 -16.92
C ILE B 123 -31.37 26.68 -16.56
N LEU B 124 -32.22 26.89 -17.58
CA LEU B 124 -33.41 27.71 -17.40
C LEU B 124 -34.28 27.17 -16.26
N ARG B 125 -34.56 25.86 -16.28
CA ARG B 125 -35.44 25.30 -15.26
C ARG B 125 -34.94 25.60 -13.85
N ALA B 126 -33.64 25.88 -13.68
CA ALA B 126 -33.10 26.35 -12.41
C ALA B 126 -33.12 27.88 -12.30
N LEU B 127 -32.62 28.55 -13.33
CA LEU B 127 -32.69 30.01 -13.44
C LEU B 127 -34.08 30.51 -13.06
N ARG B 128 -35.12 29.84 -13.56
CA ARG B 128 -36.50 30.25 -13.41
C ARG B 128 -37.17 29.75 -12.14
N ALA B 129 -36.59 28.75 -11.47
CA ALA B 129 -37.08 28.33 -10.17
C ALA B 129 -36.54 29.18 -9.02
N VAL B 130 -35.55 30.05 -9.24
CA VAL B 130 -35.20 30.99 -8.19
C VAL B 130 -35.48 32.44 -8.56
N HIS B 131 -35.56 32.81 -9.83
CA HIS B 131 -35.95 34.18 -10.20
C HIS B 131 -37.21 34.21 -11.05
N SER B 132 -38.00 35.27 -10.85
CA SER B 132 -39.29 35.45 -11.54
C SER B 132 -39.09 36.01 -12.94
N GLU B 133 -39.96 35.57 -13.86
CA GLU B 133 -39.99 36.12 -15.21
C GLU B 133 -39.78 37.62 -15.22
N ASP B 134 -40.56 38.35 -14.41
CA ASP B 134 -40.51 39.81 -14.43
C ASP B 134 -39.10 40.31 -14.19
N TYR B 135 -38.40 39.72 -13.21
CA TYR B 135 -37.03 40.12 -12.93
C TYR B 135 -36.14 39.85 -14.14
N LEU B 136 -36.04 38.59 -14.57
CA LEU B 136 -35.20 38.26 -15.72
C LEU B 136 -35.60 39.09 -16.93
N TYR B 137 -36.91 39.27 -17.15
CA TYR B 137 -37.39 40.14 -18.22
C TYR B 137 -36.81 41.55 -18.08
N GLN B 138 -36.87 42.12 -16.88
CA GLN B 138 -36.31 43.45 -16.69
C GLN B 138 -34.78 43.45 -16.71
N LEU B 139 -34.16 42.31 -16.40
CA LEU B 139 -32.70 42.23 -16.40
C LEU B 139 -32.16 42.34 -17.83
N ILE B 140 -32.66 41.49 -18.73
CA ILE B 140 -32.29 41.56 -20.14
C ILE B 140 -32.64 42.92 -20.71
N LYS B 141 -33.62 43.60 -20.12
CA LYS B 141 -33.89 44.98 -20.50
C LYS B 141 -32.72 45.87 -20.13
N TYR B 142 -32.25 45.74 -18.87
CA TYR B 142 -31.17 46.59 -18.37
C TYR B 142 -29.88 46.36 -19.11
N CYS B 143 -29.65 45.13 -19.58
CA CYS B 143 -28.43 44.84 -20.32
C CYS B 143 -28.40 45.59 -21.65
N ILE B 144 -29.52 45.60 -22.36
CA ILE B 144 -29.58 46.25 -23.65
C ILE B 144 -29.62 47.77 -23.48
N GLN B 145 -30.28 48.27 -22.43
CA GLN B 145 -30.15 49.69 -22.11
C GLN B 145 -28.70 50.10 -21.89
N ALA B 146 -27.84 49.15 -21.49
CA ALA B 146 -26.45 49.46 -21.17
C ALA B 146 -25.59 49.71 -22.40
N LYS B 147 -25.98 49.17 -23.57
CA LYS B 147 -25.12 49.16 -24.74
C LYS B 147 -24.81 50.56 -25.27
N HIS B 148 -25.56 51.57 -24.83
CA HIS B 148 -25.26 52.94 -25.26
C HIS B 148 -24.00 53.46 -24.58
N PHE B 149 -23.87 53.25 -23.27
CA PHE B 149 -22.72 53.73 -22.55
C PHE B 149 -21.75 52.61 -22.16
N GLY B 150 -22.07 51.36 -22.47
CA GLY B 150 -21.32 50.23 -21.97
C GLY B 150 -21.64 49.81 -20.55
N PHE B 151 -22.17 50.72 -19.74
CA PHE B 151 -22.56 50.40 -18.37
C PHE B 151 -23.86 51.11 -18.05
N LYS B 152 -24.55 50.63 -17.00
CA LYS B 152 -25.91 51.08 -16.71
C LYS B 152 -26.21 50.74 -15.25
N GLN B 153 -26.23 51.76 -14.40
CA GLN B 153 -26.34 51.56 -12.97
C GLN B 153 -27.81 51.44 -12.56
N LEU B 154 -28.08 50.55 -11.62
CA LEU B 154 -29.43 50.45 -11.03
C LEU B 154 -29.48 51.17 -9.69
N ASN B 155 -28.75 50.64 -8.72
CA ASN B 155 -28.52 51.19 -7.39
C ASN B 155 -27.03 51.48 -7.24
N ALA B 156 -26.67 52.05 -6.08
CA ALA B 156 -25.25 52.28 -5.80
C ALA B 156 -24.45 50.99 -5.88
N ASP B 157 -25.09 49.85 -5.60
CA ASP B 157 -24.42 48.57 -5.47
C ASP B 157 -24.81 47.62 -6.59
N LEU B 158 -25.19 48.17 -7.75
CA LEU B 158 -25.73 47.35 -8.84
C LEU B 158 -25.41 48.04 -10.15
N VAL B 159 -24.62 47.40 -11.00
CA VAL B 159 -24.33 47.90 -12.33
C VAL B 159 -24.43 46.75 -13.32
N VAL B 160 -24.78 47.05 -14.56
CA VAL B 160 -24.79 46.02 -15.60
C VAL B 160 -24.01 46.52 -16.81
N THR B 161 -23.63 45.57 -17.64
CA THR B 161 -22.95 45.78 -18.91
C THR B 161 -23.61 44.88 -19.95
N PRO B 162 -23.53 45.24 -21.23
CA PRO B 162 -24.17 44.43 -22.28
C PRO B 162 -24.02 42.93 -22.13
N LYS B 163 -22.87 42.43 -21.71
CA LYS B 163 -22.65 41.00 -21.61
C LYS B 163 -22.85 40.44 -20.20
N THR B 164 -23.31 41.24 -19.25
CA THR B 164 -23.57 40.75 -17.89
C THR B 164 -24.38 39.47 -17.90
N PHE B 165 -25.49 39.48 -18.65
CA PHE B 165 -26.39 38.34 -18.68
C PHE B 165 -25.70 37.13 -19.29
N GLU B 166 -25.00 37.30 -20.41
CA GLU B 166 -24.27 36.18 -21.01
C GLU B 166 -23.18 35.69 -20.08
N ILE B 167 -22.44 36.63 -19.49
CA ILE B 167 -21.39 36.28 -18.53
C ILE B 167 -21.98 35.52 -17.36
N LEU B 168 -23.03 36.06 -16.74
CA LEU B 168 -23.66 35.40 -15.60
C LEU B 168 -24.20 34.02 -15.98
N ILE B 169 -24.76 33.88 -17.18
CA ILE B 169 -25.33 32.61 -17.59
C ILE B 169 -24.22 31.60 -17.87
N ARG B 170 -23.17 32.03 -18.59
CA ARG B 170 -22.05 31.12 -18.86
C ARG B 170 -21.42 30.63 -17.57
N ASP B 171 -21.42 31.46 -16.52
CA ASP B 171 -20.97 31.01 -15.21
C ASP B 171 -21.82 29.84 -14.71
N CYS B 172 -23.15 30.06 -14.58
CA CYS B 172 -24.05 29.01 -14.07
C CYS B 172 -23.98 27.76 -14.93
N ALA B 173 -23.73 27.91 -16.22
CA ALA B 173 -23.64 26.75 -17.10
C ALA B 173 -22.42 25.90 -16.74
N THR B 174 -21.25 26.53 -16.67
CA THR B 174 -19.98 25.82 -16.46
C THR B 174 -20.01 24.95 -15.19
N THR B 175 -20.51 25.50 -14.09
CA THR B 175 -20.74 24.67 -12.90
C THR B 175 -21.70 23.53 -13.20
N LEU B 176 -22.73 23.80 -14.00
CA LEU B 176 -23.82 22.85 -14.22
C LEU B 176 -23.51 21.79 -15.29
N PHE B 177 -22.63 22.10 -16.24
CA PHE B 177 -22.18 21.12 -17.24
C PHE B 177 -20.82 20.51 -16.88
N ASN B 178 -20.59 20.27 -15.58
N ASN B 178 -20.58 20.25 -15.59
CA ASN B 178 -19.38 19.61 -15.16
CA ASN B 178 -19.32 19.63 -15.16
C ASN B 178 -19.72 18.73 -13.96
C ASN B 178 -19.54 18.77 -13.91
N PRO B 179 -19.34 17.44 -13.99
CA PRO B 179 -19.54 16.55 -12.83
C PRO B 179 -18.31 16.51 -11.92
N ALA B 180 -18.08 17.61 -11.19
CA ALA B 180 -17.00 17.69 -10.20
C ALA B 180 -17.59 17.64 -8.80
N LYS B 181 -17.15 16.65 -8.02
CA LYS B 181 -17.73 16.38 -6.71
C LYS B 181 -17.42 17.44 -5.66
N ALA B 182 -16.47 18.33 -5.93
CA ALA B 182 -16.07 19.37 -4.98
C ALA B 182 -15.69 20.59 -5.80
N HIS B 183 -16.52 21.64 -5.74
CA HIS B 183 -16.53 22.70 -6.74
C HIS B 183 -16.22 24.04 -6.08
N PHE B 184 -15.07 24.61 -6.42
CA PHE B 184 -14.69 25.95 -5.97
C PHE B 184 -14.74 26.86 -7.19
N SER B 185 -15.70 27.78 -7.23
CA SER B 185 -15.85 28.68 -8.37
C SER B 185 -15.72 30.14 -7.94
N PHE B 186 -15.10 30.94 -8.80
CA PHE B 186 -14.78 32.33 -8.51
C PHE B 186 -15.41 33.25 -9.56
N GLY B 187 -16.35 34.09 -9.13
CA GLY B 187 -16.96 35.05 -10.03
C GLY B 187 -17.85 36.05 -9.32
N LEU B 188 -18.97 36.52 -9.99
CA LEU B 188 -19.76 37.56 -9.37
C LEU B 188 -20.64 36.96 -8.28
N PRO B 189 -20.97 37.71 -7.23
CA PRO B 189 -21.56 37.09 -6.04
C PRO B 189 -23.06 36.83 -6.23
N SER B 190 -23.62 36.13 -5.23
CA SER B 190 -24.99 35.64 -5.34
C SER B 190 -25.88 35.90 -4.13
N HIS B 191 -25.35 35.96 -2.91
CA HIS B 191 -26.23 35.78 -1.76
C HIS B 191 -27.11 36.99 -1.43
N HIS B 192 -27.01 38.13 -2.14
CA HIS B 192 -27.96 39.22 -1.92
C HIS B 192 -29.02 39.31 -2.99
N ALA B 193 -28.87 38.58 -4.09
CA ALA B 193 -29.90 38.51 -5.11
C ALA B 193 -31.15 37.89 -4.51
N TYR B 194 -32.27 38.58 -4.71
CA TYR B 194 -33.57 38.10 -4.27
C TYR B 194 -34.29 37.39 -5.41
N THR B 195 -35.39 36.71 -5.04
CA THR B 195 -36.23 35.99 -6.00
C THR B 195 -36.67 36.84 -7.18
N GLN B 196 -36.63 38.17 -7.05
CA GLN B 196 -37.20 39.07 -8.06
C GLN B 196 -36.48 40.41 -8.13
N MET B 197 -35.27 40.53 -7.58
CA MET B 197 -34.60 41.82 -7.43
C MET B 197 -33.12 41.58 -7.15
N GLY B 198 -32.29 42.49 -7.66
CA GLY B 198 -30.86 42.44 -7.39
C GLY B 198 -30.48 43.40 -6.28
N SER B 199 -29.39 43.10 -5.58
CA SER B 199 -28.94 44.01 -4.52
C SER B 199 -27.51 43.70 -4.14
N GLY B 200 -26.80 44.75 -3.73
CA GLY B 200 -25.49 44.62 -3.13
C GLY B 200 -24.54 43.76 -3.94
N PHE B 201 -24.30 44.17 -5.18
CA PHE B 201 -23.39 43.54 -6.12
C PHE B 201 -23.90 42.20 -6.64
N CYS B 202 -25.07 41.75 -6.22
CA CYS B 202 -25.62 40.45 -6.60
C CYS B 202 -26.75 40.62 -7.60
N LEU B 203 -26.71 39.83 -8.67
CA LEU B 203 -27.68 39.93 -9.77
C LEU B 203 -28.57 38.70 -9.92
N ILE B 204 -28.00 37.51 -9.83
CA ILE B 204 -28.76 36.27 -9.75
C ILE B 204 -28.14 35.42 -8.67
N ASN B 205 -28.94 34.54 -8.10
CA ASN B 205 -28.53 33.79 -6.94
C ASN B 205 -28.10 32.40 -7.42
N LYS B 206 -26.83 32.34 -7.87
CA LYS B 206 -26.26 31.10 -8.41
C LYS B 206 -26.24 29.97 -7.39
N THR B 207 -26.33 30.25 -6.09
CA THR B 207 -26.31 29.13 -5.16
C THR B 207 -27.62 28.35 -5.20
N ALA B 208 -28.74 29.06 -5.18
CA ALA B 208 -30.04 28.38 -5.17
C ALA B 208 -30.28 27.61 -6.46
N MET B 209 -29.89 28.17 -7.61
CA MET B 209 -30.04 27.42 -8.86
C MET B 209 -29.27 26.12 -8.77
N LEU B 210 -28.02 26.18 -8.32
CA LEU B 210 -27.24 24.98 -8.04
C LEU B 210 -28.04 24.01 -7.18
N MET B 211 -28.68 24.52 -6.12
CA MET B 211 -29.50 23.68 -5.25
C MET B 211 -30.73 23.13 -5.98
N LYS B 212 -31.21 23.85 -7.00
CA LYS B 212 -32.33 23.32 -7.77
C LYS B 212 -31.91 22.06 -8.52
N GLN B 213 -30.80 22.14 -9.24
CA GLN B 213 -30.27 21.00 -9.98
C GLN B 213 -29.94 19.82 -9.07
N ALA B 214 -29.85 20.01 -7.76
CA ALA B 214 -29.58 18.90 -6.86
C ALA B 214 -30.84 18.13 -6.49
N GLU B 215 -31.98 18.82 -6.33
CA GLU B 215 -33.22 18.15 -5.93
C GLU B 215 -33.88 17.40 -7.09
N LEU B 216 -33.45 17.64 -8.33
CA LEU B 216 -33.99 16.92 -9.48
C LEU B 216 -33.12 15.74 -9.91
N SER B 217 -31.79 15.92 -9.97
CA SER B 217 -30.86 14.93 -10.53
C SER B 217 -30.69 13.68 -9.70
N SER B 218 -31.42 13.53 -8.59
CA SER B 218 -31.31 12.37 -7.73
C SER B 218 -32.63 11.61 -7.69
N ALA B 219 -32.58 10.41 -7.09
CA ALA B 219 -33.78 9.64 -6.79
C ALA B 219 -34.57 10.35 -5.69
N GLN B 220 -34.12 10.20 -4.44
CA GLN B 220 -34.56 11.02 -3.32
C GLN B 220 -33.85 12.37 -3.34
N PRO B 221 -34.46 13.41 -2.80
CA PRO B 221 -33.75 14.70 -2.65
C PRO B 221 -32.74 14.59 -1.52
N PRO B 222 -31.54 15.14 -1.70
CA PRO B 222 -30.55 15.10 -0.62
C PRO B 222 -30.95 16.04 0.50
N LYS B 223 -30.31 15.86 1.65
CA LYS B 223 -30.41 16.83 2.72
C LYS B 223 -29.44 17.97 2.43
N PHE B 224 -29.83 19.20 2.77
CA PHE B 224 -29.03 20.37 2.44
C PHE B 224 -28.45 21.03 3.70
N VAL B 225 -27.20 21.45 3.61
CA VAL B 225 -26.55 22.27 4.63
C VAL B 225 -25.83 23.42 3.93
N ILE B 226 -26.10 24.63 4.38
CA ILE B 226 -25.44 25.83 3.86
C ILE B 226 -24.73 26.50 5.04
N ILE B 227 -23.47 26.89 4.83
CA ILE B 227 -22.71 27.70 5.78
C ILE B 227 -22.18 28.89 4.99
N GLY B 228 -22.70 30.09 5.27
CA GLY B 228 -22.30 31.25 4.50
C GLY B 228 -21.50 32.27 5.30
N THR B 229 -20.18 32.33 5.11
CA THR B 229 -19.32 33.03 6.07
C THR B 229 -18.97 34.47 5.67
N ASP B 230 -19.46 34.98 4.53
CA ASP B 230 -19.42 36.41 4.26
C ASP B 230 -19.92 37.20 5.46
N VAL B 231 -19.30 38.34 5.76
CA VAL B 231 -19.74 39.04 6.96
C VAL B 231 -21.12 39.69 6.79
N ASN B 232 -21.55 39.94 5.56
CA ASN B 232 -22.92 40.39 5.32
C ASN B 232 -23.87 39.19 5.26
N ARG B 233 -25.12 39.43 5.61
CA ARG B 233 -26.11 38.37 5.75
C ARG B 233 -26.50 37.79 4.40
N ASP B 234 -26.83 36.50 4.37
CA ASP B 234 -27.43 35.89 3.18
C ASP B 234 -28.94 36.20 3.12
N ASN B 235 -29.26 37.49 3.09
CA ASN B 235 -30.67 37.87 3.09
C ASN B 235 -31.33 37.43 1.79
N GLY B 236 -30.66 37.65 0.66
CA GLY B 236 -31.26 37.30 -0.61
C GLY B 236 -31.48 35.80 -0.76
N LEU B 237 -30.43 35.02 -0.50
CA LEU B 237 -30.56 33.56 -0.57
C LEU B 237 -31.59 33.04 0.43
N CYS B 238 -31.86 33.77 1.50
CA CYS B 238 -32.79 33.29 2.53
C CYS B 238 -34.24 33.52 2.12
N ASP B 239 -34.54 34.66 1.50
CA ASP B 239 -35.86 34.84 0.94
C ASP B 239 -36.14 33.73 -0.06
N ILE B 240 -35.24 33.56 -1.04
CA ILE B 240 -35.45 32.59 -2.11
C ILE B 240 -35.62 31.18 -1.56
N LEU B 241 -34.90 30.84 -0.48
CA LEU B 241 -35.03 29.52 0.10
C LEU B 241 -36.37 29.38 0.82
N ARG B 242 -36.74 30.38 1.61
CA ARG B 242 -38.00 30.30 2.36
C ARG B 242 -39.21 30.27 1.42
N HIS B 243 -39.10 30.88 0.24
CA HIS B 243 -40.23 30.97 -0.68
C HIS B 243 -40.40 29.67 -1.46
N SER B 244 -39.48 29.44 -2.39
CA SER B 244 -39.61 28.40 -3.38
C SER B 244 -39.10 27.03 -2.90
N PHE B 245 -38.25 26.99 -1.86
CA PHE B 245 -37.54 25.77 -1.48
C PHE B 245 -37.87 25.25 -0.08
N SER B 246 -38.69 25.96 0.70
CA SER B 246 -38.91 25.64 2.12
C SER B 246 -39.41 24.22 2.38
N HIS B 247 -39.67 23.42 1.35
CA HIS B 247 -40.12 22.06 1.62
C HIS B 247 -38.99 21.05 1.53
N LEU B 248 -37.87 21.40 0.90
CA LEU B 248 -36.62 20.65 1.03
C LEU B 248 -36.14 20.67 2.48
N SER B 249 -35.18 19.83 2.79
CA SER B 249 -34.58 19.87 4.12
C SER B 249 -33.28 20.66 4.00
N ILE B 250 -33.24 21.83 4.66
CA ILE B 250 -32.10 22.74 4.58
C ILE B 250 -31.76 23.24 5.97
N CYS B 251 -30.51 22.99 6.42
CA CYS B 251 -29.87 23.76 7.49
C CYS B 251 -29.16 24.94 6.86
N HIS B 252 -29.48 26.15 7.32
CA HIS B 252 -28.85 27.35 6.78
C HIS B 252 -28.20 28.10 7.94
N ILE B 253 -27.01 27.65 8.32
CA ILE B 253 -26.16 28.40 9.25
C ILE B 253 -25.64 29.62 8.51
N ASP B 254 -26.14 30.81 8.88
CA ASP B 254 -25.72 32.05 8.26
C ASP B 254 -24.92 32.87 9.28
N VAL B 255 -23.60 32.94 9.08
CA VAL B 255 -22.74 33.76 9.93
C VAL B 255 -22.71 35.17 9.35
N PHE B 256 -22.90 36.18 10.20
CA PHE B 256 -22.77 37.56 9.72
C PHE B 256 -22.76 38.53 10.90
N ASP B 257 -22.31 39.75 10.62
CA ASP B 257 -22.35 40.86 11.56
C ASP B 257 -23.56 41.74 11.27
N SER B 258 -24.42 41.91 12.26
CA SER B 258 -25.66 42.65 12.11
C SER B 258 -25.48 44.17 12.06
N ARG B 259 -24.26 44.69 12.21
CA ARG B 259 -24.07 46.14 12.19
C ARG B 259 -23.38 46.63 10.94
N VAL B 260 -23.17 45.77 9.95
CA VAL B 260 -22.76 46.24 8.63
C VAL B 260 -23.92 45.94 7.69
N TYR B 261 -23.71 46.19 6.40
CA TYR B 261 -24.73 45.84 5.42
C TYR B 261 -25.14 44.37 5.59
N PRO B 262 -26.42 44.05 5.47
CA PRO B 262 -27.56 44.96 5.29
C PRO B 262 -28.23 45.39 6.59
N GLN B 263 -27.55 45.40 7.74
CA GLN B 263 -28.05 46.02 8.97
C GLN B 263 -29.26 45.29 9.58
N GLN B 264 -29.45 44.02 9.24
CA GLN B 264 -30.65 43.29 9.61
C GLN B 264 -30.36 42.35 10.77
N ASP B 265 -31.02 42.58 11.92
CA ASP B 265 -30.76 41.80 13.13
C ASP B 265 -31.80 40.69 13.32
N PHE B 266 -31.91 40.18 14.56
CA PHE B 266 -32.83 39.07 14.81
C PHE B 266 -34.29 39.51 14.70
N ALA B 267 -34.62 40.68 15.27
CA ALA B 267 -35.97 41.21 15.10
C ALA B 267 -36.31 41.41 13.62
N TYR B 268 -35.37 41.91 12.83
CA TYR B 268 -35.65 42.11 11.42
C TYR B 268 -35.99 40.78 10.76
N ILE B 269 -35.27 39.72 11.12
CA ILE B 269 -35.59 38.40 10.61
C ILE B 269 -36.93 37.92 11.12
N ASN B 270 -37.36 38.38 12.30
CA ASN B 270 -38.60 37.91 12.87
C ASN B 270 -39.79 38.27 11.99
N ASN B 271 -40.05 39.57 11.83
CA ASN B 271 -41.24 39.95 11.06
C ASN B 271 -41.05 39.73 9.56
N GLU B 272 -39.92 39.15 9.17
CA GLU B 272 -39.70 38.62 7.82
C GLU B 272 -40.22 37.19 7.69
N PHE B 273 -39.93 36.32 8.66
CA PHE B 273 -40.57 35.02 8.77
C PHE B 273 -41.98 35.08 9.34
N ASN B 274 -42.45 36.30 9.65
CA ASN B 274 -43.60 36.53 10.52
C ASN B 274 -43.67 35.44 11.61
N SER B 275 -42.56 35.30 12.33
CA SER B 275 -42.39 34.34 13.43
C SER B 275 -41.11 34.66 14.19
N GLU B 276 -41.02 34.15 15.42
CA GLU B 276 -39.97 34.53 16.36
C GLU B 276 -39.04 33.35 16.62
N GLY B 277 -37.77 33.52 16.24
CA GLY B 277 -36.81 32.43 16.39
C GLY B 277 -36.28 32.27 17.81
N VAL B 278 -35.91 31.03 18.15
CA VAL B 278 -35.48 30.69 19.51
C VAL B 278 -33.98 30.81 19.65
N ASP B 279 -33.54 31.44 20.75
CA ASP B 279 -32.14 31.41 21.17
C ASP B 279 -31.75 29.98 21.49
N ILE B 280 -30.77 29.43 20.76
CA ILE B 280 -30.30 28.08 21.04
C ILE B 280 -28.96 28.04 21.76
N GLY B 281 -28.22 29.14 21.78
CA GLY B 281 -26.93 29.19 22.46
C GLY B 281 -26.30 30.56 22.49
N LYS B 282 -25.10 30.66 21.92
CA LYS B 282 -24.22 31.83 22.03
C LYS B 282 -24.81 33.10 21.38
N ASN B 283 -26.05 33.43 21.77
CA ASN B 283 -26.85 34.49 21.14
C ASN B 283 -26.94 34.28 19.63
N ILE B 284 -27.77 33.30 19.29
CA ILE B 284 -27.72 32.67 17.99
C ILE B 284 -29.05 31.95 17.82
N HIS B 285 -29.88 32.44 16.91
CA HIS B 285 -31.28 32.08 16.83
C HIS B 285 -31.56 31.23 15.58
N VAL B 286 -32.66 30.50 15.64
CA VAL B 286 -33.10 29.63 14.56
C VAL B 286 -34.59 29.85 14.31
N TRP B 287 -34.97 29.92 13.04
CA TRP B 287 -36.36 29.99 12.63
C TRP B 287 -36.73 28.71 11.87
N HIS B 288 -38.01 28.34 11.95
CA HIS B 288 -38.52 27.14 11.29
C HIS B 288 -39.70 27.48 10.41
N HIS B 289 -39.58 27.17 9.12
CA HIS B 289 -40.66 27.29 8.15
C HIS B 289 -40.70 25.98 7.38
N ASN B 290 -41.69 25.13 7.70
CA ASN B 290 -41.83 23.80 7.13
C ASN B 290 -40.61 22.94 7.39
N ASN B 291 -39.73 22.86 6.41
CA ASN B 291 -38.59 21.98 6.51
C ASN B 291 -37.25 22.73 6.42
N LEU B 292 -37.29 24.06 6.37
CA LEU B 292 -36.09 24.89 6.32
C LEU B 292 -35.71 25.36 7.72
N ASN B 293 -34.46 25.15 8.09
CA ASN B 293 -33.93 25.62 9.37
C ASN B 293 -32.92 26.73 9.11
N TYR B 294 -33.24 27.94 9.55
CA TYR B 294 -32.36 29.09 9.35
C TYR B 294 -31.68 29.45 10.66
N TYR B 295 -30.36 29.23 10.74
CA TYR B 295 -29.55 29.68 11.88
C TYR B 295 -28.92 31.02 11.55
N ALA B 296 -29.14 32.01 12.42
CA ALA B 296 -28.47 33.29 12.34
C ALA B 296 -27.36 33.37 13.41
N VAL B 297 -26.11 33.24 12.97
CA VAL B 297 -24.92 33.45 13.79
C VAL B 297 -24.56 34.93 13.73
N ASP B 298 -24.80 35.66 14.82
CA ASP B 298 -24.51 37.10 14.84
C ASP B 298 -23.19 37.36 15.53
N LEU B 299 -22.20 37.78 14.74
CA LEU B 299 -20.86 38.04 15.26
C LEU B 299 -20.89 39.02 16.42
N SER B 300 -21.69 40.08 16.34
CA SER B 300 -21.65 41.08 17.40
C SER B 300 -22.19 40.56 18.72
N LEU B 301 -22.91 39.45 18.72
CA LEU B 301 -23.34 38.82 19.96
C LEU B 301 -22.50 37.61 20.32
N THR B 302 -21.71 37.08 19.38
CA THR B 302 -20.81 35.95 19.56
C THR B 302 -19.40 36.52 19.54
N SER B 303 -18.95 36.95 20.71
CA SER B 303 -17.64 37.57 20.89
C SER B 303 -16.64 36.51 21.35
N ARG B 304 -15.47 36.50 20.71
CA ARG B 304 -14.54 35.39 20.82
C ARG B 304 -14.01 35.26 22.25
N LYS B 305 -13.54 34.05 22.58
CA LYS B 305 -13.03 33.74 23.92
C LYS B 305 -11.49 33.69 23.90
N SER B 306 -10.89 34.87 24.04
CA SER B 306 -9.45 35.09 24.14
C SER B 306 -8.59 34.23 23.20
N VAL B 307 -8.62 32.90 23.40
CA VAL B 307 -7.76 31.97 22.67
C VAL B 307 -8.63 30.88 22.07
N GLY B 308 -8.24 30.38 20.91
CA GLY B 308 -8.98 29.31 20.25
C GLY B 308 -9.83 29.81 19.09
N VAL B 309 -10.30 28.85 18.29
CA VAL B 309 -11.10 29.17 17.12
C VAL B 309 -12.36 29.94 17.53
N HIS B 310 -12.79 30.85 16.64
CA HIS B 310 -13.98 31.68 16.87
C HIS B 310 -15.20 30.81 17.21
N PRO B 311 -15.97 31.16 18.24
CA PRO B 311 -17.15 30.33 18.58
C PRO B 311 -18.12 30.18 17.43
N ALA B 312 -18.14 31.15 16.50
CA ALA B 312 -19.07 31.12 15.38
C ALA B 312 -18.76 29.96 14.42
N LEU B 313 -17.48 29.81 14.04
CA LEU B 313 -17.09 28.73 13.15
C LEU B 313 -17.06 27.37 13.84
N LEU B 314 -16.90 27.33 15.16
CA LEU B 314 -17.04 26.05 15.86
C LEU B 314 -18.49 25.54 15.76
N PHE B 315 -19.46 26.45 15.91
CA PHE B 315 -20.87 26.08 15.85
C PHE B 315 -21.25 25.62 14.44
N ALA B 316 -20.80 26.35 13.42
CA ALA B 316 -20.98 25.89 12.05
C ALA B 316 -20.51 24.45 11.90
N LEU B 317 -19.46 24.05 12.64
CA LEU B 317 -18.93 22.70 12.57
C LEU B 317 -19.74 21.71 13.40
N GLU B 318 -20.00 22.03 14.68
CA GLU B 318 -20.91 21.21 15.48
C GLU B 318 -22.20 20.91 14.72
N GLN B 319 -22.67 21.87 13.91
CA GLN B 319 -23.90 21.70 13.15
C GLN B 319 -23.70 20.78 11.97
N LEU B 320 -22.65 21.02 11.17
CA LEU B 320 -22.40 20.13 10.03
C LEU B 320 -21.90 18.76 10.50
N LYS B 321 -21.20 18.71 11.63
CA LYS B 321 -20.91 17.42 12.26
C LYS B 321 -22.22 16.70 12.59
N GLU B 322 -23.17 17.43 13.19
CA GLU B 322 -24.43 16.81 13.54
C GLU B 322 -25.26 16.47 12.31
N SER B 323 -25.35 17.39 11.35
CA SER B 323 -26.12 17.12 10.14
C SER B 323 -25.61 15.89 9.40
N ILE B 324 -24.33 15.53 9.57
CA ILE B 324 -23.78 14.38 8.87
C ILE B 324 -24.16 13.08 9.57
N ARG B 325 -23.92 13.00 10.89
CA ARG B 325 -24.33 11.82 11.65
C ARG B 325 -25.82 11.54 11.50
N GLU B 326 -26.65 12.60 11.42
CA GLU B 326 -28.06 12.39 11.21
C GLU B 326 -28.36 11.78 9.86
N ALA B 327 -27.57 12.14 8.83
CA ALA B 327 -27.77 11.56 7.50
C ALA B 327 -27.14 10.18 7.38
N LYS B 328 -26.06 9.91 8.14
CA LYS B 328 -25.42 8.60 8.10
C LYS B 328 -26.33 7.49 8.62
N ALA B 329 -27.14 7.79 9.64
CA ALA B 329 -28.03 6.81 10.24
C ALA B 329 -29.32 6.63 9.46
N LYS B 330 -29.64 7.52 8.51
CA LYS B 330 -30.81 7.37 7.65
C LYS B 330 -30.44 6.95 6.23
N GLY B 331 -29.16 6.84 5.91
CA GLY B 331 -28.77 6.47 4.56
C GLY B 331 -29.03 7.52 3.50
N GLN B 332 -29.35 8.76 3.89
CA GLN B 332 -29.51 9.86 2.93
C GLN B 332 -28.17 10.55 2.69
N LYS B 333 -28.02 11.11 1.48
CA LYS B 333 -26.83 11.89 1.18
C LYS B 333 -27.06 13.37 1.51
N ILE B 334 -26.01 14.16 1.33
CA ILE B 334 -25.99 15.57 1.73
C ILE B 334 -25.23 16.34 0.66
N ALA B 335 -25.68 17.56 0.37
CA ALA B 335 -24.92 18.48 -0.45
C ALA B 335 -24.59 19.70 0.40
N LEU B 336 -23.32 20.11 0.38
CA LEU B 336 -22.83 21.19 1.22
C LEU B 336 -22.53 22.41 0.37
N TYR B 337 -23.02 23.56 0.81
CA TYR B 337 -22.89 24.80 0.04
C TYR B 337 -22.23 25.87 0.90
N LEU B 338 -21.13 26.43 0.39
CA LEU B 338 -20.38 27.47 1.09
C LEU B 338 -20.46 28.77 0.29
N PRO B 339 -21.46 29.61 0.56
CA PRO B 339 -21.45 30.95 -0.04
C PRO B 339 -20.62 31.83 0.84
N THR B 340 -19.34 31.90 0.47
CA THR B 340 -18.27 32.26 1.38
C THR B 340 -17.67 33.60 0.99
N GLY B 341 -17.57 34.48 1.99
CA GLY B 341 -16.86 35.74 1.87
C GLY B 341 -15.65 35.84 2.78
N TRP B 342 -14.70 36.69 2.39
CA TRP B 342 -13.55 36.97 3.24
C TRP B 342 -13.65 38.31 3.95
N ASP B 343 -14.49 39.22 3.45
CA ASP B 343 -14.87 40.44 4.17
C ASP B 343 -15.16 40.21 5.65
N SER B 344 -15.38 38.96 6.05
CA SER B 344 -15.56 38.58 7.43
C SER B 344 -14.24 38.44 8.18
N HIS B 345 -13.17 39.10 7.75
CA HIS B 345 -11.83 38.94 8.29
C HIS B 345 -11.41 40.18 9.08
N GLU B 346 -10.49 39.99 10.02
CA GLU B 346 -9.99 41.16 10.75
C GLU B 346 -9.16 42.08 9.87
N ASP B 347 -8.63 41.59 8.74
CA ASP B 347 -7.80 42.39 7.86
C ASP B 347 -8.53 42.94 6.64
N GLU B 348 -9.86 42.77 6.57
CA GLU B 348 -10.67 43.48 5.58
C GLU B 348 -10.65 44.97 5.88
N THR B 349 -10.63 45.78 4.83
CA THR B 349 -10.65 47.24 4.97
C THR B 349 -11.91 47.84 4.35
N ALA B 350 -12.85 46.99 3.90
CA ALA B 350 -14.02 47.42 3.15
C ALA B 350 -15.07 48.06 4.07
N TYR B 351 -15.55 49.24 3.67
CA TYR B 351 -16.59 49.93 4.43
C TYR B 351 -17.74 48.99 4.81
N CYS B 352 -18.14 48.09 3.91
CA CYS B 352 -19.24 47.16 4.17
C CYS B 352 -18.87 46.01 5.11
N GLY B 353 -17.62 45.91 5.54
CA GLY B 353 -17.24 44.82 6.44
C GLY B 353 -16.60 45.27 7.74
N LYS B 354 -16.23 46.54 7.84
CA LYS B 354 -15.49 47.02 9.00
C LYS B 354 -15.94 48.38 9.51
N PHE B 355 -16.87 49.05 8.84
CA PHE B 355 -17.44 50.31 9.32
C PHE B 355 -18.64 49.99 10.19
N VAL B 356 -18.43 49.98 11.51
CA VAL B 356 -19.44 49.60 12.49
C VAL B 356 -19.73 50.81 13.37
N ASN B 357 -21.02 51.01 13.70
CA ASN B 357 -21.42 52.01 14.70
C ASN B 357 -20.99 53.43 14.31
N GLY B 358 -20.97 53.74 13.02
CA GLY B 358 -20.50 55.04 12.54
C GLY B 358 -19.04 55.37 12.82
N ARG B 359 -18.15 54.39 12.76
CA ARG B 359 -16.71 54.59 12.93
C ARG B 359 -15.99 53.33 12.45
N MET B 360 -14.86 53.50 11.76
CA MET B 360 -14.10 52.36 11.27
C MET B 360 -13.53 51.57 12.44
N MET B 361 -13.82 50.27 12.47
CA MET B 361 -13.37 49.40 13.55
C MET B 361 -11.85 49.16 13.48
N GLY B 362 -11.23 49.05 14.66
CA GLY B 362 -9.80 48.88 14.76
C GLY B 362 -9.39 47.48 15.18
N LYS B 363 -8.09 47.34 15.48
CA LYS B 363 -7.53 46.01 15.74
C LYS B 363 -8.16 45.37 16.97
N THR B 364 -8.39 46.15 18.01
CA THR B 364 -8.86 45.57 19.26
C THR B 364 -10.23 44.94 19.07
N ALA B 365 -11.18 45.71 18.53
CA ALA B 365 -12.49 45.15 18.21
C ALA B 365 -12.39 44.05 17.15
N ALA B 366 -11.56 44.26 16.13
CA ALA B 366 -11.54 43.35 14.99
C ALA B 366 -11.26 41.91 15.41
N HIS B 367 -10.34 41.70 16.36
CA HIS B 367 -10.02 40.33 16.74
C HIS B 367 -11.16 39.67 17.49
N GLN B 368 -11.97 40.45 18.21
CA GLN B 368 -13.08 39.83 18.92
C GLN B 368 -14.24 39.53 18.00
N PHE B 369 -14.38 40.26 16.90
CA PHE B 369 -15.58 40.24 16.07
C PHE B 369 -15.38 39.72 14.65
N ARG B 370 -14.16 39.35 14.26
CA ARG B 370 -13.91 38.85 12.91
C ARG B 370 -13.06 37.59 12.95
N PHE B 371 -12.53 37.19 11.81
CA PHE B 371 -11.80 35.94 11.68
C PHE B 371 -10.37 36.22 11.23
N ASN B 372 -9.48 35.29 11.56
CA ASN B 372 -8.08 35.35 11.16
C ASN B 372 -7.70 34.04 10.48
N ASP B 373 -6.46 34.00 9.97
CA ASP B 373 -6.02 32.80 9.26
C ASP B 373 -6.06 31.57 10.13
N GLY B 374 -5.99 31.74 11.45
CA GLY B 374 -6.14 30.59 12.34
C GLY B 374 -7.51 29.97 12.21
N ASP B 375 -8.55 30.80 12.29
CA ASP B 375 -9.92 30.30 12.16
C ASP B 375 -10.17 29.72 10.77
N LEU B 376 -9.88 30.51 9.72
CA LEU B 376 -10.13 30.09 8.34
C LEU B 376 -9.44 28.76 8.05
N GLY B 377 -8.15 28.65 8.40
CA GLY B 377 -7.40 27.44 8.13
C GLY B 377 -7.98 26.23 8.86
N TYR B 378 -8.42 26.42 10.10
CA TYR B 378 -8.97 25.31 10.87
C TYR B 378 -10.37 24.95 10.39
N PHE B 379 -11.10 25.93 9.84
CA PHE B 379 -12.46 25.69 9.35
C PHE B 379 -12.43 24.82 8.09
N TYR B 380 -11.73 25.27 7.06
CA TYR B 380 -11.66 24.49 5.82
C TYR B 380 -11.02 23.14 6.08
N GLU B 381 -10.03 23.09 6.98
CA GLU B 381 -9.35 21.83 7.27
C GLU B 381 -10.29 20.83 7.96
N SER B 382 -11.03 21.29 8.97
CA SER B 382 -12.06 20.44 9.55
C SER B 382 -13.09 19.99 8.49
N ILE B 383 -13.55 20.92 7.65
CA ILE B 383 -14.66 20.63 6.74
C ILE B 383 -14.28 19.53 5.75
N PHE B 384 -13.13 19.69 5.08
CA PHE B 384 -12.74 18.66 4.11
C PHE B 384 -12.41 17.33 4.79
N THR B 385 -12.14 17.35 6.10
CA THR B 385 -11.94 16.08 6.81
C THR B 385 -13.26 15.33 6.96
N LEU B 386 -14.31 16.03 7.44
CA LEU B 386 -15.65 15.46 7.43
C LEU B 386 -15.97 14.85 6.07
N TYR B 387 -15.52 15.52 5.00
CA TYR B 387 -15.78 15.06 3.64
C TYR B 387 -15.11 13.73 3.35
N ASN B 388 -13.77 13.69 3.42
CA ASN B 388 -13.06 12.47 3.08
C ASN B 388 -13.41 11.34 4.03
N GLU B 389 -13.72 11.66 5.28
CA GLU B 389 -14.03 10.60 6.23
C GLU B 389 -15.42 10.02 5.98
N ASN B 390 -16.38 10.87 5.63
CA ASN B 390 -17.72 10.40 5.27
C ASN B 390 -18.07 10.76 3.83
N LYS B 391 -17.35 10.19 2.87
CA LYS B 391 -17.82 10.33 1.49
C LYS B 391 -19.09 9.51 1.24
N ASP B 392 -19.56 8.76 2.25
CA ASP B 392 -20.81 8.01 2.14
C ASP B 392 -22.03 8.89 2.36
N CYS B 393 -21.88 9.98 3.11
CA CYS B 393 -22.95 10.95 3.32
C CYS B 393 -22.82 12.18 2.45
N VAL B 394 -21.60 12.72 2.32
CA VAL B 394 -21.42 13.96 1.57
C VAL B 394 -21.41 13.59 0.10
N ASP B 395 -22.50 13.90 -0.58
CA ASP B 395 -22.56 13.77 -2.03
C ASP B 395 -21.55 14.72 -2.67
N THR B 396 -21.70 16.02 -2.39
CA THR B 396 -20.96 17.06 -3.09
C THR B 396 -20.64 18.18 -2.12
N ILE B 397 -19.67 19.01 -2.52
CA ILE B 397 -19.38 20.28 -1.84
C ILE B 397 -19.27 21.37 -2.90
N TYR B 398 -19.95 22.48 -2.67
CA TYR B 398 -19.84 23.64 -3.54
C TYR B 398 -19.46 24.86 -2.73
N TRP B 399 -18.50 25.61 -3.27
CA TRP B 399 -17.91 26.78 -2.63
C TRP B 399 -17.96 27.93 -3.63
N GLY B 400 -18.49 29.07 -3.18
CA GLY B 400 -18.68 30.17 -4.10
C GLY B 400 -18.24 31.51 -3.54
N LEU B 401 -17.59 32.29 -4.39
CA LEU B 401 -16.95 33.56 -4.01
C LEU B 401 -17.98 34.66 -3.82
N GLU B 402 -18.34 34.93 -2.56
CA GLU B 402 -19.16 36.11 -2.27
C GLU B 402 -18.32 37.39 -2.15
N GLY B 403 -18.20 37.97 -0.95
CA GLY B 403 -17.41 39.17 -0.75
C GLY B 403 -15.94 38.89 -0.43
N GLY B 404 -15.22 39.97 -0.07
CA GLY B 404 -13.80 39.91 0.30
C GLY B 404 -12.89 40.73 -0.61
N TYR B 405 -12.55 41.97 -0.20
CA TYR B 405 -12.19 42.99 -1.17
C TYR B 405 -10.79 43.58 -1.05
N ASP B 406 -10.14 43.53 0.12
CA ASP B 406 -8.82 44.13 0.27
C ASP B 406 -7.72 43.24 -0.33
N ARG B 407 -6.97 43.77 -1.31
CA ARG B 407 -6.19 42.90 -2.19
C ARG B 407 -5.19 42.04 -1.43
N THR B 408 -4.29 42.66 -0.66
CA THR B 408 -3.25 41.87 -0.02
C THR B 408 -3.87 40.82 0.89
N MET B 409 -4.98 41.15 1.55
CA MET B 409 -5.66 40.17 2.38
C MET B 409 -6.24 39.04 1.54
N TYR B 410 -6.96 39.36 0.46
CA TYR B 410 -7.64 38.30 -0.26
C TYR B 410 -6.69 37.49 -1.15
N GLU B 411 -5.53 38.05 -1.51
CA GLU B 411 -4.51 37.23 -2.17
C GLU B 411 -3.92 36.23 -1.19
N ARG B 412 -3.78 36.63 0.07
CA ARG B 412 -3.22 35.72 1.06
C ARG B 412 -4.22 34.63 1.46
N GLU B 413 -5.47 35.00 1.74
CA GLU B 413 -6.44 33.98 2.15
C GLU B 413 -6.67 32.94 1.08
N LEU B 414 -6.66 33.37 -0.20
CA LEU B 414 -6.81 32.40 -1.28
C LEU B 414 -5.69 31.37 -1.24
N LYS B 415 -4.44 31.83 -1.03
CA LYS B 415 -3.30 30.92 -1.01
C LYS B 415 -3.46 29.91 0.13
N ILE B 416 -4.02 30.36 1.26
CA ILE B 416 -4.43 29.45 2.32
C ILE B 416 -5.41 28.41 1.78
N LEU B 417 -6.50 28.90 1.17
CA LEU B 417 -7.55 28.03 0.66
C LEU B 417 -6.98 27.05 -0.37
N LEU B 418 -6.12 27.55 -1.27
CA LEU B 418 -5.59 26.68 -2.30
C LEU B 418 -4.72 25.59 -1.70
N GLN B 419 -3.90 25.94 -0.70
CA GLN B 419 -3.02 24.97 -0.06
C GLN B 419 -3.83 23.85 0.58
N VAL B 420 -4.81 24.20 1.43
CA VAL B 420 -5.68 23.19 2.02
C VAL B 420 -6.35 22.33 0.95
N ILE B 421 -6.69 22.92 -0.20
CA ILE B 421 -7.25 22.15 -1.32
C ILE B 421 -6.20 21.17 -1.86
N GLU B 422 -5.02 21.67 -2.22
CA GLU B 422 -3.96 20.80 -2.75
C GLU B 422 -3.65 19.69 -1.75
N LYS B 423 -3.82 19.96 -0.45
CA LYS B 423 -3.49 18.96 0.55
C LYS B 423 -4.59 17.91 0.67
N GLN B 424 -5.85 18.31 0.64
CA GLN B 424 -6.94 17.41 1.00
C GLN B 424 -7.74 16.84 -0.18
N LEU B 425 -7.75 17.51 -1.34
CA LEU B 425 -8.62 17.10 -2.44
C LEU B 425 -7.87 16.86 -3.75
N LEU B 426 -6.55 16.73 -3.70
CA LEU B 426 -5.75 16.47 -4.88
C LEU B 426 -4.83 15.27 -4.63
N PRO B 427 -4.75 14.31 -5.55
CA PRO B 427 -3.98 13.10 -5.29
C PRO B 427 -2.48 13.25 -5.51
N LYS B 428 -1.70 12.56 -4.66
CA LYS B 428 -0.25 12.39 -4.78
C LYS B 428 0.50 13.73 -4.90
N ASP B 429 0.96 14.05 -6.11
CA ASP B 429 1.67 15.30 -6.36
C ASP B 429 0.99 16.13 -7.45
N GLU C 38 -21.03 -31.21 -7.88
CA GLU C 38 -21.53 -30.20 -8.83
C GLU C 38 -20.46 -29.13 -9.09
N GLU C 39 -19.65 -28.88 -8.05
CA GLU C 39 -18.55 -27.89 -8.13
C GLU C 39 -17.38 -28.43 -8.95
N CYS C 40 -17.13 -29.72 -8.87
CA CYS C 40 -15.98 -30.37 -9.48
C CYS C 40 -16.14 -31.87 -9.28
N ALA C 41 -15.78 -32.65 -10.29
CA ALA C 41 -15.73 -34.09 -10.08
C ALA C 41 -14.62 -34.68 -10.94
N ILE C 42 -13.88 -35.61 -10.35
CA ILE C 42 -12.92 -36.40 -11.11
C ILE C 42 -13.65 -37.64 -11.61
N GLN C 43 -13.66 -37.84 -12.91
CA GLN C 43 -14.31 -39.00 -13.49
C GLN C 43 -13.28 -40.07 -13.79
N ILE C 44 -13.53 -41.28 -13.31
CA ILE C 44 -12.65 -42.39 -13.64
C ILE C 44 -13.52 -43.52 -14.17
N PRO C 45 -13.01 -44.38 -15.06
CA PRO C 45 -13.75 -45.58 -15.43
C PRO C 45 -13.92 -46.47 -14.23
N SER C 46 -15.02 -47.21 -14.20
CA SER C 46 -15.17 -48.19 -13.15
C SER C 46 -14.23 -49.38 -13.40
N GLU C 47 -14.11 -50.23 -12.37
CA GLU C 47 -13.27 -51.42 -12.49
C GLU C 47 -13.70 -52.27 -13.68
N ILE C 48 -14.98 -52.67 -13.69
CA ILE C 48 -15.49 -53.55 -14.75
C ILE C 48 -15.38 -52.88 -16.12
N ASP C 49 -15.67 -51.58 -16.18
CA ASP C 49 -15.50 -50.84 -17.42
C ASP C 49 -14.04 -50.87 -17.87
N ASN C 50 -13.14 -50.42 -16.98
CA ASN C 50 -11.71 -50.43 -17.27
C ASN C 50 -11.20 -51.81 -17.65
N GLU C 51 -11.78 -52.87 -17.08
CA GLU C 51 -11.33 -54.23 -17.39
C GLU C 51 -11.63 -54.66 -18.83
N GLN C 52 -12.51 -53.99 -19.56
CA GLN C 52 -12.67 -54.30 -20.98
C GLN C 52 -11.75 -53.49 -21.87
N MET C 53 -10.66 -52.92 -21.33
CA MET C 53 -9.81 -52.05 -22.13
C MET C 53 -8.49 -52.71 -22.52
N GLN C 54 -8.33 -54.00 -22.25
CA GLN C 54 -7.10 -54.68 -22.64
C GLN C 54 -6.91 -54.65 -24.15
N ARG C 55 -5.68 -54.92 -24.57
CA ARG C 55 -5.29 -54.96 -25.98
C ARG C 55 -5.49 -53.62 -26.68
N MET C 56 -6.23 -52.70 -26.06
CA MET C 56 -6.50 -51.40 -26.69
C MET C 56 -5.23 -50.56 -26.72
N PRO C 57 -4.64 -50.33 -27.89
CA PRO C 57 -3.25 -49.88 -27.94
C PRO C 57 -3.05 -48.51 -27.28
N ALA C 58 -1.90 -48.32 -26.63
CA ALA C 58 -1.61 -47.07 -25.97
C ALA C 58 -0.35 -46.36 -26.44
N GLY C 59 0.55 -47.01 -27.18
CA GLY C 59 1.72 -46.32 -27.68
C GLY C 59 2.90 -46.17 -26.70
N GLY C 60 2.70 -46.42 -25.41
CA GLY C 60 3.79 -46.71 -24.50
C GLY C 60 4.02 -48.20 -24.42
N GLU C 61 4.62 -48.63 -23.30
CA GLU C 61 4.81 -50.07 -23.09
C GLU C 61 3.56 -50.75 -22.52
N GLU C 62 2.60 -50.01 -21.97
CA GLU C 62 1.33 -50.57 -21.54
C GLU C 62 0.30 -50.33 -22.61
N ASP C 63 -0.78 -51.11 -22.56
CA ASP C 63 -1.98 -50.86 -23.34
C ASP C 63 -2.84 -49.84 -22.59
N GLN C 64 -4.07 -49.63 -23.03
CA GLN C 64 -4.90 -48.65 -22.35
C GLN C 64 -5.44 -49.19 -21.03
N TYR C 65 -5.61 -50.51 -20.89
CA TYR C 65 -6.15 -51.04 -19.65
C TYR C 65 -5.22 -50.77 -18.48
N LEU C 66 -3.95 -51.15 -18.62
CA LEU C 66 -2.97 -50.89 -17.55
C LEU C 66 -2.83 -49.39 -17.29
N ARG C 67 -2.61 -48.62 -18.35
CA ARG C 67 -2.41 -47.19 -18.21
C ARG C 67 -3.56 -46.55 -17.45
N ILE C 68 -4.79 -46.68 -17.95
CA ILE C 68 -5.96 -46.12 -17.26
C ILE C 68 -6.06 -46.69 -15.85
N LYS C 69 -5.98 -48.02 -15.71
CA LYS C 69 -6.07 -48.66 -14.40
C LYS C 69 -5.17 -47.98 -13.39
N HIS C 70 -3.89 -47.79 -13.73
CA HIS C 70 -2.94 -47.21 -12.78
C HIS C 70 -3.41 -45.83 -12.33
N MET C 71 -3.55 -44.89 -13.27
CA MET C 71 -3.92 -43.54 -12.89
C MET C 71 -5.19 -43.53 -12.04
N SER C 72 -6.14 -44.43 -12.32
CA SER C 72 -7.33 -44.52 -11.47
C SER C 72 -6.98 -44.93 -10.05
N ALA C 73 -6.09 -45.91 -9.90
CA ALA C 73 -5.74 -46.38 -8.57
C ALA C 73 -5.05 -45.30 -7.73
N LEU C 74 -4.45 -44.31 -8.38
CA LEU C 74 -3.85 -43.18 -7.67
C LEU C 74 -4.89 -42.12 -7.33
N ILE C 75 -5.71 -41.72 -8.31
CA ILE C 75 -6.84 -40.83 -8.05
C ILE C 75 -7.62 -41.31 -6.82
N LYS C 76 -7.79 -42.64 -6.70
CA LYS C 76 -8.54 -43.18 -5.57
C LYS C 76 -7.73 -43.07 -4.28
N LYS C 77 -6.44 -43.41 -4.32
CA LYS C 77 -5.59 -43.30 -3.14
C LYS C 77 -5.58 -41.88 -2.60
N TYR C 78 -5.40 -40.90 -3.49
CA TYR C 78 -5.24 -39.50 -3.11
C TYR C 78 -6.43 -39.01 -2.29
N GLY C 79 -6.24 -38.94 -0.97
CA GLY C 79 -7.20 -38.41 -0.02
C GLY C 79 -8.65 -38.50 -0.41
N ASP C 80 -9.38 -37.39 -0.29
CA ASP C 80 -10.79 -37.33 -0.62
C ASP C 80 -10.96 -36.37 -1.78
N LEU C 81 -11.05 -36.91 -2.98
CA LEU C 81 -11.38 -36.14 -4.15
C LEU C 81 -12.80 -36.45 -4.59
N PRO C 82 -13.50 -35.51 -5.20
CA PRO C 82 -14.86 -35.80 -5.70
C PRO C 82 -14.85 -36.76 -6.89
N VAL C 83 -14.73 -38.06 -6.60
CA VAL C 83 -14.47 -39.09 -7.61
C VAL C 83 -15.78 -39.78 -7.98
N ILE C 84 -16.09 -39.81 -9.28
CA ILE C 84 -17.30 -40.41 -9.83
C ILE C 84 -16.91 -41.44 -10.88
N THR C 85 -17.57 -42.59 -10.87
CA THR C 85 -17.22 -43.64 -11.81
C THR C 85 -18.30 -43.75 -12.87
N THR C 86 -17.93 -44.34 -14.01
CA THR C 86 -18.93 -44.65 -15.02
C THR C 86 -19.92 -45.70 -14.53
N GLN C 87 -19.55 -46.52 -13.55
CA GLN C 87 -20.45 -47.56 -13.05
C GLN C 87 -21.74 -46.98 -12.50
N GLU C 88 -21.71 -45.77 -11.96
CA GLU C 88 -22.91 -45.20 -11.34
C GLU C 88 -23.92 -44.72 -12.38
N THR C 89 -23.45 -44.23 -13.53
CA THR C 89 -24.31 -43.52 -14.46
C THR C 89 -25.40 -44.43 -14.99
N ARG C 90 -26.64 -44.17 -14.59
CA ARG C 90 -27.77 -44.91 -15.12
C ARG C 90 -27.94 -44.59 -16.60
N LEU C 91 -28.49 -45.53 -17.35
CA LEU C 91 -28.79 -45.27 -18.74
C LEU C 91 -30.21 -45.75 -19.00
N PRO C 92 -30.94 -45.10 -19.91
CA PRO C 92 -32.31 -45.53 -20.20
C PRO C 92 -32.35 -46.87 -20.92
N TYR C 93 -33.50 -47.55 -20.78
CA TYR C 93 -33.63 -48.96 -21.15
C TYR C 93 -33.14 -49.25 -22.57
N TYR C 94 -33.18 -48.27 -23.47
CA TYR C 94 -32.90 -48.55 -24.86
C TYR C 94 -31.40 -48.48 -25.18
N TRP C 95 -30.59 -47.84 -24.33
CA TRP C 95 -29.15 -48.07 -24.37
C TRP C 95 -28.79 -49.41 -23.76
N LEU C 96 -29.43 -49.76 -22.65
CA LEU C 96 -29.23 -51.08 -22.06
C LEU C 96 -29.67 -52.19 -23.00
N ASP C 97 -30.76 -51.97 -23.76
CA ASP C 97 -31.14 -52.91 -24.82
C ASP C 97 -30.01 -53.04 -25.85
N LEU C 98 -29.57 -51.90 -26.40
CA LEU C 98 -28.63 -51.93 -27.53
C LEU C 98 -27.36 -52.64 -27.15
N PHE C 99 -26.78 -52.26 -26.00
CA PHE C 99 -25.70 -52.99 -25.36
C PHE C 99 -25.99 -54.49 -25.38
N ALA C 100 -27.07 -54.90 -24.68
CA ALA C 100 -27.36 -56.31 -24.52
C ALA C 100 -27.41 -57.04 -25.84
N ALA C 101 -27.72 -56.34 -26.94
CA ALA C 101 -27.73 -56.93 -28.27
C ALA C 101 -26.34 -56.95 -28.92
N ILE C 102 -25.46 -56.01 -28.58
CA ILE C 102 -24.06 -56.15 -28.96
C ILE C 102 -23.38 -57.25 -28.15
N ASP C 103 -23.98 -57.66 -27.04
CA ASP C 103 -23.37 -58.68 -26.19
C ASP C 103 -23.37 -60.06 -26.86
N GLU C 104 -24.55 -60.55 -27.30
CA GLU C 104 -24.67 -61.91 -27.81
C GLU C 104 -24.43 -62.01 -29.32
N GLY C 105 -23.80 -61.01 -29.93
CA GLY C 105 -23.39 -61.13 -31.31
C GLY C 105 -24.55 -61.16 -32.27
N ASP C 106 -25.67 -60.53 -31.91
CA ASP C 106 -26.84 -60.39 -32.77
C ASP C 106 -26.72 -59.09 -33.55
N THR C 107 -25.99 -59.17 -34.66
CA THR C 107 -25.75 -57.99 -35.50
C THR C 107 -27.03 -57.30 -35.95
N PRO C 108 -27.98 -57.97 -36.65
CA PRO C 108 -29.17 -57.24 -37.10
C PRO C 108 -30.05 -56.74 -35.97
N LYS C 109 -30.18 -57.52 -34.88
CA LYS C 109 -30.99 -57.05 -33.75
C LYS C 109 -30.43 -55.76 -33.16
N ALA C 110 -29.11 -55.69 -33.01
CA ALA C 110 -28.51 -54.48 -32.47
C ALA C 110 -28.54 -53.36 -33.51
N HIS C 111 -28.32 -53.71 -34.77
CA HIS C 111 -28.50 -52.74 -35.85
C HIS C 111 -29.89 -52.15 -35.80
N ALA C 112 -30.90 -52.99 -35.55
CA ALA C 112 -32.29 -52.55 -35.52
C ALA C 112 -32.73 -52.21 -34.11
N LEU C 113 -31.94 -51.36 -33.45
CA LEU C 113 -32.11 -51.01 -32.04
C LEU C 113 -31.29 -49.76 -31.87
N PHE C 114 -30.13 -49.75 -32.54
CA PHE C 114 -29.51 -48.49 -32.91
C PHE C 114 -30.53 -47.58 -33.57
N HIS C 115 -31.24 -48.08 -34.59
CA HIS C 115 -32.18 -47.25 -35.31
C HIS C 115 -33.49 -47.05 -34.56
N LEU C 116 -33.76 -47.86 -33.53
CA LEU C 116 -34.81 -47.56 -32.55
C LEU C 116 -34.40 -46.48 -31.52
N LEU C 117 -33.25 -45.79 -31.67
CA LEU C 117 -32.91 -44.91 -30.55
C LEU C 117 -33.51 -43.53 -30.75
N PRO C 118 -34.23 -43.01 -29.73
CA PRO C 118 -34.80 -41.65 -29.82
C PRO C 118 -33.91 -40.61 -30.51
N GLN C 119 -34.49 -39.87 -31.45
CA GLN C 119 -33.80 -38.76 -32.09
C GLN C 119 -33.34 -37.71 -31.08
N ASP C 120 -33.99 -37.63 -29.92
CA ASP C 120 -33.71 -36.55 -28.97
C ASP C 120 -32.79 -36.97 -27.83
N ASP C 121 -32.42 -38.26 -27.73
CA ASP C 121 -31.47 -38.70 -26.70
C ASP C 121 -30.17 -37.89 -26.78
N ILE C 122 -29.82 -37.24 -25.66
CA ILE C 122 -28.66 -36.34 -25.62
C ILE C 122 -27.40 -37.07 -26.11
N ILE C 123 -27.11 -38.24 -25.52
CA ILE C 123 -25.95 -39.05 -25.92
C ILE C 123 -25.88 -39.18 -27.44
N LEU C 124 -27.01 -39.51 -28.09
CA LEU C 124 -27.04 -39.68 -29.54
C LEU C 124 -27.14 -38.36 -30.29
N ARG C 125 -27.92 -37.42 -29.76
CA ARG C 125 -27.96 -36.09 -30.33
C ARG C 125 -26.55 -35.57 -30.56
N ALA C 126 -25.71 -35.59 -29.51
CA ALA C 126 -24.34 -35.08 -29.64
C ALA C 126 -23.44 -36.04 -30.41
N LEU C 127 -23.61 -37.34 -30.18
CA LEU C 127 -22.92 -38.36 -30.97
C LEU C 127 -23.06 -38.12 -32.48
N ARG C 128 -24.27 -38.28 -33.02
CA ARG C 128 -24.52 -38.11 -34.44
C ARG C 128 -24.16 -36.71 -34.93
N ALA C 129 -24.11 -35.72 -34.03
CA ALA C 129 -23.69 -34.37 -34.39
C ALA C 129 -22.22 -34.30 -34.78
N VAL C 130 -21.38 -35.18 -34.22
CA VAL C 130 -19.96 -35.15 -34.51
C VAL C 130 -19.51 -36.32 -35.39
N HIS C 131 -20.19 -37.45 -35.37
CA HIS C 131 -19.76 -38.63 -36.12
C HIS C 131 -20.86 -39.11 -37.06
N SER C 132 -20.45 -39.56 -38.25
CA SER C 132 -21.41 -40.02 -39.24
C SER C 132 -21.90 -41.41 -38.88
N GLU C 133 -23.19 -41.62 -39.10
CA GLU C 133 -23.83 -42.85 -38.64
C GLU C 133 -23.23 -44.08 -39.33
N ASP C 134 -22.67 -43.90 -40.53
CA ASP C 134 -21.88 -44.96 -41.16
C ASP C 134 -20.76 -45.40 -40.22
N TYR C 135 -19.84 -44.47 -39.92
CA TYR C 135 -18.76 -44.77 -39.00
C TYR C 135 -19.30 -45.36 -37.68
N LEU C 136 -20.34 -44.73 -37.12
CA LEU C 136 -20.93 -45.26 -35.89
C LEU C 136 -21.32 -46.74 -36.03
N TYR C 137 -22.20 -47.06 -36.98
CA TYR C 137 -22.66 -48.45 -37.05
C TYR C 137 -21.50 -49.39 -37.36
N GLN C 138 -20.56 -48.95 -38.19
CA GLN C 138 -19.37 -49.75 -38.49
C GLN C 138 -18.67 -50.22 -37.21
N LEU C 139 -18.86 -49.47 -36.11
CA LEU C 139 -18.27 -49.80 -34.82
C LEU C 139 -19.03 -50.90 -34.09
N ILE C 140 -20.37 -50.80 -34.02
CA ILE C 140 -21.17 -51.82 -33.33
C ILE C 140 -20.92 -53.17 -33.95
N LYS C 141 -20.72 -53.20 -35.26
CA LYS C 141 -20.33 -54.41 -35.97
C LYS C 141 -18.99 -54.95 -35.44
N TYR C 142 -17.94 -54.12 -35.45
CA TYR C 142 -16.63 -54.59 -35.04
C TYR C 142 -16.63 -55.17 -33.62
N CYS C 143 -17.40 -54.56 -32.71
CA CYS C 143 -17.52 -55.10 -31.35
C CYS C 143 -18.16 -56.49 -31.37
N ILE C 144 -19.24 -56.63 -32.14
CA ILE C 144 -19.83 -57.95 -32.32
C ILE C 144 -18.79 -58.90 -32.92
N GLN C 145 -18.11 -58.43 -33.96
CA GLN C 145 -17.15 -59.29 -34.64
C GLN C 145 -15.94 -59.59 -33.76
N ALA C 146 -15.56 -58.64 -32.91
CA ALA C 146 -14.47 -58.85 -31.96
C ALA C 146 -14.71 -60.05 -31.05
N LYS C 147 -15.98 -60.34 -30.72
CA LYS C 147 -16.29 -61.38 -29.74
C LYS C 147 -15.60 -62.71 -30.05
N HIS C 148 -15.30 -62.99 -31.32
CA HIS C 148 -14.79 -64.32 -31.69
C HIS C 148 -13.40 -64.54 -31.14
N PHE C 149 -12.48 -63.61 -31.38
CA PHE C 149 -11.12 -63.72 -30.91
C PHE C 149 -10.77 -62.67 -29.85
N GLY C 150 -11.75 -62.14 -29.14
CA GLY C 150 -11.49 -61.15 -28.11
C GLY C 150 -11.25 -59.72 -28.55
N PHE C 151 -10.72 -59.50 -29.77
CA PHE C 151 -10.49 -58.15 -30.26
C PHE C 151 -10.25 -58.19 -31.77
N LYS C 152 -10.71 -57.16 -32.46
CA LYS C 152 -10.55 -56.98 -33.89
C LYS C 152 -9.85 -55.65 -34.12
N GLN C 153 -9.08 -55.55 -35.20
CA GLN C 153 -8.29 -54.35 -35.48
C GLN C 153 -8.95 -53.51 -36.57
N LEU C 154 -8.67 -52.20 -36.57
CA LEU C 154 -9.30 -51.25 -37.48
C LEU C 154 -8.25 -50.77 -38.49
N ASN C 155 -7.72 -49.58 -38.33
CA ASN C 155 -6.45 -49.22 -38.97
C ASN C 155 -5.32 -49.91 -38.21
N ALA C 156 -4.09 -49.49 -38.48
CA ALA C 156 -2.96 -50.09 -37.77
C ALA C 156 -2.89 -49.64 -36.31
N ASP C 157 -3.68 -48.63 -35.90
CA ASP C 157 -3.57 -48.05 -34.56
C ASP C 157 -4.88 -48.05 -33.79
N LEU C 158 -5.88 -48.83 -34.21
CA LEU C 158 -7.15 -48.96 -33.49
C LEU C 158 -7.44 -50.43 -33.24
N VAL C 159 -7.98 -50.72 -32.06
CA VAL C 159 -8.34 -52.07 -31.65
C VAL C 159 -9.61 -51.92 -30.82
N VAL C 160 -10.53 -52.86 -30.97
CA VAL C 160 -11.83 -52.75 -30.33
C VAL C 160 -12.21 -54.11 -29.73
N THR C 161 -12.69 -54.10 -28.50
CA THR C 161 -13.14 -55.28 -27.79
C THR C 161 -14.67 -55.38 -27.84
N PRO C 162 -15.25 -56.50 -27.38
CA PRO C 162 -16.72 -56.62 -27.41
C PRO C 162 -17.46 -55.53 -26.64
N LYS C 163 -16.90 -54.97 -25.57
CA LYS C 163 -17.63 -53.97 -24.82
C LYS C 163 -17.16 -52.56 -25.11
N THR C 164 -16.40 -52.36 -26.19
CA THR C 164 -15.81 -51.03 -26.43
C THR C 164 -16.90 -49.99 -26.60
N PHE C 165 -17.92 -50.30 -27.40
CA PHE C 165 -19.04 -49.40 -27.61
C PHE C 165 -19.71 -49.04 -26.29
N GLU C 166 -20.19 -50.04 -25.56
CA GLU C 166 -20.81 -49.81 -24.26
C GLU C 166 -19.95 -48.90 -23.40
N ILE C 167 -18.65 -49.22 -23.30
CA ILE C 167 -17.73 -48.41 -22.50
C ILE C 167 -17.74 -46.96 -22.99
N LEU C 168 -17.52 -46.78 -24.29
CA LEU C 168 -17.50 -45.42 -24.85
C LEU C 168 -18.77 -44.66 -24.53
N ILE C 169 -19.93 -45.33 -24.63
CA ILE C 169 -21.19 -44.67 -24.35
C ILE C 169 -21.34 -44.41 -22.85
N ARG C 170 -20.84 -45.33 -22.01
CA ARG C 170 -20.95 -45.10 -20.58
C ARG C 170 -20.12 -43.90 -20.17
N ASP C 171 -18.88 -43.79 -20.69
CA ASP C 171 -18.02 -42.64 -20.38
C ASP C 171 -18.68 -41.34 -20.81
N CYS C 172 -19.32 -41.35 -22.00
CA CYS C 172 -19.95 -40.13 -22.51
C CYS C 172 -21.18 -39.75 -21.70
N ALA C 173 -21.96 -40.74 -21.27
CA ALA C 173 -23.13 -40.45 -20.47
C ALA C 173 -22.75 -39.93 -19.08
N THR C 174 -21.68 -40.48 -18.50
CA THR C 174 -21.22 -40.02 -17.19
C THR C 174 -20.89 -38.53 -17.23
N THR C 175 -20.20 -38.09 -18.27
CA THR C 175 -19.80 -36.68 -18.38
C THR C 175 -20.92 -35.79 -18.92
N LEU C 176 -21.99 -36.36 -19.50
CA LEU C 176 -23.11 -35.55 -19.99
C LEU C 176 -24.22 -35.42 -18.96
N PHE C 177 -24.58 -36.52 -18.31
CA PHE C 177 -25.62 -36.54 -17.26
C PHE C 177 -25.19 -35.82 -15.99
N ASN C 178 -23.90 -35.55 -15.82
CA ASN C 178 -23.43 -34.84 -14.63
C ASN C 178 -23.01 -33.44 -15.02
N PRO C 179 -23.73 -32.41 -14.57
CA PRO C 179 -23.16 -31.04 -14.56
C PRO C 179 -22.10 -30.84 -13.48
N ALA C 180 -20.81 -30.89 -13.85
CA ALA C 180 -19.73 -30.46 -12.96
C ALA C 180 -19.00 -29.30 -13.62
N LYS C 181 -18.99 -28.15 -12.94
CA LYS C 181 -18.36 -26.95 -13.50
C LYS C 181 -16.94 -27.24 -13.96
N ALA C 182 -16.10 -27.75 -13.04
CA ALA C 182 -14.77 -28.24 -13.37
C ALA C 182 -14.82 -29.76 -13.42
N HIS C 183 -14.58 -30.33 -14.61
CA HIS C 183 -14.77 -31.76 -14.84
C HIS C 183 -13.50 -32.34 -15.42
N PHE C 184 -12.92 -33.29 -14.68
CA PHE C 184 -11.67 -33.95 -15.06
C PHE C 184 -12.00 -35.42 -15.27
N SER C 185 -11.92 -35.88 -16.52
CA SER C 185 -12.27 -37.25 -16.82
C SER C 185 -11.08 -37.98 -17.43
N PHE C 186 -10.86 -39.20 -16.95
CA PHE C 186 -9.73 -40.04 -17.30
C PHE C 186 -10.28 -41.25 -18.05
N GLY C 187 -10.35 -41.12 -19.37
CA GLY C 187 -10.73 -42.26 -20.18
C GLY C 187 -9.84 -42.42 -21.40
N LEU C 188 -10.39 -43.04 -22.45
CA LEU C 188 -9.62 -43.27 -23.66
C LEU C 188 -9.60 -41.98 -24.49
N PRO C 189 -8.67 -41.84 -25.41
CA PRO C 189 -8.42 -40.51 -25.99
C PRO C 189 -9.45 -40.21 -27.08
N SER C 190 -9.30 -39.05 -27.71
CA SER C 190 -10.35 -38.54 -28.58
C SER C 190 -9.85 -37.60 -29.67
N HIS C 191 -8.93 -36.70 -29.33
CA HIS C 191 -8.59 -35.57 -30.20
C HIS C 191 -8.07 -36.01 -31.58
N HIS C 192 -7.95 -37.31 -31.80
CA HIS C 192 -7.66 -37.83 -33.13
C HIS C 192 -8.89 -38.33 -33.88
N ALA C 193 -9.94 -38.77 -33.18
CA ALA C 193 -11.13 -39.29 -33.84
C ALA C 193 -11.79 -38.24 -34.74
N TYR C 194 -12.01 -38.61 -36.01
CA TYR C 194 -12.74 -37.82 -36.99
C TYR C 194 -14.23 -38.18 -37.00
N THR C 195 -15.05 -37.28 -37.57
CA THR C 195 -16.46 -37.57 -37.83
C THR C 195 -16.64 -38.90 -38.53
N GLN C 196 -15.84 -39.14 -39.56
CA GLN C 196 -16.04 -40.28 -40.42
C GLN C 196 -14.94 -41.34 -40.35
N MET C 197 -13.79 -41.04 -39.73
CA MET C 197 -12.67 -41.97 -39.61
C MET C 197 -12.17 -41.97 -38.17
N GLY C 198 -11.70 -43.13 -37.71
CA GLY C 198 -11.09 -43.21 -36.39
C GLY C 198 -9.57 -43.35 -36.44
N SER C 199 -8.84 -42.36 -35.95
CA SER C 199 -7.40 -42.33 -36.15
C SER C 199 -6.65 -42.33 -34.83
N GLY C 200 -5.44 -42.90 -34.88
CA GLY C 200 -4.50 -42.99 -33.77
C GLY C 200 -5.06 -43.10 -32.37
N PHE C 201 -5.37 -44.33 -31.95
CA PHE C 201 -5.67 -44.63 -30.55
C PHE C 201 -7.02 -44.09 -30.09
N CYS C 202 -7.63 -43.20 -30.87
CA CYS C 202 -8.91 -42.57 -30.55
C CYS C 202 -10.04 -43.13 -31.39
N LEU C 203 -11.21 -43.31 -30.76
CA LEU C 203 -12.38 -43.91 -31.40
C LEU C 203 -13.50 -42.91 -31.66
N ILE C 204 -13.96 -42.19 -30.64
CA ILE C 204 -14.93 -41.11 -30.82
C ILE C 204 -14.36 -39.84 -30.20
N ASN C 205 -14.61 -38.71 -30.84
CA ASN C 205 -14.12 -37.42 -30.37
C ASN C 205 -15.10 -36.89 -29.34
N LYS C 206 -14.76 -37.10 -28.07
CA LYS C 206 -15.69 -36.87 -26.97
C LYS C 206 -15.87 -35.40 -26.65
N THR C 207 -14.78 -34.62 -26.72
CA THR C 207 -14.89 -33.20 -26.42
C THR C 207 -15.73 -32.48 -27.47
N ALA C 208 -15.71 -32.96 -28.72
CA ALA C 208 -16.57 -32.39 -29.75
C ALA C 208 -18.06 -32.60 -29.43
N MET C 209 -18.41 -33.78 -28.90
CA MET C 209 -19.75 -33.97 -28.37
C MET C 209 -20.05 -33.01 -27.23
N LEU C 210 -19.17 -33.00 -26.20
CA LEU C 210 -19.38 -32.13 -25.03
C LEU C 210 -19.53 -30.67 -25.43
N MET C 211 -18.85 -30.23 -26.49
CA MET C 211 -19.09 -28.89 -27.02
C MET C 211 -20.44 -28.80 -27.74
N LYS C 212 -20.77 -29.80 -28.57
CA LYS C 212 -22.07 -29.78 -29.23
C LYS C 212 -23.20 -29.62 -28.22
N GLN C 213 -23.13 -30.35 -27.10
CA GLN C 213 -24.09 -30.13 -26.04
C GLN C 213 -24.02 -28.70 -25.52
N ALA C 214 -22.82 -28.15 -25.35
CA ALA C 214 -22.69 -26.81 -24.80
C ALA C 214 -23.51 -25.78 -25.57
N GLU C 215 -23.66 -25.95 -26.89
CA GLU C 215 -24.49 -25.03 -27.67
C GLU C 215 -25.98 -25.25 -27.39
N LEU C 216 -26.42 -26.50 -27.30
CA LEU C 216 -27.84 -26.84 -27.17
C LEU C 216 -28.30 -26.86 -25.71
N SER C 217 -27.74 -26.01 -24.85
CA SER C 217 -28.05 -26.03 -23.42
C SER C 217 -28.22 -24.66 -22.80
N SER C 218 -27.66 -23.60 -23.36
CA SER C 218 -27.70 -22.27 -22.77
C SER C 218 -28.59 -21.35 -23.59
N ALA C 219 -29.06 -20.28 -22.94
CA ALA C 219 -29.89 -19.28 -23.62
C ALA C 219 -29.16 -18.73 -24.83
N GLN C 220 -27.90 -18.30 -24.65
CA GLN C 220 -27.01 -17.93 -25.72
C GLN C 220 -25.82 -18.88 -25.75
N PRO C 221 -25.31 -19.23 -26.93
CA PRO C 221 -24.18 -20.18 -27.01
C PRO C 221 -22.88 -19.56 -26.52
N PRO C 222 -22.17 -20.24 -25.62
CA PRO C 222 -21.01 -19.62 -24.98
C PRO C 222 -19.81 -19.57 -25.93
N LYS C 223 -18.87 -18.69 -25.59
CA LYS C 223 -17.57 -18.69 -26.24
C LYS C 223 -16.83 -19.97 -25.87
N PHE C 224 -16.21 -20.60 -26.88
CA PHE C 224 -15.46 -21.82 -26.67
C PHE C 224 -13.98 -21.49 -26.78
N VAL C 225 -13.24 -21.79 -25.74
CA VAL C 225 -11.79 -21.73 -25.72
C VAL C 225 -11.28 -23.13 -25.48
N ILE C 226 -10.40 -23.59 -26.35
CA ILE C 226 -9.90 -24.96 -26.33
C ILE C 226 -8.37 -24.95 -26.35
N ILE C 227 -7.75 -25.30 -25.23
CA ILE C 227 -6.30 -25.43 -25.17
C ILE C 227 -5.98 -26.91 -25.05
N GLY C 228 -5.24 -27.43 -26.02
CA GLY C 228 -4.97 -28.85 -26.06
C GLY C 228 -3.48 -29.08 -26.17
N THR C 229 -2.92 -29.82 -25.21
CA THR C 229 -1.49 -29.78 -24.93
C THR C 229 -0.76 -31.09 -25.19
N ASP C 230 -1.47 -32.18 -25.48
CA ASP C 230 -0.91 -33.39 -26.09
C ASP C 230 0.24 -33.04 -27.05
N VAL C 231 1.28 -33.87 -27.12
CA VAL C 231 2.39 -33.47 -27.98
C VAL C 231 2.01 -33.60 -29.44
N ASN C 232 1.03 -34.46 -29.74
CA ASN C 232 0.51 -34.65 -31.09
C ASN C 232 -0.62 -33.68 -31.39
N ARG C 233 -0.75 -33.31 -32.67
CA ARG C 233 -1.76 -32.36 -33.09
C ARG C 233 -3.18 -32.87 -32.83
N ASP C 234 -4.11 -31.94 -32.58
CA ASP C 234 -5.55 -32.26 -32.50
C ASP C 234 -6.19 -32.21 -33.89
N ASN C 235 -5.80 -33.16 -34.74
CA ASN C 235 -6.29 -33.13 -36.13
C ASN C 235 -7.77 -33.48 -36.19
N GLY C 236 -8.14 -34.65 -35.66
CA GLY C 236 -9.53 -35.01 -35.46
C GLY C 236 -10.43 -33.86 -35.04
N LEU C 237 -10.21 -33.29 -33.87
CA LEU C 237 -11.08 -32.22 -33.41
C LEU C 237 -11.02 -31.03 -34.35
N CYS C 238 -9.84 -30.73 -34.91
CA CYS C 238 -9.70 -29.60 -35.83
C CYS C 238 -10.64 -29.71 -37.02
N ASP C 239 -10.82 -30.94 -37.52
CA ASP C 239 -11.66 -31.15 -38.69
C ASP C 239 -13.14 -31.10 -38.33
N ILE C 240 -13.55 -31.89 -37.32
CA ILE C 240 -14.94 -31.86 -36.86
C ILE C 240 -15.37 -30.44 -36.54
N LEU C 241 -14.45 -29.58 -36.11
CA LEU C 241 -14.83 -28.18 -35.89
C LEU C 241 -15.00 -27.45 -37.22
N ARG C 242 -13.99 -27.56 -38.10
CA ARG C 242 -14.03 -26.83 -39.36
C ARG C 242 -15.26 -27.17 -40.21
N HIS C 243 -15.78 -28.40 -40.09
CA HIS C 243 -16.93 -28.80 -40.89
C HIS C 243 -18.23 -28.36 -40.26
N SER C 244 -18.48 -28.77 -39.02
CA SER C 244 -19.81 -28.76 -38.44
C SER C 244 -20.00 -27.79 -37.30
N PHE C 245 -18.93 -27.17 -36.80
CA PHE C 245 -19.04 -26.28 -35.65
C PHE C 245 -18.64 -24.85 -35.95
N SER C 246 -18.01 -24.58 -37.10
CA SER C 246 -17.40 -23.28 -37.39
C SER C 246 -18.37 -22.11 -37.25
N HIS C 247 -19.69 -22.37 -37.18
CA HIS C 247 -20.64 -21.30 -36.91
C HIS C 247 -20.58 -20.83 -35.46
N LEU C 248 -20.11 -21.68 -34.55
CA LEU C 248 -19.96 -21.30 -33.16
C LEU C 248 -18.68 -20.50 -32.95
N SER C 249 -18.74 -19.50 -32.07
CA SER C 249 -17.56 -18.71 -31.75
C SER C 249 -16.57 -19.57 -30.98
N ILE C 250 -15.36 -19.74 -31.53
CA ILE C 250 -14.41 -20.73 -31.02
C ILE C 250 -13.00 -20.22 -31.22
N CYS C 251 -12.24 -20.19 -30.13
CA CYS C 251 -10.79 -20.02 -30.15
C CYS C 251 -10.18 -21.38 -29.85
N HIS C 252 -9.30 -21.85 -30.73
CA HIS C 252 -8.75 -23.20 -30.65
C HIS C 252 -7.22 -23.12 -30.70
N ILE C 253 -6.56 -23.37 -29.56
CA ILE C 253 -5.12 -23.22 -29.40
C ILE C 253 -4.52 -24.63 -29.36
N ASP C 254 -3.81 -25.01 -30.43
CA ASP C 254 -3.31 -26.37 -30.63
C ASP C 254 -1.79 -26.34 -30.51
N VAL C 255 -1.28 -26.98 -29.46
CA VAL C 255 0.13 -27.05 -29.16
C VAL C 255 0.56 -28.46 -29.53
N PHE C 256 1.51 -28.57 -30.47
CA PHE C 256 1.88 -29.88 -30.99
C PHE C 256 3.25 -29.76 -31.63
N ASP C 257 3.90 -30.90 -31.77
CA ASP C 257 5.22 -30.98 -32.43
C ASP C 257 5.02 -31.50 -33.86
N SER C 258 5.28 -30.63 -34.84
CA SER C 258 5.14 -30.93 -36.26
C SER C 258 6.09 -32.01 -36.75
N ARG C 259 6.96 -32.57 -35.91
CA ARG C 259 7.89 -33.60 -36.34
C ARG C 259 7.54 -34.98 -35.80
N VAL C 260 6.65 -35.06 -34.81
CA VAL C 260 6.12 -36.34 -34.36
C VAL C 260 4.70 -36.45 -34.90
N TYR C 261 4.02 -37.55 -34.56
CA TYR C 261 2.69 -37.83 -35.09
C TYR C 261 1.77 -36.62 -34.91
N PRO C 262 0.87 -36.34 -35.89
CA PRO C 262 0.78 -36.90 -37.25
C PRO C 262 1.44 -36.03 -38.33
N GLN C 263 2.74 -35.76 -38.19
CA GLN C 263 3.61 -35.11 -39.17
C GLN C 263 2.97 -34.03 -40.04
N GLN C 264 1.91 -33.40 -39.54
CA GLN C 264 1.22 -32.35 -40.30
C GLN C 264 1.81 -30.99 -39.90
N ASP C 265 2.76 -30.52 -40.72
CA ASP C 265 3.37 -29.21 -40.54
C ASP C 265 2.48 -28.10 -41.11
N PHE C 266 2.95 -26.86 -40.98
CA PHE C 266 2.13 -25.71 -41.36
C PHE C 266 1.61 -25.79 -42.78
N ALA C 267 2.36 -26.45 -43.67
CA ALA C 267 1.90 -26.63 -45.05
C ALA C 267 0.57 -27.38 -45.10
N TYR C 268 0.52 -28.57 -44.49
CA TYR C 268 -0.66 -29.41 -44.55
C TYR C 268 -1.92 -28.67 -44.09
N ILE C 269 -1.83 -27.83 -43.06
CA ILE C 269 -3.04 -27.16 -42.60
C ILE C 269 -3.53 -26.13 -43.61
N ASN C 270 -2.64 -25.65 -44.49
CA ASN C 270 -3.07 -24.75 -45.56
C ASN C 270 -4.01 -25.46 -46.54
N ASN C 271 -3.55 -26.55 -47.18
CA ASN C 271 -4.41 -27.23 -48.16
C ASN C 271 -5.65 -27.85 -47.54
N GLU C 272 -5.65 -28.08 -46.23
CA GLU C 272 -6.85 -28.61 -45.58
C GLU C 272 -7.73 -27.51 -45.02
N PHE C 273 -7.23 -26.28 -44.93
CA PHE C 273 -8.01 -25.11 -44.57
C PHE C 273 -8.16 -24.16 -45.74
N ASN C 274 -7.51 -24.48 -46.87
CA ASN C 274 -7.66 -23.75 -48.14
C ASN C 274 -7.49 -22.24 -47.94
N SER C 275 -6.63 -21.87 -47.00
CA SER C 275 -6.25 -20.48 -46.77
C SER C 275 -4.84 -20.49 -46.18
N GLU C 276 -4.12 -19.39 -46.37
CA GLU C 276 -2.74 -19.29 -45.90
C GLU C 276 -2.74 -18.62 -44.53
N GLY C 277 -2.36 -19.37 -43.50
CA GLY C 277 -2.37 -18.83 -42.16
C GLY C 277 -1.41 -17.66 -42.01
N VAL C 278 -1.80 -16.68 -41.21
CA VAL C 278 -0.98 -15.51 -40.96
C VAL C 278 -0.09 -15.79 -39.76
N ASP C 279 1.19 -15.43 -39.86
CA ASP C 279 2.15 -15.59 -38.76
C ASP C 279 1.98 -14.41 -37.81
N ILE C 280 1.26 -14.62 -36.71
CA ILE C 280 1.10 -13.54 -35.75
C ILE C 280 2.44 -13.21 -35.09
N GLY C 281 3.25 -14.23 -34.84
CA GLY C 281 4.57 -14.01 -34.29
C GLY C 281 5.26 -15.34 -34.05
N LYS C 282 6.51 -15.23 -33.59
CA LYS C 282 7.33 -16.34 -33.10
C LYS C 282 7.03 -17.70 -33.74
N ASN C 283 6.64 -17.68 -35.03
CA ASN C 283 6.35 -18.89 -35.81
C ASN C 283 5.18 -19.66 -35.19
N ILE C 284 4.09 -18.94 -34.96
CA ILE C 284 2.77 -19.51 -34.68
C ILE C 284 1.80 -18.87 -35.65
N HIS C 285 1.22 -19.69 -36.52
CA HIS C 285 0.29 -19.18 -37.52
C HIS C 285 -1.15 -19.50 -37.10
N VAL C 286 -2.08 -18.63 -37.49
CA VAL C 286 -3.48 -18.77 -37.15
C VAL C 286 -4.27 -18.90 -38.45
N TRP C 287 -5.35 -19.70 -38.41
CA TRP C 287 -6.25 -19.88 -39.55
C TRP C 287 -7.67 -19.53 -39.12
N HIS C 288 -8.43 -18.93 -40.03
CA HIS C 288 -9.77 -18.43 -39.74
C HIS C 288 -10.81 -19.05 -40.67
N HIS C 289 -11.98 -19.34 -40.12
CA HIS C 289 -13.04 -20.01 -40.86
C HIS C 289 -14.34 -19.74 -40.12
N ASN C 290 -15.17 -18.87 -40.69
CA ASN C 290 -16.44 -18.46 -40.08
C ASN C 290 -16.22 -17.94 -38.66
N ASN C 291 -16.51 -18.76 -37.65
CA ASN C 291 -16.35 -18.33 -36.27
C ASN C 291 -15.36 -19.20 -35.49
N LEU C 292 -14.67 -20.13 -36.15
CA LEU C 292 -13.63 -20.94 -35.54
C LEU C 292 -12.26 -20.36 -35.91
N ASN C 293 -11.52 -19.91 -34.90
CA ASN C 293 -10.13 -19.51 -35.05
C ASN C 293 -9.26 -20.66 -34.58
N TYR C 294 -8.21 -20.94 -35.34
CA TYR C 294 -7.37 -22.11 -35.07
C TYR C 294 -5.91 -21.67 -35.11
N TYR C 295 -5.29 -21.58 -33.92
CA TYR C 295 -3.88 -21.27 -33.78
C TYR C 295 -3.06 -22.54 -33.67
N ALA C 296 -1.96 -22.60 -34.41
CA ALA C 296 -1.09 -23.77 -34.46
C ALA C 296 0.25 -23.41 -33.82
N VAL C 297 0.40 -23.84 -32.58
CA VAL C 297 1.61 -23.62 -31.79
C VAL C 297 2.55 -24.79 -32.05
N ASP C 298 3.63 -24.56 -32.80
CA ASP C 298 4.55 -25.62 -33.19
C ASP C 298 5.71 -25.70 -32.20
N LEU C 299 5.67 -26.69 -31.31
CA LEU C 299 6.76 -26.88 -30.35
C LEU C 299 8.11 -27.04 -31.04
N SER C 300 8.15 -27.17 -32.36
CA SER C 300 9.42 -27.28 -33.07
C SER C 300 10.10 -25.94 -33.23
N LEU C 301 9.32 -24.87 -33.37
CA LEU C 301 9.87 -23.53 -33.57
C LEU C 301 9.71 -22.69 -32.32
N THR C 302 8.48 -22.55 -31.83
CA THR C 302 8.20 -21.78 -30.62
C THR C 302 8.78 -22.53 -29.42
N SER C 303 10.10 -22.38 -29.23
CA SER C 303 10.83 -23.17 -28.24
C SER C 303 11.33 -22.31 -27.08
N ARG C 304 11.73 -23.00 -26.02
CA ARG C 304 12.07 -22.36 -24.76
C ARG C 304 13.24 -21.38 -24.90
N LYS C 305 13.07 -20.17 -24.37
CA LYS C 305 14.13 -19.15 -24.34
C LYS C 305 14.73 -19.06 -22.94
N SER C 306 15.52 -20.07 -22.63
CA SER C 306 16.23 -20.22 -21.35
C SER C 306 15.19 -20.25 -20.21
N VAL C 307 15.63 -19.87 -19.01
CA VAL C 307 14.81 -19.95 -17.82
C VAL C 307 13.48 -19.18 -18.01
N GLY C 308 12.44 -19.71 -17.39
CA GLY C 308 11.11 -19.15 -17.53
C GLY C 308 10.15 -20.18 -18.08
N VAL C 309 8.85 -19.98 -17.82
CA VAL C 309 7.85 -20.93 -18.31
C VAL C 309 7.91 -20.97 -19.83
N HIS C 310 7.78 -22.19 -20.38
CA HIS C 310 7.91 -22.45 -21.81
C HIS C 310 7.01 -21.54 -22.64
N PRO C 311 7.53 -20.91 -23.71
CA PRO C 311 6.75 -19.89 -24.43
C PRO C 311 5.40 -20.37 -24.97
N ALA C 312 5.28 -21.66 -25.32
CA ALA C 312 4.01 -22.18 -25.81
C ALA C 312 2.92 -22.12 -24.75
N LEU C 313 3.26 -22.50 -23.51
CA LEU C 313 2.27 -22.44 -22.43
C LEU C 313 2.03 -21.03 -21.94
N LEU C 314 3.03 -20.14 -22.05
CA LEU C 314 2.76 -18.73 -21.84
C LEU C 314 1.63 -18.29 -22.77
N PHE C 315 1.86 -18.30 -24.10
CA PHE C 315 0.90 -17.96 -25.17
C PHE C 315 -0.54 -18.37 -24.85
N ALA C 316 -0.75 -19.65 -24.57
CA ALA C 316 -2.09 -20.11 -24.19
C ALA C 316 -2.69 -19.22 -23.12
N LEU C 317 -1.90 -18.85 -22.10
CA LEU C 317 -2.47 -18.22 -20.91
C LEU C 317 -2.90 -16.78 -21.16
N GLU C 318 -2.04 -15.95 -21.79
CA GLU C 318 -2.53 -14.59 -22.06
C GLU C 318 -3.51 -14.56 -23.22
N GLN C 319 -3.64 -15.64 -23.99
CA GLN C 319 -4.77 -15.72 -24.90
C GLN C 319 -6.06 -15.94 -24.14
N LEU C 320 -6.08 -16.94 -23.27
CA LEU C 320 -7.23 -17.16 -22.39
C LEU C 320 -7.51 -15.91 -21.57
N LYS C 321 -6.46 -15.24 -21.07
CA LYS C 321 -6.63 -13.97 -20.37
C LYS C 321 -7.32 -12.94 -21.28
N GLU C 322 -6.95 -12.91 -22.56
CA GLU C 322 -7.64 -12.04 -23.51
C GLU C 322 -9.09 -12.47 -23.71
N SER C 323 -9.31 -13.76 -23.98
CA SER C 323 -10.65 -14.23 -24.30
C SER C 323 -11.65 -13.98 -23.17
N ILE C 324 -11.20 -13.95 -21.91
CA ILE C 324 -12.13 -13.67 -20.82
C ILE C 324 -12.29 -12.17 -20.62
N ARG C 325 -11.29 -11.38 -20.98
CA ARG C 325 -11.37 -9.95 -20.77
C ARG C 325 -12.31 -9.29 -21.77
N GLU C 326 -12.54 -9.94 -22.91
CA GLU C 326 -13.57 -9.52 -23.86
C GLU C 326 -14.91 -10.18 -23.59
N ALA C 327 -14.89 -11.40 -23.06
CA ALA C 327 -16.12 -12.13 -22.79
C ALA C 327 -16.82 -11.64 -21.52
N LYS C 328 -16.09 -11.09 -20.55
CA LYS C 328 -16.79 -10.49 -19.42
C LYS C 328 -17.28 -9.10 -19.76
N ALA C 329 -16.55 -8.40 -20.64
CA ALA C 329 -16.96 -7.07 -21.07
C ALA C 329 -18.36 -7.09 -21.69
N LYS C 330 -18.54 -7.84 -22.78
CA LYS C 330 -19.85 -7.95 -23.43
C LYS C 330 -20.76 -9.03 -22.82
N GLY C 331 -20.51 -9.43 -21.58
CA GLY C 331 -21.49 -10.17 -20.80
C GLY C 331 -21.98 -11.51 -21.31
N GLN C 332 -21.09 -12.31 -21.90
CA GLN C 332 -21.38 -13.72 -22.20
C GLN C 332 -20.33 -14.60 -21.51
N LYS C 333 -20.36 -15.90 -21.84
CA LYS C 333 -19.71 -16.91 -21.02
C LYS C 333 -18.73 -17.70 -21.86
N ILE C 334 -17.69 -18.23 -21.19
CA ILE C 334 -16.69 -19.08 -21.80
C ILE C 334 -16.87 -20.50 -21.27
N ALA C 335 -16.82 -21.46 -22.18
CA ALA C 335 -16.66 -22.86 -21.86
C ALA C 335 -15.26 -23.26 -22.34
N LEU C 336 -14.51 -23.94 -21.48
CA LEU C 336 -13.07 -24.07 -21.61
C LEU C 336 -12.72 -25.54 -21.64
N TYR C 337 -12.00 -25.97 -22.69
CA TYR C 337 -11.84 -27.39 -22.98
C TYR C 337 -10.36 -27.73 -23.11
N LEU C 338 -9.89 -28.65 -22.25
CA LEU C 338 -8.51 -29.12 -22.25
C LEU C 338 -8.40 -30.57 -22.70
N PRO C 339 -8.16 -30.83 -24.00
CA PRO C 339 -7.65 -32.13 -24.42
C PRO C 339 -6.18 -32.26 -24.04
N THR C 340 -5.93 -32.51 -22.76
CA THR C 340 -4.59 -32.45 -22.18
C THR C 340 -3.87 -33.78 -22.37
N GLY C 341 -2.65 -33.72 -22.88
CA GLY C 341 -1.81 -34.89 -22.97
C GLY C 341 -0.52 -34.66 -22.22
N TRP C 342 0.03 -35.71 -21.62
CA TRP C 342 1.29 -35.58 -20.91
C TRP C 342 2.47 -36.09 -21.70
N ASP C 343 2.26 -36.57 -22.91
CA ASP C 343 3.35 -36.93 -23.80
C ASP C 343 4.07 -35.73 -24.36
N SER C 344 3.70 -34.52 -23.95
CA SER C 344 4.45 -33.32 -24.26
C SER C 344 5.51 -33.02 -23.21
N HIS C 345 5.81 -33.99 -22.35
CA HIS C 345 6.77 -33.85 -21.26
C HIS C 345 8.15 -34.33 -21.72
N GLU C 346 9.19 -33.71 -21.16
CA GLU C 346 10.56 -34.09 -21.49
C GLU C 346 10.88 -35.49 -20.99
N ASP C 347 10.22 -35.94 -19.93
CA ASP C 347 10.41 -37.30 -19.44
C ASP C 347 9.60 -38.34 -20.20
N GLU C 348 8.81 -37.93 -21.20
CA GLU C 348 8.10 -38.90 -22.03
C GLU C 348 9.08 -39.77 -22.81
N THR C 349 8.88 -41.09 -22.75
CA THR C 349 9.65 -42.05 -23.52
C THR C 349 8.90 -42.61 -24.72
N ALA C 350 7.62 -42.26 -24.87
CA ALA C 350 6.80 -42.82 -25.95
C ALA C 350 7.40 -42.47 -27.30
N TYR C 351 7.38 -43.46 -28.21
CA TYR C 351 7.95 -43.26 -29.54
C TYR C 351 7.22 -42.15 -30.29
N CYS C 352 5.90 -42.12 -30.20
CA CYS C 352 5.14 -41.05 -30.84
C CYS C 352 5.32 -39.71 -30.14
N GLY C 353 6.05 -39.68 -29.04
CA GLY C 353 6.34 -38.43 -28.37
C GLY C 353 7.71 -37.88 -28.71
N LYS C 354 8.75 -38.72 -28.62
CA LYS C 354 10.13 -38.23 -28.66
C LYS C 354 10.84 -38.49 -29.98
N PHE C 355 10.56 -39.60 -30.68
CA PHE C 355 11.33 -39.95 -31.86
C PHE C 355 11.17 -38.90 -32.96
N VAL C 356 12.24 -38.13 -33.20
CA VAL C 356 12.23 -37.04 -34.15
C VAL C 356 13.40 -37.20 -35.13
N ASN C 357 13.12 -37.03 -36.42
CA ASN C 357 14.14 -36.85 -37.46
C ASN C 357 15.23 -37.93 -37.41
N GLY C 358 14.86 -39.13 -36.96
CA GLY C 358 15.75 -40.29 -37.05
C GLY C 358 16.27 -40.83 -35.73
N ARG C 359 16.08 -40.14 -34.61
CA ARG C 359 16.55 -40.68 -33.33
C ARG C 359 15.61 -40.25 -32.21
N MET C 360 15.68 -41.00 -31.10
CA MET C 360 14.98 -40.60 -29.89
C MET C 360 15.64 -39.33 -29.35
N MET C 361 14.81 -38.33 -29.04
CA MET C 361 15.32 -37.01 -28.67
C MET C 361 16.10 -37.07 -27.36
N GLY C 362 17.28 -36.43 -27.36
CA GLY C 362 18.16 -36.51 -26.21
C GLY C 362 17.74 -35.60 -25.07
N LYS C 363 18.39 -35.81 -23.91
CA LYS C 363 18.14 -35.05 -22.69
C LYS C 363 18.04 -33.55 -22.92
N THR C 364 19.14 -32.93 -23.33
CA THR C 364 19.18 -31.48 -23.44
C THR C 364 18.29 -30.96 -24.57
N ALA C 365 18.07 -31.76 -25.61
CA ALA C 365 17.12 -31.41 -26.66
C ALA C 365 15.69 -31.39 -26.13
N ALA C 366 15.23 -32.53 -25.59
CA ALA C 366 13.90 -32.63 -25.01
C ALA C 366 13.65 -31.65 -23.87
N HIS C 367 14.70 -31.09 -23.29
CA HIS C 367 14.51 -30.02 -22.32
C HIS C 367 13.95 -28.76 -22.97
N GLN C 368 14.19 -28.57 -24.25
CA GLN C 368 13.86 -27.31 -24.90
C GLN C 368 12.52 -27.33 -25.64
N PHE C 369 12.19 -28.43 -26.32
CA PHE C 369 10.95 -28.53 -27.07
C PHE C 369 9.86 -29.28 -26.32
N ARG C 370 10.08 -29.61 -25.04
CA ARG C 370 9.02 -30.18 -24.21
C ARG C 370 8.83 -29.37 -22.94
N PHE C 371 8.02 -29.90 -22.03
CA PHE C 371 7.64 -29.20 -20.81
C PHE C 371 8.25 -29.90 -19.60
N ASN C 372 8.27 -29.20 -18.48
CA ASN C 372 8.63 -29.82 -17.21
C ASN C 372 7.59 -29.45 -16.16
N ASP C 373 7.66 -30.17 -15.03
CA ASP C 373 6.78 -29.91 -13.89
C ASP C 373 6.63 -28.43 -13.58
N GLY C 374 7.69 -27.64 -13.79
CA GLY C 374 7.56 -26.21 -13.62
C GLY C 374 6.50 -25.60 -14.52
N ASP C 375 6.56 -25.91 -15.82
CA ASP C 375 5.59 -25.35 -16.77
C ASP C 375 4.17 -25.80 -16.47
N LEU C 376 3.96 -27.12 -16.40
CA LEU C 376 2.61 -27.62 -16.15
C LEU C 376 2.10 -27.16 -14.79
N GLY C 377 2.95 -27.21 -13.75
CA GLY C 377 2.57 -26.65 -12.47
C GLY C 377 2.04 -25.24 -12.59
N TYR C 378 2.81 -24.36 -13.23
CA TYR C 378 2.37 -22.97 -13.43
C TYR C 378 1.04 -22.93 -14.16
N PHE C 379 0.94 -23.64 -15.28
CA PHE C 379 -0.23 -23.72 -16.13
C PHE C 379 -1.50 -23.93 -15.34
N TYR C 380 -1.62 -25.11 -14.71
CA TYR C 380 -2.80 -25.46 -13.92
C TYR C 380 -3.05 -24.44 -12.82
N GLU C 381 -2.00 -24.01 -12.12
CA GLU C 381 -2.16 -22.92 -11.16
C GLU C 381 -2.71 -21.67 -11.82
N SER C 382 -2.18 -21.32 -12.99
CA SER C 382 -2.63 -20.10 -13.67
C SER C 382 -4.07 -20.24 -14.15
N ILE C 383 -4.34 -21.25 -15.00
CA ILE C 383 -5.67 -21.60 -15.52
C ILE C 383 -6.73 -21.42 -14.44
N PHE C 384 -6.53 -22.11 -13.32
CA PHE C 384 -7.54 -22.19 -12.29
C PHE C 384 -7.68 -20.89 -11.52
N THR C 385 -6.66 -20.03 -11.54
CA THR C 385 -6.80 -18.71 -10.94
C THR C 385 -7.73 -17.84 -11.76
N LEU C 386 -7.42 -17.71 -13.07
CA LEU C 386 -8.33 -17.05 -13.99
C LEU C 386 -9.72 -17.59 -13.77
N TYR C 387 -9.84 -18.91 -13.61
CA TYR C 387 -11.17 -19.47 -13.37
C TYR C 387 -11.74 -19.00 -12.04
N ASN C 388 -10.91 -18.89 -11.01
CA ASN C 388 -11.47 -18.66 -9.68
C ASN C 388 -11.97 -17.24 -9.52
N GLU C 389 -11.44 -16.28 -10.29
CA GLU C 389 -12.13 -15.01 -10.47
C GLU C 389 -13.28 -15.11 -11.46
N ASN C 390 -12.99 -15.47 -12.67
CA ASN C 390 -13.98 -15.35 -13.74
C ASN C 390 -15.11 -16.35 -13.68
N LYS C 391 -15.62 -16.74 -12.49
CA LYS C 391 -16.86 -17.52 -12.38
C LYS C 391 -18.06 -16.78 -12.95
N ASP C 392 -18.01 -15.45 -12.98
CA ASP C 392 -19.03 -14.67 -13.67
C ASP C 392 -18.99 -14.88 -15.17
N CYS C 393 -17.80 -15.12 -15.73
CA CYS C 393 -17.65 -15.35 -17.17
C CYS C 393 -17.42 -16.80 -17.53
N VAL C 394 -16.45 -17.47 -16.91
CA VAL C 394 -16.14 -18.83 -17.32
C VAL C 394 -17.27 -19.76 -16.85
N ASP C 395 -17.96 -20.36 -17.82
CA ASP C 395 -19.03 -21.30 -17.52
C ASP C 395 -18.47 -22.63 -17.01
N THR C 396 -17.64 -23.28 -17.83
CA THR C 396 -17.23 -24.66 -17.65
C THR C 396 -15.73 -24.81 -17.90
N ILE C 397 -15.10 -25.72 -17.15
CA ILE C 397 -13.82 -26.28 -17.51
C ILE C 397 -14.00 -27.77 -17.63
N TYR C 398 -13.49 -28.32 -18.72
CA TYR C 398 -13.53 -29.75 -18.91
C TYR C 398 -12.17 -30.21 -19.38
N TRP C 399 -11.71 -31.30 -18.77
CA TRP C 399 -10.35 -31.81 -18.93
C TRP C 399 -10.39 -33.27 -19.38
N GLY C 400 -9.71 -33.57 -20.48
CA GLY C 400 -9.75 -34.92 -21.01
C GLY C 400 -8.39 -35.56 -21.15
N LEU C 401 -8.22 -36.66 -20.43
CA LEU C 401 -7.01 -37.47 -20.53
C LEU C 401 -6.82 -37.92 -21.98
N GLU C 402 -5.89 -37.29 -22.67
CA GLU C 402 -5.57 -37.62 -24.05
C GLU C 402 -4.44 -38.66 -24.09
N GLY C 403 -3.20 -38.19 -24.25
CA GLY C 403 -2.03 -39.06 -24.27
C GLY C 403 -1.05 -38.86 -23.12
N GLY C 404 0.16 -39.41 -23.25
CA GLY C 404 1.15 -39.36 -22.18
C GLY C 404 1.34 -40.72 -21.56
N TYR C 405 2.49 -41.37 -21.79
CA TYR C 405 2.40 -42.82 -21.65
C TYR C 405 3.41 -43.44 -20.70
N ASP C 406 4.65 -42.95 -20.66
CA ASP C 406 5.62 -43.46 -19.68
C ASP C 406 5.08 -43.34 -18.26
N ARG C 407 5.21 -44.40 -17.46
CA ARG C 407 4.41 -44.47 -16.24
C ARG C 407 4.92 -43.52 -15.15
N THR C 408 6.16 -43.68 -14.69
CA THR C 408 6.62 -42.85 -13.57
C THR C 408 6.57 -41.37 -13.91
N MET C 409 6.41 -41.03 -15.19
CA MET C 409 6.12 -39.66 -15.64
C MET C 409 4.68 -39.27 -15.36
N TYR C 410 3.72 -40.09 -15.80
CA TYR C 410 2.33 -39.69 -15.69
C TYR C 410 1.80 -39.87 -14.26
N GLU C 411 2.22 -40.93 -13.55
CA GLU C 411 1.86 -41.04 -12.13
C GLU C 411 2.29 -39.79 -11.37
N ARG C 412 3.49 -39.29 -11.67
CA ARG C 412 3.98 -38.02 -11.10
C ARG C 412 3.10 -36.83 -11.45
N GLU C 413 3.01 -36.53 -12.75
CA GLU C 413 2.15 -35.45 -13.26
C GLU C 413 0.76 -35.48 -12.66
N LEU C 414 0.13 -36.67 -12.64
CA LEU C 414 -1.18 -36.79 -12.03
C LEU C 414 -1.19 -36.19 -10.63
N LYS C 415 -0.16 -36.52 -9.82
CA LYS C 415 -0.08 -35.96 -8.47
C LYS C 415 0.10 -34.45 -8.49
N ILE C 416 0.95 -33.90 -9.36
CA ILE C 416 1.08 -32.45 -9.38
C ILE C 416 -0.27 -31.79 -9.71
N LEU C 417 -1.05 -32.42 -10.61
CA LEU C 417 -2.35 -31.85 -11.01
C LEU C 417 -3.40 -32.02 -9.92
N LEU C 418 -3.52 -33.23 -9.33
CA LEU C 418 -4.44 -33.42 -8.22
C LEU C 418 -4.14 -32.49 -7.05
N GLN C 419 -2.87 -32.15 -6.85
CA GLN C 419 -2.50 -31.18 -5.82
C GLN C 419 -3.01 -29.79 -6.20
N VAL C 420 -2.78 -29.36 -7.44
CA VAL C 420 -3.32 -28.08 -7.89
C VAL C 420 -4.83 -28.05 -7.73
N ILE C 421 -5.50 -29.19 -7.92
CA ILE C 421 -6.96 -29.20 -7.81
C ILE C 421 -7.37 -29.00 -6.36
N GLU C 422 -6.87 -29.84 -5.45
CA GLU C 422 -7.24 -29.70 -4.06
C GLU C 422 -6.92 -28.29 -3.53
N LYS C 423 -5.78 -27.74 -3.94
CA LYS C 423 -5.43 -26.36 -3.61
C LYS C 423 -6.53 -25.41 -4.07
N GLN C 424 -6.80 -25.39 -5.37
CA GLN C 424 -7.53 -24.31 -6.04
C GLN C 424 -9.04 -24.50 -6.08
N LEU C 425 -9.51 -25.68 -6.51
CA LEU C 425 -10.91 -25.86 -6.89
C LEU C 425 -11.72 -26.58 -5.84
N LEU C 426 -11.09 -27.38 -5.02
CA LEU C 426 -11.85 -28.10 -4.01
C LEU C 426 -12.20 -27.20 -2.84
N PRO C 427 -13.39 -27.36 -2.26
CA PRO C 427 -13.80 -26.52 -1.13
C PRO C 427 -12.78 -26.53 0.00
N LYS C 428 -12.75 -25.42 0.74
CA LYS C 428 -11.78 -25.19 1.80
C LYS C 428 -12.24 -25.92 3.06
N ASP C 429 -11.49 -26.96 3.46
CA ASP C 429 -11.80 -27.72 4.67
C ASP C 429 -10.70 -27.58 5.74
N GLU D 38 18.62 37.21 8.03
CA GLU D 38 19.21 36.91 9.35
C GLU D 38 18.13 36.80 10.44
N GLU D 39 16.91 37.23 10.11
CA GLU D 39 15.80 37.16 11.07
C GLU D 39 15.11 35.79 11.09
N CYS D 40 15.37 34.95 10.11
CA CYS D 40 14.89 33.58 10.15
C CYS D 40 15.81 32.72 9.30
N ALA D 41 16.09 31.52 9.79
CA ALA D 41 16.94 30.56 9.07
C ALA D 41 16.43 29.14 9.35
N ILE D 42 16.48 28.28 8.33
CA ILE D 42 16.12 26.88 8.49
C ILE D 42 17.40 26.05 8.36
N GLN D 43 17.71 25.29 9.41
CA GLN D 43 18.98 24.60 9.54
C GLN D 43 18.79 23.12 9.23
N ILE D 44 19.54 22.63 8.25
CA ILE D 44 19.50 21.21 7.90
C ILE D 44 20.90 20.64 8.02
N PRO D 45 21.05 19.34 8.26
CA PRO D 45 22.37 18.72 8.14
C PRO D 45 22.89 18.84 6.73
N SER D 46 24.20 18.99 6.60
CA SER D 46 24.81 19.02 5.28
C SER D 46 24.65 17.65 4.63
N GLU D 47 25.11 17.54 3.38
CA GLU D 47 25.05 16.27 2.69
C GLU D 47 25.86 15.23 3.46
N ILE D 48 27.19 15.41 3.49
CA ILE D 48 28.07 14.44 4.16
C ILE D 48 27.68 14.27 5.63
N ASP D 49 27.23 15.34 6.28
CA ASP D 49 26.83 15.24 7.68
C ASP D 49 25.69 14.24 7.85
N ASN D 50 24.65 14.37 7.01
CA ASN D 50 23.54 13.43 7.02
C ASN D 50 23.99 12.03 6.62
N GLU D 51 25.07 11.93 5.82
CA GLU D 51 25.59 10.65 5.39
C GLU D 51 26.17 9.82 6.54
N GLN D 52 26.39 10.40 7.72
CA GLN D 52 26.97 9.64 8.82
C GLN D 52 25.92 9.24 9.87
N MET D 53 24.64 9.18 9.50
CA MET D 53 23.61 8.89 10.47
C MET D 53 22.99 7.50 10.30
N GLN D 54 23.44 6.71 9.32
CA GLN D 54 23.00 5.33 9.18
C GLN D 54 23.16 4.57 10.50
N ARG D 55 22.14 3.78 10.82
CA ARG D 55 22.14 2.82 11.94
C ARG D 55 21.76 3.54 13.21
N MET D 56 21.89 4.86 13.24
CA MET D 56 21.38 5.64 14.36
C MET D 56 19.88 5.39 14.47
N PRO D 57 19.41 4.73 15.53
CA PRO D 57 18.02 4.28 15.54
C PRO D 57 17.06 5.45 15.60
N ALA D 58 15.91 5.25 14.98
CA ALA D 58 14.79 6.16 15.06
C ALA D 58 13.58 5.31 15.44
N GLY D 59 12.41 5.94 15.62
CA GLY D 59 11.20 5.18 16.01
C GLY D 59 10.31 4.59 14.90
N GLY D 60 10.57 4.92 13.64
CA GLY D 60 9.75 4.50 12.53
C GLY D 60 10.25 3.25 11.87
N GLU D 61 9.83 3.05 10.62
CA GLU D 61 10.35 1.96 9.82
C GLU D 61 11.75 2.25 9.30
N GLU D 62 12.30 3.43 9.59
CA GLU D 62 13.53 3.88 8.95
C GLU D 62 14.37 4.54 10.02
N ASP D 63 15.68 4.58 9.78
CA ASP D 63 16.60 5.09 10.79
C ASP D 63 16.68 6.62 10.69
N GLN D 64 17.64 7.22 11.39
CA GLN D 64 17.75 8.69 11.37
C GLN D 64 18.28 9.17 10.04
N TYR D 65 19.17 8.41 9.40
CA TYR D 65 19.73 8.85 8.12
C TYR D 65 18.63 9.09 7.09
N LEU D 66 17.77 8.10 6.86
CA LEU D 66 16.69 8.23 5.89
C LEU D 66 15.71 9.32 6.31
N ARG D 67 15.16 9.17 7.52
CA ARG D 67 14.17 10.11 8.03
C ARG D 67 14.65 11.55 7.91
N ILE D 68 15.89 11.84 8.31
CA ILE D 68 16.37 13.21 8.21
C ILE D 68 16.65 13.58 6.75
N LYS D 69 17.25 12.66 5.98
CA LYS D 69 17.53 12.91 4.57
C LYS D 69 16.29 13.39 3.86
N HIS D 70 15.19 12.65 4.03
CA HIS D 70 13.89 13.00 3.45
C HIS D 70 13.47 14.42 3.81
N MET D 71 13.37 14.73 5.11
CA MET D 71 12.87 16.06 5.47
C MET D 71 13.77 17.16 4.94
N SER D 72 15.09 16.93 4.88
CA SER D 72 15.98 17.92 4.26
C SER D 72 15.62 18.16 2.81
N ALA D 73 15.40 17.08 2.04
CA ALA D 73 15.13 17.19 0.61
C ALA D 73 13.81 17.91 0.32
N LEU D 74 12.82 17.78 1.19
CA LEU D 74 11.62 18.60 1.06
C LEU D 74 11.90 20.05 1.39
N ILE D 75 12.62 20.31 2.50
CA ILE D 75 12.97 21.69 2.86
C ILE D 75 13.70 22.37 1.72
N LYS D 76 14.68 21.69 1.13
CA LYS D 76 15.49 22.32 0.08
C LYS D 76 14.65 22.58 -1.15
N LYS D 77 13.64 21.76 -1.38
CA LYS D 77 12.77 21.93 -2.55
C LYS D 77 11.95 23.20 -2.41
N TYR D 78 11.23 23.34 -1.29
CA TYR D 78 10.30 24.44 -1.08
C TYR D 78 10.95 25.78 -1.41
N GLY D 79 10.77 26.23 -2.65
CA GLY D 79 11.16 27.54 -3.14
C GLY D 79 12.35 28.22 -2.48
N ASP D 80 12.12 29.40 -1.92
CA ASP D 80 13.20 30.24 -1.42
C ASP D 80 13.03 30.38 0.09
N LEU D 81 13.80 29.59 0.83
CA LEU D 81 13.85 29.62 2.28
C LEU D 81 15.28 29.93 2.72
N PRO D 82 15.47 30.49 3.91
CA PRO D 82 16.82 30.64 4.46
C PRO D 82 17.35 29.29 4.96
N VAL D 83 17.81 28.46 4.02
CA VAL D 83 18.31 27.12 4.34
C VAL D 83 19.80 27.23 4.61
N ILE D 84 20.22 26.77 5.80
CA ILE D 84 21.63 26.80 6.20
C ILE D 84 22.01 25.40 6.66
N THR D 85 23.11 24.88 6.13
CA THR D 85 23.51 23.50 6.44
C THR D 85 24.55 23.40 7.57
N THR D 86 25.37 22.36 7.56
CA THR D 86 26.42 22.23 8.58
C THR D 86 27.75 21.95 7.92
N GLN D 87 28.00 22.55 6.75
CA GLN D 87 29.26 22.37 6.03
C GLN D 87 29.96 23.71 5.81
N GLU D 88 29.71 24.68 6.68
CA GLU D 88 30.09 26.06 6.42
C GLU D 88 30.10 26.86 7.72
N THR D 89 29.73 26.22 8.84
CA THR D 89 29.68 26.87 10.13
C THR D 89 31.03 27.44 10.58
N ARG D 90 32.14 27.06 9.93
CA ARG D 90 33.49 27.53 10.23
C ARG D 90 33.89 27.22 11.68
N LEU D 91 34.74 26.21 11.85
CA LEU D 91 35.11 25.83 13.19
C LEU D 91 36.57 26.22 13.47
N PRO D 92 36.88 26.59 14.71
CA PRO D 92 38.27 26.92 15.03
C PRO D 92 39.17 25.71 14.88
N TYR D 93 40.47 25.98 14.68
CA TYR D 93 41.44 24.94 14.36
C TYR D 93 41.43 23.80 15.37
N TYR D 94 41.22 24.12 16.64
CA TYR D 94 41.34 23.10 17.67
C TYR D 94 40.10 22.21 17.72
N TRP D 95 38.93 22.71 17.32
CA TRP D 95 37.78 21.82 17.20
C TRP D 95 38.00 20.82 16.07
N LEU D 96 38.38 21.30 14.88
CA LEU D 96 38.81 20.40 13.80
C LEU D 96 39.85 19.40 14.29
N ASP D 97 40.81 19.86 15.09
CA ASP D 97 41.89 18.99 15.58
C ASP D 97 41.33 17.79 16.31
N LEU D 98 40.50 18.05 17.33
CA LEU D 98 39.91 16.98 18.13
C LEU D 98 39.17 15.98 17.25
N PHE D 99 38.43 16.47 16.26
CA PHE D 99 37.77 15.60 15.28
C PHE D 99 38.80 14.68 14.66
N ALA D 100 39.75 15.26 13.89
CA ALA D 100 40.73 14.45 13.18
C ALA D 100 41.39 13.40 14.06
N ALA D 101 41.48 13.68 15.37
CA ALA D 101 42.00 12.71 16.33
C ALA D 101 41.07 11.51 16.49
N ILE D 102 39.76 11.74 16.45
CA ILE D 102 38.81 10.63 16.50
C ILE D 102 38.90 9.78 15.23
N ASP D 103 39.39 10.37 14.14
CA ASP D 103 39.47 9.68 12.85
C ASP D 103 40.55 8.61 12.82
N GLU D 104 41.76 8.89 13.32
CA GLU D 104 42.79 7.83 13.29
C GLU D 104 42.50 6.68 14.24
N GLY D 105 41.52 6.81 15.13
CA GLY D 105 41.34 5.85 16.20
C GLY D 105 42.23 6.05 17.38
N ASP D 106 42.87 7.22 17.50
CA ASP D 106 43.86 7.46 18.53
C ASP D 106 43.18 8.00 19.79
N THR D 107 42.67 7.06 20.59
CA THR D 107 41.98 7.42 21.83
C THR D 107 42.78 8.33 22.75
N PRO D 108 44.05 8.06 23.06
CA PRO D 108 44.79 8.97 23.97
C PRO D 108 45.14 10.32 23.35
N LYS D 109 45.50 10.35 22.06
CA LYS D 109 45.67 11.62 21.36
C LYS D 109 44.36 12.42 21.33
N ALA D 110 43.23 11.72 21.15
CA ALA D 110 41.94 12.39 21.18
C ALA D 110 41.50 12.72 22.60
N HIS D 111 41.83 11.85 23.56
CA HIS D 111 41.63 12.18 24.96
C HIS D 111 42.35 13.48 25.32
N ALA D 112 43.56 13.67 24.79
CA ALA D 112 44.39 14.81 25.17
C ALA D 112 43.91 16.09 24.48
N LEU D 113 43.65 16.02 23.17
CA LEU D 113 43.15 17.17 22.42
C LEU D 113 41.82 17.65 22.99
N PHE D 114 41.02 16.73 23.51
CA PHE D 114 39.78 17.12 24.16
C PHE D 114 40.06 17.96 25.40
N HIS D 115 41.02 17.51 26.23
CA HIS D 115 41.45 18.30 27.39
C HIS D 115 42.21 19.56 27.01
N LEU D 116 42.41 19.81 25.70
CA LEU D 116 43.09 21.00 25.19
C LEU D 116 42.16 22.12 24.77
N LEU D 117 40.84 21.88 24.69
CA LEU D 117 39.93 22.90 24.18
C LEU D 117 39.85 24.08 25.15
N PRO D 118 39.94 25.33 24.66
CA PRO D 118 39.78 26.48 25.55
C PRO D 118 38.59 26.32 26.48
N GLN D 119 38.76 26.63 27.76
CA GLN D 119 37.66 26.49 28.71
C GLN D 119 36.51 27.42 28.36
N ASP D 120 36.78 28.44 27.55
CA ASP D 120 35.84 29.51 27.22
C ASP D 120 35.20 29.37 25.84
N ASP D 121 35.60 28.37 25.03
CA ASP D 121 34.96 28.12 23.74
C ASP D 121 33.46 27.94 23.90
N ILE D 122 32.70 28.69 23.10
CA ILE D 122 31.26 28.81 23.31
C ILE D 122 30.57 27.46 23.09
N ILE D 123 30.96 26.71 22.06
CA ILE D 123 30.51 25.33 21.91
C ILE D 123 30.70 24.57 23.21
N LEU D 124 31.95 24.54 23.73
CA LEU D 124 32.24 23.72 24.89
C LEU D 124 31.72 24.33 26.19
N ARG D 125 31.81 25.66 26.32
CA ARG D 125 31.26 26.31 27.51
C ARG D 125 29.82 25.87 27.73
N ALA D 126 29.00 25.93 26.68
CA ALA D 126 27.62 25.47 26.80
C ALA D 126 27.56 23.95 26.94
N LEU D 127 28.38 23.24 26.15
CA LEU D 127 28.40 21.78 26.20
C LEU D 127 28.57 21.28 27.63
N ARG D 128 29.59 21.80 28.33
CA ARG D 128 29.94 21.36 29.68
C ARG D 128 28.92 21.81 30.72
N ALA D 129 28.22 22.92 30.47
CA ALA D 129 27.17 23.35 31.39
C ALA D 129 25.96 22.41 31.39
N VAL D 130 25.89 21.43 30.48
CA VAL D 130 24.74 20.57 30.34
C VAL D 130 25.07 19.11 30.63
N HIS D 131 26.22 18.62 30.14
CA HIS D 131 26.64 17.23 30.31
C HIS D 131 27.96 17.11 31.05
N SER D 132 28.13 15.99 31.75
CA SER D 132 29.30 15.78 32.59
C SER D 132 30.48 15.27 31.77
N GLU D 133 31.61 15.96 31.89
CA GLU D 133 32.91 15.65 31.28
C GLU D 133 33.21 14.17 31.09
N ASP D 134 32.55 13.28 31.83
CA ASP D 134 32.65 11.85 31.55
C ASP D 134 31.78 11.45 30.37
N TYR D 135 30.52 11.92 30.32
CA TYR D 135 29.68 11.62 29.16
C TYR D 135 30.38 12.02 27.87
N LEU D 136 30.87 13.27 27.80
CA LEU D 136 31.57 13.76 26.63
C LEU D 136 32.69 12.81 26.21
N TYR D 137 33.56 12.41 27.17
CA TYR D 137 34.65 11.53 26.78
C TYR D 137 34.16 10.11 26.52
N GLN D 138 33.12 9.67 27.21
CA GLN D 138 32.49 8.40 26.86
C GLN D 138 32.11 8.36 25.39
N LEU D 139 31.49 9.45 24.89
CA LEU D 139 31.11 9.50 23.49
C LEU D 139 32.33 9.45 22.57
N ILE D 140 33.38 10.19 22.92
CA ILE D 140 34.57 10.24 22.07
C ILE D 140 35.21 8.87 22.00
N LYS D 141 35.28 8.19 23.14
CA LYS D 141 35.79 6.82 23.18
C LYS D 141 34.88 5.88 22.40
N TYR D 142 33.56 6.00 22.59
CA TYR D 142 32.62 5.11 21.91
C TYR D 142 32.67 5.31 20.39
N CYS D 143 32.69 6.57 19.94
CA CYS D 143 32.82 6.86 18.51
C CYS D 143 34.01 6.14 17.90
N ILE D 144 35.12 6.10 18.63
CA ILE D 144 36.34 5.48 18.11
C ILE D 144 36.16 3.97 18.03
N GLN D 145 35.58 3.39 19.09
CA GLN D 145 35.37 1.95 19.13
C GLN D 145 34.58 1.51 17.93
N ALA D 146 33.56 2.29 17.59
CA ALA D 146 32.64 2.02 16.49
C ALA D 146 33.32 1.94 15.13
N LYS D 147 34.57 2.38 15.00
CA LYS D 147 35.22 2.33 13.69
C LYS D 147 35.36 0.90 13.16
N HIS D 148 35.69 -0.05 14.04
CA HIS D 148 35.94 -1.43 13.60
C HIS D 148 34.77 -1.98 12.78
N PHE D 149 33.55 -1.83 13.29
CA PHE D 149 32.39 -2.51 12.73
C PHE D 149 31.27 -1.57 12.29
N GLY D 150 31.53 -0.27 12.17
CA GLY D 150 30.50 0.66 11.77
C GLY D 150 29.74 1.35 12.89
N PHE D 151 29.39 0.64 13.96
CA PHE D 151 28.63 1.27 15.05
C PHE D 151 28.81 0.52 16.36
N LYS D 152 28.41 1.17 17.45
CA LYS D 152 28.48 0.64 18.80
C LYS D 152 27.21 1.11 19.50
N GLN D 153 26.59 0.25 20.31
CA GLN D 153 25.29 0.54 20.92
C GLN D 153 25.43 0.69 22.43
N LEU D 154 25.01 1.84 22.96
CA LEU D 154 25.05 2.08 24.41
C LEU D 154 23.95 1.27 25.10
N ASN D 155 23.04 1.92 25.81
CA ASN D 155 21.88 1.19 26.31
C ASN D 155 20.99 0.77 25.12
N ALA D 156 19.73 0.39 25.38
CA ALA D 156 18.93 -0.24 24.34
C ALA D 156 18.70 0.68 23.14
N ASP D 157 18.33 1.95 23.40
CA ASP D 157 17.86 2.87 22.37
C ASP D 157 18.92 3.90 21.95
N LEU D 158 20.21 3.57 22.07
CA LEU D 158 21.26 4.47 21.58
C LEU D 158 22.21 3.69 20.69
N VAL D 159 22.59 4.33 19.59
CA VAL D 159 23.63 3.83 18.69
C VAL D 159 24.44 5.02 18.24
N VAL D 160 25.78 4.86 18.25
CA VAL D 160 26.72 5.89 17.85
C VAL D 160 27.61 5.33 16.74
N THR D 161 28.02 6.23 15.83
CA THR D 161 28.86 5.92 14.68
C THR D 161 30.20 6.62 14.86
N PRO D 162 31.16 6.43 13.95
CA PRO D 162 32.46 7.12 14.11
C PRO D 162 32.41 8.63 13.93
N LYS D 163 31.60 9.15 13.02
CA LYS D 163 31.53 10.60 12.84
C LYS D 163 30.45 11.25 13.67
N THR D 164 29.82 10.50 14.59
CA THR D 164 28.73 11.04 15.38
C THR D 164 29.17 12.27 16.17
N PHE D 165 30.20 12.12 17.02
CA PHE D 165 30.68 13.25 17.82
C PHE D 165 30.96 14.48 16.97
N GLU D 166 31.62 14.30 15.80
CA GLU D 166 31.78 15.44 14.90
C GLU D 166 30.45 16.12 14.66
N ILE D 167 29.45 15.33 14.26
CA ILE D 167 28.23 15.87 13.68
C ILE D 167 27.47 16.71 14.69
N LEU D 168 27.32 16.21 15.92
CA LEU D 168 26.58 17.00 16.91
C LEU D 168 27.30 18.31 17.23
N ILE D 169 28.64 18.33 17.19
CA ILE D 169 29.36 19.58 17.43
C ILE D 169 29.14 20.55 16.27
N ARG D 170 29.17 20.04 15.03
CA ARG D 170 28.87 20.91 13.88
C ARG D 170 27.43 21.40 13.92
N ASP D 171 26.48 20.52 14.27
CA ASP D 171 25.08 20.95 14.41
C ASP D 171 24.96 21.97 15.54
N CYS D 172 25.60 21.70 16.68
CA CYS D 172 25.54 22.65 17.79
C CYS D 172 26.26 23.96 17.46
N ALA D 173 27.42 23.87 16.80
CA ALA D 173 28.11 25.08 16.37
C ALA D 173 27.27 25.90 15.41
N THR D 174 26.56 25.23 14.49
CA THR D 174 25.79 25.96 13.46
C THR D 174 24.72 26.84 14.09
N THR D 175 23.92 26.28 14.98
CA THR D 175 22.90 27.06 15.68
C THR D 175 23.53 28.09 16.65
N LEU D 176 24.79 27.92 17.04
CA LEU D 176 25.45 28.90 17.93
C LEU D 176 26.10 30.04 17.16
N PHE D 177 26.74 29.76 16.02
CA PHE D 177 27.37 30.78 15.18
C PHE D 177 26.44 31.35 14.11
N ASN D 178 25.14 31.10 14.22
CA ASN D 178 24.15 31.84 13.45
C ASN D 178 23.17 32.50 14.42
N PRO D 179 23.27 33.82 14.62
CA PRO D 179 22.18 34.53 15.35
C PRO D 179 20.99 34.87 14.45
N ALA D 180 20.07 33.90 14.29
CA ALA D 180 18.81 34.10 13.58
C ALA D 180 17.66 34.07 14.58
N LYS D 181 16.87 35.14 14.60
CA LYS D 181 15.87 35.34 15.64
C LYS D 181 14.86 34.20 15.68
N ALA D 182 14.36 33.79 14.50
CA ALA D 182 13.50 32.63 14.37
C ALA D 182 14.31 31.49 13.76
N HIS D 183 14.47 30.41 14.51
CA HIS D 183 15.45 29.36 14.20
C HIS D 183 14.76 28.00 14.15
N PHE D 184 14.72 27.40 12.98
CA PHE D 184 14.14 26.07 12.80
C PHE D 184 15.28 25.14 12.39
N SER D 185 15.50 24.10 13.19
CA SER D 185 16.67 23.24 13.02
C SER D 185 16.24 21.78 12.98
N PHE D 186 16.79 21.03 12.03
CA PHE D 186 16.41 19.65 11.76
C PHE D 186 17.65 18.79 11.97
N GLY D 187 17.75 18.18 13.16
CA GLY D 187 18.83 17.26 13.41
C GLY D 187 18.42 16.09 14.28
N LEU D 188 19.43 15.49 15.00
CA LEU D 188 19.09 14.39 15.88
C LEU D 188 18.40 14.92 17.13
N PRO D 189 17.58 14.09 17.79
CA PRO D 189 16.76 14.63 18.89
C PRO D 189 17.56 14.97 20.14
N SER D 190 16.86 15.43 21.17
CA SER D 190 17.54 16.03 22.32
C SER D 190 16.80 15.74 23.60
N HIS D 191 15.48 15.92 23.59
CA HIS D 191 14.73 16.02 24.84
C HIS D 191 14.79 14.75 25.70
N HIS D 192 15.49 13.70 25.27
CA HIS D 192 15.66 12.49 26.08
C HIS D 192 17.06 12.33 26.67
N ALA D 193 18.05 13.10 26.19
CA ALA D 193 19.38 13.02 26.77
C ALA D 193 19.40 13.64 28.17
N TYR D 194 19.70 12.81 29.17
CA TYR D 194 20.06 13.27 30.51
C TYR D 194 21.52 13.72 30.57
N THR D 195 21.87 14.41 31.66
CA THR D 195 23.22 14.93 31.81
C THR D 195 24.25 13.81 32.05
N GLN D 196 23.84 12.67 32.62
CA GLN D 196 24.74 11.55 32.88
C GLN D 196 24.52 10.35 31.95
N MET D 197 23.29 10.07 31.55
N MET D 197 23.31 10.07 31.47
CA MET D 197 23.02 9.09 30.52
CA MET D 197 23.15 9.02 30.47
C MET D 197 22.25 9.76 29.39
C MET D 197 22.08 9.38 29.46
N GLY D 198 22.44 9.27 28.18
CA GLY D 198 21.50 9.53 27.11
C GLY D 198 20.52 8.39 26.98
N SER D 199 19.32 8.70 26.49
CA SER D 199 18.29 7.70 26.38
C SER D 199 17.47 7.99 25.13
N GLY D 200 16.65 6.99 24.76
CA GLY D 200 15.65 7.09 23.71
C GLY D 200 16.04 7.96 22.53
N PHE D 201 16.97 7.46 21.72
CA PHE D 201 17.41 8.05 20.47
C PHE D 201 18.17 9.37 20.64
N CYS D 202 18.39 9.86 21.85
CA CYS D 202 18.98 11.18 22.09
C CYS D 202 20.33 11.03 22.76
N LEU D 203 21.35 11.66 22.17
CA LEU D 203 22.71 11.60 22.69
C LEU D 203 23.04 12.81 23.57
N ILE D 204 22.88 14.03 23.06
CA ILE D 204 23.01 15.24 23.86
C ILE D 204 21.74 16.08 23.75
N ASN D 205 21.56 16.98 24.72
CA ASN D 205 20.36 17.79 24.87
C ASN D 205 20.68 19.19 24.40
N LYS D 206 20.54 19.41 23.08
CA LYS D 206 20.97 20.66 22.44
C LYS D 206 20.13 21.85 22.89
N THR D 207 18.88 21.62 23.30
CA THR D 207 18.04 22.71 23.79
C THR D 207 18.67 23.37 25.01
N ALA D 208 18.98 22.55 26.03
CA ALA D 208 19.58 23.06 27.26
C ALA D 208 20.84 23.87 26.99
N MET D 209 21.67 23.43 26.04
CA MET D 209 22.84 24.24 25.67
C MET D 209 22.42 25.59 25.10
N LEU D 210 21.56 25.58 24.07
CA LEU D 210 21.05 26.83 23.51
C LEU D 210 20.48 27.74 24.57
N MET D 211 19.91 27.17 25.64
CA MET D 211 19.38 27.97 26.75
C MET D 211 20.49 28.54 27.61
N LYS D 212 21.41 27.68 28.08
CA LYS D 212 22.53 28.17 28.87
C LYS D 212 23.34 29.21 28.10
N GLN D 213 23.57 28.96 26.82
CA GLN D 213 24.20 29.98 26.00
C GLN D 213 23.35 31.25 25.92
N ALA D 214 22.02 31.10 26.04
CA ALA D 214 21.15 32.25 25.90
C ALA D 214 21.28 33.21 27.08
N GLU D 215 21.43 32.69 28.30
CA GLU D 215 21.74 33.55 29.43
C GLU D 215 23.12 34.18 29.27
N LEU D 216 24.01 33.48 28.58
CA LEU D 216 25.42 33.83 28.60
C LEU D 216 25.75 35.12 27.84
N SER D 217 24.87 35.54 26.92
CA SER D 217 25.10 36.73 26.10
C SER D 217 24.07 37.83 26.34
N SER D 218 23.15 37.64 27.29
CA SER D 218 22.01 38.53 27.47
C SER D 218 22.22 39.36 28.73
N ALA D 219 21.77 40.63 28.66
CA ALA D 219 21.86 41.57 29.77
C ALA D 219 21.23 40.99 31.04
N GLN D 220 19.95 41.25 31.23
CA GLN D 220 19.16 40.45 32.17
C GLN D 220 18.78 39.16 31.46
N PRO D 221 19.17 37.99 31.98
CA PRO D 221 18.87 36.72 31.31
C PRO D 221 17.40 36.61 30.93
N PRO D 222 17.11 36.23 29.69
CA PRO D 222 15.74 36.34 29.19
C PRO D 222 14.83 35.34 29.87
N LYS D 223 13.55 35.72 29.95
CA LYS D 223 12.54 34.85 30.53
C LYS D 223 12.32 33.66 29.60
N PHE D 224 12.53 32.44 30.11
CA PHE D 224 12.54 31.24 29.29
C PHE D 224 11.14 30.62 29.29
N VAL D 225 10.61 30.34 28.09
CA VAL D 225 9.35 29.61 27.92
C VAL D 225 9.62 28.44 27.00
N ILE D 226 9.20 27.24 27.44
CA ILE D 226 9.47 26.00 26.73
C ILE D 226 8.15 25.27 26.50
N ILE D 227 7.79 25.08 25.23
CA ILE D 227 6.69 24.21 24.84
C ILE D 227 7.30 23.07 24.04
N GLY D 228 6.99 21.84 24.44
CA GLY D 228 7.57 20.67 23.80
C GLY D 228 6.52 19.60 23.61
N THR D 229 6.17 19.35 22.35
CA THR D 229 4.92 18.67 22.00
C THR D 229 5.09 17.22 21.57
N ASP D 230 6.33 16.73 21.43
CA ASP D 230 6.60 15.29 21.28
C ASP D 230 5.71 14.47 22.21
N VAL D 231 5.18 13.36 21.70
CA VAL D 231 4.22 12.57 22.48
C VAL D 231 4.85 12.03 23.75
N ASN D 232 6.16 11.76 23.71
CA ASN D 232 6.90 11.25 24.86
C ASN D 232 7.35 12.39 25.79
N ARG D 233 7.33 12.13 27.10
CA ARG D 233 7.74 13.11 28.09
C ARG D 233 9.11 13.68 27.77
N ASP D 234 9.30 14.98 28.02
CA ASP D 234 10.63 15.60 27.96
C ASP D 234 11.39 15.34 29.27
N ASN D 235 11.84 14.09 29.45
CA ASN D 235 12.45 13.73 30.73
C ASN D 235 13.90 14.21 30.78
N GLY D 236 14.67 13.95 29.73
CA GLY D 236 16.05 14.41 29.69
C GLY D 236 16.18 15.89 29.97
N LEU D 237 15.38 16.72 29.30
CA LEU D 237 15.51 18.16 29.51
C LEU D 237 14.98 18.58 30.87
N CYS D 238 13.88 17.96 31.31
CA CYS D 238 13.33 18.28 32.63
C CYS D 238 14.39 18.10 33.71
N ASP D 239 15.25 17.09 33.57
CA ASP D 239 16.25 16.78 34.58
C ASP D 239 17.35 17.84 34.62
N ILE D 240 18.03 18.06 33.49
CA ILE D 240 19.06 19.09 33.38
C ILE D 240 18.58 20.45 33.88
N LEU D 241 17.28 20.72 33.78
CA LEU D 241 16.79 22.00 34.28
C LEU D 241 16.53 21.93 35.78
N ARG D 242 16.02 20.78 36.24
CA ARG D 242 15.82 20.54 37.67
C ARG D 242 17.06 20.93 38.48
N HIS D 243 18.24 20.47 38.05
CA HIS D 243 19.47 20.70 38.81
C HIS D 243 20.05 22.08 38.54
N SER D 244 20.67 22.22 37.37
CA SER D 244 21.65 23.25 37.07
C SER D 244 21.05 24.44 36.32
N PHE D 245 19.73 24.58 36.29
CA PHE D 245 19.10 25.72 35.63
C PHE D 245 17.99 26.39 36.42
N SER D 246 17.50 25.79 37.52
CA SER D 246 16.38 26.34 38.29
C SER D 246 16.67 27.70 38.87
N HIS D 247 17.93 28.16 38.85
CA HIS D 247 18.22 29.53 39.19
C HIS D 247 17.72 30.47 38.09
N LEU D 248 17.86 30.08 36.83
CA LEU D 248 17.18 30.78 35.74
C LEU D 248 15.67 30.63 35.91
N SER D 249 14.92 31.59 35.36
CA SER D 249 13.46 31.59 35.44
C SER D 249 12.87 31.03 34.15
N ILE D 250 12.02 30.02 34.29
CA ILE D 250 11.63 29.15 33.18
C ILE D 250 10.17 28.74 33.38
N CYS D 251 9.32 29.04 32.40
CA CYS D 251 8.06 28.35 32.20
C CYS D 251 8.34 27.19 31.26
N HIS D 252 7.83 26.00 31.60
CA HIS D 252 8.09 24.79 30.82
C HIS D 252 6.81 23.96 30.73
N ILE D 253 6.20 23.92 29.54
CA ILE D 253 4.99 23.15 29.29
C ILE D 253 5.40 21.90 28.53
N ASP D 254 5.50 20.77 29.23
CA ASP D 254 5.74 19.49 28.58
C ASP D 254 4.42 18.77 28.40
N VAL D 255 4.20 18.29 27.18
CA VAL D 255 2.96 17.65 26.77
C VAL D 255 3.29 16.22 26.39
N PHE D 256 2.57 15.26 26.95
CA PHE D 256 3.02 13.88 26.78
C PHE D 256 1.93 12.92 27.23
N ASP D 257 1.98 11.71 26.70
CA ASP D 257 1.09 10.62 27.10
C ASP D 257 1.85 9.68 28.03
N SER D 258 1.41 9.62 29.29
CA SER D 258 2.08 8.81 30.30
C SER D 258 1.93 7.31 30.07
N ARG D 259 1.06 6.89 29.14
CA ARG D 259 0.91 5.47 28.85
C ARG D 259 2.00 4.95 27.93
N VAL D 260 2.73 5.84 27.24
CA VAL D 260 3.75 5.44 26.28
C VAL D 260 5.10 5.92 26.81
N TYR D 261 6.16 5.57 26.11
CA TYR D 261 7.52 5.84 26.57
C TYR D 261 7.66 7.31 26.96
N PRO D 262 8.43 7.64 28.02
CA PRO D 262 9.13 6.72 28.94
C PRO D 262 8.28 6.17 30.08
N GLN D 263 6.96 6.00 29.92
CA GLN D 263 6.07 5.39 30.92
C GLN D 263 5.99 6.18 32.22
N GLN D 264 6.75 7.27 32.38
CA GLN D 264 6.74 8.06 33.61
C GLN D 264 5.47 8.89 33.64
N ASP D 265 4.60 8.62 34.63
CA ASP D 265 3.35 9.34 34.77
C ASP D 265 3.53 10.47 35.78
N PHE D 266 2.42 10.97 36.33
CA PHE D 266 2.49 12.06 37.30
C PHE D 266 3.24 11.65 38.56
N ALA D 267 3.04 10.41 39.01
CA ALA D 267 3.64 9.95 40.26
C ALA D 267 5.16 9.97 40.18
N TYR D 268 5.72 9.36 39.14
CA TYR D 268 7.17 9.38 38.95
C TYR D 268 7.71 10.81 39.03
N ILE D 269 6.93 11.79 38.56
CA ILE D 269 7.39 13.17 38.65
C ILE D 269 7.36 13.66 40.09
N ASN D 270 6.54 13.03 40.94
CA ASN D 270 6.50 13.43 42.34
C ASN D 270 7.81 13.13 43.06
N ASN D 271 8.20 11.84 43.13
CA ASN D 271 9.42 11.51 43.87
C ASN D 271 10.67 12.12 43.25
N GLU D 272 10.66 12.38 41.95
CA GLU D 272 11.83 13.01 41.35
C GLU D 272 11.84 14.52 41.55
N PHE D 273 10.71 15.11 41.94
CA PHE D 273 10.63 16.49 42.40
C PHE D 273 10.42 16.56 43.91
N ASN D 274 10.57 15.43 44.62
CA ASN D 274 9.94 15.10 45.91
C ASN D 274 9.05 16.21 46.42
N SER D 275 8.03 16.53 45.63
CA SER D 275 7.01 17.50 45.97
C SER D 275 5.76 17.10 45.23
N GLU D 276 4.60 17.28 45.85
CA GLU D 276 3.35 17.01 45.16
C GLU D 276 2.98 18.25 44.35
N GLY D 277 2.58 18.02 43.09
CA GLY D 277 2.13 19.11 42.27
C GLY D 277 0.68 19.48 42.58
N VAL D 278 0.34 20.71 42.29
CA VAL D 278 -1.03 21.18 42.46
C VAL D 278 -1.71 21.13 41.09
N ASP D 279 -2.97 20.69 41.06
CA ASP D 279 -3.71 20.58 39.81
C ASP D 279 -4.34 21.93 39.54
N ILE D 280 -3.68 22.78 38.76
CA ILE D 280 -4.31 24.07 38.48
C ILE D 280 -5.46 23.90 37.47
N GLY D 281 -5.51 22.79 36.74
CA GLY D 281 -6.67 22.58 35.90
C GLY D 281 -6.74 21.23 35.22
N LYS D 282 -7.94 20.93 34.71
CA LYS D 282 -8.24 19.88 33.74
C LYS D 282 -7.24 18.70 33.71
N ASN D 283 -6.85 18.23 34.92
CA ASN D 283 -5.97 17.06 35.11
C ASN D 283 -4.55 17.31 34.61
N ILE D 284 -4.07 18.53 34.80
CA ILE D 284 -2.67 18.88 34.62
C ILE D 284 -2.14 19.28 35.98
N HIS D 285 -0.83 19.16 36.16
CA HIS D 285 -0.19 19.43 37.44
C HIS D 285 1.04 20.29 37.17
N VAL D 286 1.17 21.36 37.97
CA VAL D 286 2.36 22.21 37.95
C VAL D 286 3.29 21.74 39.05
N TRP D 287 4.59 21.87 38.80
CA TRP D 287 5.61 21.51 39.77
C TRP D 287 6.57 22.68 39.90
N HIS D 288 6.73 23.19 41.11
CA HIS D 288 7.58 24.34 41.35
C HIS D 288 8.93 23.89 41.93
N HIS D 289 9.96 24.66 41.59
CA HIS D 289 11.31 24.51 42.13
C HIS D 289 12.09 25.75 41.75
N ASN D 290 12.31 26.65 42.72
CA ASN D 290 13.12 27.85 42.53
C ASN D 290 12.43 28.67 41.44
N ASN D 291 13.15 29.12 40.41
CA ASN D 291 12.57 29.94 39.36
C ASN D 291 12.08 29.13 38.17
N LEU D 292 12.33 27.83 38.14
CA LEU D 292 11.73 26.94 37.17
C LEU D 292 10.31 26.57 37.60
N ASN D 293 9.40 26.49 36.63
CA ASN D 293 8.05 26.01 36.85
C ASN D 293 7.73 25.00 35.76
N TYR D 294 7.44 23.77 36.15
CA TYR D 294 7.26 22.66 35.22
C TYR D 294 5.79 22.23 35.23
N TYR D 295 5.11 22.47 34.10
CA TYR D 295 3.72 22.09 33.90
C TYR D 295 3.65 20.77 33.14
N ALA D 296 2.97 19.78 33.73
CA ALA D 296 2.80 18.48 33.09
C ALA D 296 1.42 18.42 32.43
N VAL D 297 1.40 18.31 31.10
CA VAL D 297 0.16 18.24 30.32
C VAL D 297 0.02 16.82 29.79
N ASP D 298 -0.79 16.01 30.46
CA ASP D 298 -0.88 14.59 30.14
C ASP D 298 -2.05 14.35 29.16
N LEU D 299 -1.73 13.82 27.98
CA LEU D 299 -2.74 13.60 26.96
C LEU D 299 -3.74 12.52 27.38
N SER D 300 -3.32 11.51 28.13
CA SER D 300 -4.27 10.50 28.58
C SER D 300 -5.34 11.10 29.48
N LEU D 301 -5.08 12.25 30.07
CA LEU D 301 -6.02 12.89 30.98
C LEU D 301 -6.60 14.19 30.45
N THR D 302 -6.14 14.68 29.27
CA THR D 302 -6.58 15.96 28.70
C THR D 302 -6.74 15.78 27.19
N SER D 303 -7.76 15.00 26.79
CA SER D 303 -8.02 14.61 25.40
C SER D 303 -8.60 15.73 24.51
N ARG D 304 -9.63 15.44 23.72
CA ARG D 304 -10.24 16.46 22.90
C ARG D 304 -11.69 16.56 23.31
N LYS D 305 -12.21 17.78 23.25
CA LYS D 305 -13.55 18.19 23.71
C LYS D 305 -14.45 18.58 22.53
N SER D 306 -15.13 17.62 21.91
CA SER D 306 -15.98 17.87 20.73
C SER D 306 -15.11 18.54 19.65
N VAL D 307 -15.71 19.42 18.86
CA VAL D 307 -14.99 20.15 17.82
C VAL D 307 -14.21 21.31 18.47
N GLY D 308 -13.07 21.66 17.88
CA GLY D 308 -12.22 22.69 18.44
C GLY D 308 -10.79 22.23 18.63
N VAL D 309 -9.86 23.20 18.73
CA VAL D 309 -8.44 22.88 18.85
C VAL D 309 -8.15 22.22 20.18
N HIS D 310 -7.34 21.16 20.14
CA HIS D 310 -7.05 20.31 21.29
C HIS D 310 -6.65 21.15 22.50
N PRO D 311 -7.27 20.93 23.67
CA PRO D 311 -7.01 21.81 24.82
C PRO D 311 -5.62 21.68 25.42
N ALA D 312 -4.88 20.61 25.09
CA ALA D 312 -3.46 20.57 25.37
C ALA D 312 -2.74 21.75 24.74
N LEU D 313 -3.11 22.11 23.51
CA LEU D 313 -2.51 23.23 22.78
C LEU D 313 -3.15 24.57 23.11
N LEU D 314 -4.38 24.57 23.62
CA LEU D 314 -4.99 25.81 24.10
C LEU D 314 -4.31 26.30 25.38
N PHE D 315 -4.20 25.43 26.39
CA PHE D 315 -3.32 25.61 27.54
C PHE D 315 -1.98 26.19 27.10
N ALA D 316 -1.29 25.50 26.20
CA ALA D 316 0.03 25.95 25.76
C ALA D 316 -0.04 27.38 25.25
N LEU D 317 -1.00 27.68 24.39
CA LEU D 317 -1.12 29.05 23.91
C LEU D 317 -1.53 30.00 25.02
N GLU D 318 -2.44 29.57 25.89
CA GLU D 318 -2.85 30.40 27.02
C GLU D 318 -1.64 30.79 27.87
N GLN D 319 -0.83 29.81 28.29
CA GLN D 319 0.37 30.12 29.07
C GLN D 319 1.25 31.11 28.33
N LEU D 320 1.62 30.77 27.10
CA LEU D 320 2.47 31.64 26.31
C LEU D 320 1.83 33.01 26.11
N LYS D 321 0.54 33.03 25.74
CA LYS D 321 -0.22 34.27 25.66
C LYS D 321 -0.07 35.06 26.96
N GLU D 322 -0.15 34.38 28.10
CA GLU D 322 0.17 35.02 29.37
C GLU D 322 1.62 35.49 29.36
N SER D 323 2.58 34.57 29.58
CA SER D 323 3.98 34.89 29.83
C SER D 323 4.54 36.07 29.03
N ILE D 324 3.88 36.44 27.92
CA ILE D 324 4.39 37.52 27.10
C ILE D 324 3.99 38.88 27.65
N ARG D 325 2.77 39.03 28.16
CA ARG D 325 2.43 40.32 28.75
C ARG D 325 3.19 40.58 30.04
N GLU D 326 3.58 39.50 30.74
CA GLU D 326 4.47 39.64 31.89
C GLU D 326 5.73 40.41 31.50
N ALA D 327 6.49 39.86 30.54
CA ALA D 327 7.78 40.45 30.21
C ALA D 327 7.64 41.78 29.49
N LYS D 328 6.51 42.02 28.80
CA LYS D 328 6.31 43.30 28.12
C LYS D 328 6.12 44.43 29.13
N ALA D 329 5.44 44.14 30.25
CA ALA D 329 5.27 45.11 31.32
C ALA D 329 6.44 45.13 32.30
N LYS D 330 7.19 44.03 32.43
CA LYS D 330 8.36 44.02 33.32
C LYS D 330 9.65 44.41 32.61
N GLY D 331 9.58 44.82 31.35
CA GLY D 331 10.79 45.23 30.62
C GLY D 331 11.83 44.14 30.48
N GLN D 332 11.39 42.89 30.33
CA GLN D 332 12.27 41.74 30.13
C GLN D 332 12.02 41.15 28.74
N LYS D 333 12.98 40.34 28.27
CA LYS D 333 12.84 39.63 27.01
C LYS D 333 12.35 38.22 27.26
N ILE D 334 11.75 37.63 26.23
CA ILE D 334 11.35 36.23 26.22
C ILE D 334 12.17 35.49 25.16
N ALA D 335 12.78 34.39 25.57
CA ALA D 335 13.33 33.41 24.65
C ALA D 335 12.45 32.17 24.74
N LEU D 336 11.84 31.81 23.61
CA LEU D 336 10.95 30.66 23.51
C LEU D 336 11.70 29.50 22.87
N TYR D 337 11.49 28.30 23.39
CA TYR D 337 12.14 27.13 22.82
C TYR D 337 11.05 26.08 22.56
N LEU D 338 11.08 25.51 21.34
CA LEU D 338 10.10 24.53 20.89
C LEU D 338 10.81 23.24 20.53
N PRO D 339 10.94 22.30 21.47
CA PRO D 339 11.41 20.95 21.11
C PRO D 339 10.22 20.11 20.67
N THR D 340 9.89 20.21 19.40
CA THR D 340 8.63 19.71 18.89
C THR D 340 8.82 18.35 18.25
N GLY D 341 7.98 17.40 18.64
CA GLY D 341 7.87 16.12 17.96
C GLY D 341 6.55 16.00 17.23
N TRP D 342 6.56 15.33 16.08
CA TRP D 342 5.31 15.07 15.36
C TRP D 342 4.70 13.72 15.68
N ASP D 343 5.41 12.89 16.46
CA ASP D 343 4.92 11.58 16.87
C ASP D 343 3.68 11.67 17.76
N SER D 344 3.29 12.87 18.19
CA SER D 344 2.03 13.10 18.89
C SER D 344 0.84 13.30 17.95
N HIS D 345 0.95 12.90 16.68
CA HIS D 345 -0.10 13.13 15.70
C HIS D 345 -0.92 11.86 15.45
N GLU D 346 -2.21 12.05 15.16
CA GLU D 346 -3.13 10.92 15.08
C GLU D 346 -2.79 9.97 13.95
N ASP D 347 -2.17 10.46 12.88
CA ASP D 347 -1.72 9.61 11.79
C ASP D 347 -0.33 8.99 12.02
N GLU D 348 0.26 9.20 13.20
CA GLU D 348 1.52 8.55 13.53
C GLU D 348 1.35 7.04 13.61
N THR D 349 2.34 6.30 13.10
CA THR D 349 2.30 4.85 13.06
C THR D 349 3.40 4.18 13.89
N ALA D 350 4.23 4.98 14.58
CA ALA D 350 5.32 4.42 15.37
C ALA D 350 4.79 3.77 16.64
N TYR D 351 5.51 2.74 17.09
CA TYR D 351 5.18 2.06 18.34
C TYR D 351 5.16 3.02 19.52
N CYS D 352 6.20 3.86 19.63
CA CYS D 352 6.44 4.67 20.82
C CYS D 352 5.53 5.89 20.90
N GLY D 353 4.48 5.93 20.09
CA GLY D 353 3.47 6.96 20.21
C GLY D 353 2.07 6.38 20.30
N LYS D 354 1.80 5.36 19.47
CA LYS D 354 0.44 4.83 19.30
C LYS D 354 0.11 3.64 20.18
N PHE D 355 1.11 2.85 20.58
CA PHE D 355 0.84 1.65 21.37
C PHE D 355 0.57 2.04 22.81
N VAL D 356 -0.71 1.98 23.21
CA VAL D 356 -1.14 2.31 24.56
C VAL D 356 -1.80 1.09 25.18
N ASN D 357 -1.74 1.04 26.52
CA ASN D 357 -2.04 -0.12 27.37
C ASN D 357 -2.36 -1.40 26.60
N GLY D 358 -1.35 -1.96 25.94
CA GLY D 358 -1.48 -3.24 25.27
C GLY D 358 -2.05 -3.22 23.87
N ARG D 359 -2.47 -2.06 23.36
CA ARG D 359 -3.21 -2.01 22.10
C ARG D 359 -2.67 -0.91 21.19
N MET D 360 -2.43 -1.24 19.92
CA MET D 360 -2.17 -0.19 18.94
C MET D 360 -3.41 0.69 18.85
N MET D 361 -3.30 1.95 19.28
CA MET D 361 -4.46 2.82 19.40
C MET D 361 -5.23 2.96 18.09
N GLY D 362 -6.55 2.73 18.14
CA GLY D 362 -7.38 2.82 16.96
C GLY D 362 -7.63 4.26 16.50
N LYS D 363 -8.09 4.38 15.25
CA LYS D 363 -8.32 5.70 14.66
C LYS D 363 -9.29 6.53 15.51
N THR D 364 -10.30 5.88 16.08
CA THR D 364 -11.31 6.59 16.84
C THR D 364 -10.73 7.14 18.14
N ALA D 365 -9.85 6.37 18.80
CA ALA D 365 -9.22 6.83 20.03
C ALA D 365 -8.15 7.87 19.73
N ALA D 366 -7.39 7.66 18.66
CA ALA D 366 -6.31 8.59 18.31
C ALA D 366 -6.83 9.97 17.96
N HIS D 367 -7.98 10.05 17.29
CA HIS D 367 -8.60 11.35 17.06
C HIS D 367 -8.80 12.10 18.36
N GLN D 368 -8.86 11.40 19.49
CA GLN D 368 -9.10 12.07 20.75
C GLN D 368 -7.81 12.38 21.51
N PHE D 369 -6.94 11.39 21.67
CA PHE D 369 -5.73 11.56 22.47
C PHE D 369 -4.54 12.06 21.67
N ARG D 370 -4.68 12.27 20.37
CA ARG D 370 -3.62 12.84 19.55
C ARG D 370 -4.09 14.16 18.94
N PHE D 371 -3.28 14.68 18.02
CA PHE D 371 -3.53 15.95 17.33
C PHE D 371 -3.90 15.70 15.88
N ASN D 372 -4.39 16.74 15.20
CA ASN D 372 -4.64 16.67 13.76
C ASN D 372 -4.08 17.93 13.10
N ASP D 373 -4.07 17.94 11.76
CA ASP D 373 -3.48 19.06 11.02
C ASP D 373 -4.14 20.38 11.35
N GLY D 374 -5.39 20.36 11.83
CA GLY D 374 -6.03 21.60 12.24
C GLY D 374 -5.42 22.18 13.51
N ASP D 375 -5.21 21.33 14.52
CA ASP D 375 -4.55 21.79 15.75
C ASP D 375 -3.21 22.45 15.44
N LEU D 376 -2.28 21.65 14.90
CA LEU D 376 -0.94 22.14 14.62
C LEU D 376 -0.97 23.38 13.74
N GLY D 377 -1.86 23.41 12.74
CA GLY D 377 -2.05 24.59 11.92
C GLY D 377 -2.33 25.78 12.81
N TYR D 378 -3.37 25.66 13.64
CA TYR D 378 -3.75 26.77 14.51
C TYR D 378 -2.65 27.08 15.51
N PHE D 379 -1.93 26.04 15.96
CA PHE D 379 -0.85 26.23 16.91
C PHE D 379 0.24 27.14 16.32
N TYR D 380 0.85 26.73 15.22
CA TYR D 380 1.93 27.49 14.63
C TYR D 380 1.46 28.86 14.14
N GLU D 381 0.23 28.93 13.61
CA GLU D 381 -0.33 30.23 13.24
C GLU D 381 -0.47 31.11 14.47
N SER D 382 -1.06 30.57 15.54
CA SER D 382 -1.24 31.32 16.77
C SER D 382 0.10 31.82 17.29
N ILE D 383 1.04 30.90 17.48
CA ILE D 383 2.35 31.22 18.08
C ILE D 383 3.00 32.40 17.36
N PHE D 384 3.17 32.27 16.04
CA PHE D 384 3.89 33.29 15.28
C PHE D 384 3.16 34.62 15.27
N THR D 385 1.84 34.64 15.49
CA THR D 385 1.16 35.92 15.64
C THR D 385 1.57 36.59 16.94
N LEU D 386 1.55 35.83 18.03
CA LEU D 386 2.14 36.33 19.28
C LEU D 386 3.56 36.82 19.07
N TYR D 387 4.35 36.10 18.27
CA TYR D 387 5.71 36.56 18.00
C TYR D 387 5.70 37.89 17.25
N ASN D 388 4.91 38.00 16.17
CA ASN D 388 5.02 39.17 15.32
C ASN D 388 4.47 40.43 16.00
N GLU D 389 3.45 40.30 16.85
CA GLU D 389 2.94 41.45 17.59
C GLU D 389 3.92 41.90 18.68
N ASN D 390 4.45 40.96 19.46
CA ASN D 390 5.35 41.33 20.57
C ASN D 390 6.83 41.14 20.20
N LYS D 391 7.27 41.66 19.06
CA LYS D 391 8.68 41.55 18.71
C LYS D 391 9.54 42.49 19.57
N ASP D 392 8.93 43.52 20.14
CA ASP D 392 9.63 44.32 21.15
C ASP D 392 9.93 43.50 22.41
N CYS D 393 9.04 42.56 22.76
CA CYS D 393 9.24 41.73 23.95
C CYS D 393 9.82 40.34 23.63
N VAL D 394 9.25 39.61 22.68
CA VAL D 394 9.75 38.26 22.38
C VAL D 394 11.02 38.37 21.56
N ASP D 395 12.09 37.75 22.08
CA ASP D 395 13.43 37.92 21.55
C ASP D 395 13.82 36.84 20.55
N THR D 396 13.64 35.57 20.92
CA THR D 396 14.20 34.44 20.17
C THR D 396 13.20 33.30 20.15
N ILE D 397 13.19 32.57 19.04
CA ILE D 397 12.36 31.37 18.86
C ILE D 397 13.25 30.30 18.23
N TYR D 398 13.60 29.28 19.01
CA TYR D 398 14.29 28.11 18.49
C TYR D 398 13.33 26.94 18.50
N TRP D 399 13.37 26.16 17.42
CA TRP D 399 12.48 25.04 17.18
C TRP D 399 13.33 23.81 16.88
N GLY D 400 13.06 22.71 17.57
CA GLY D 400 13.90 21.55 17.38
C GLY D 400 13.17 20.30 16.95
N LEU D 401 13.50 19.80 15.75
CA LEU D 401 13.00 18.49 15.31
C LEU D 401 13.29 17.41 16.35
N GLU D 402 12.25 16.87 16.96
CA GLU D 402 12.46 15.79 17.91
C GLU D 402 12.00 14.43 17.33
N GLY D 403 10.83 13.98 17.77
CA GLY D 403 10.25 12.75 17.25
C GLY D 403 9.26 13.02 16.12
N GLY D 404 8.62 11.94 15.67
CA GLY D 404 7.68 11.98 14.58
C GLY D 404 8.20 11.20 13.38
N TYR D 405 7.70 9.98 13.16
CA TYR D 405 8.52 9.00 12.46
C TYR D 405 7.89 8.45 11.19
N ASP D 406 6.57 8.28 11.12
CA ASP D 406 5.94 7.79 9.89
C ASP D 406 6.06 8.80 8.76
N ARG D 407 6.43 8.35 7.56
CA ARG D 407 6.93 9.29 6.56
C ARG D 407 5.80 10.14 5.97
N THR D 408 4.78 9.52 5.36
CA THR D 408 3.73 10.35 4.74
C THR D 408 3.12 11.33 5.75
N MET D 409 3.07 10.92 7.03
CA MET D 409 2.64 11.81 8.11
C MET D 409 3.55 13.01 8.26
N TYR D 410 4.86 12.79 8.41
CA TYR D 410 5.71 13.95 8.69
C TYR D 410 5.99 14.78 7.44
N GLU D 411 6.04 14.15 6.25
CA GLU D 411 6.21 14.93 5.03
C GLU D 411 5.10 15.95 4.91
N ARG D 412 3.89 15.58 5.34
CA ARG D 412 2.76 16.50 5.32
C ARG D 412 2.98 17.64 6.31
N GLU D 413 3.29 17.31 7.56
CA GLU D 413 3.43 18.36 8.58
C GLU D 413 4.58 19.32 8.29
N LEU D 414 5.70 18.80 7.75
CA LEU D 414 6.75 19.72 7.33
C LEU D 414 6.21 20.73 6.30
N LYS D 415 5.56 20.25 5.23
CA LYS D 415 4.96 21.19 4.27
C LYS D 415 3.96 22.10 4.96
N ILE D 416 3.12 21.55 5.84
CA ILE D 416 2.17 22.39 6.56
C ILE D 416 2.89 23.33 7.54
N LEU D 417 4.16 23.05 7.90
CA LEU D 417 4.95 23.97 8.72
C LEU D 417 5.59 25.07 7.88
N LEU D 418 6.33 24.67 6.84
CA LEU D 418 7.00 25.63 5.95
C LEU D 418 6.03 26.62 5.32
N GLN D 419 4.74 26.26 5.22
CA GLN D 419 3.78 27.21 4.70
C GLN D 419 3.44 28.26 5.76
N VAL D 420 3.31 27.84 7.03
CA VAL D 420 3.04 28.84 8.06
C VAL D 420 4.24 29.75 8.22
N ILE D 421 5.45 29.23 8.00
CA ILE D 421 6.62 30.10 8.06
C ILE D 421 6.58 31.11 6.92
N GLU D 422 6.52 30.61 5.69
CA GLU D 422 6.56 31.52 4.54
C GLU D 422 5.55 32.66 4.68
N LYS D 423 4.32 32.32 5.09
CA LYS D 423 3.27 33.34 5.27
C LYS D 423 3.64 34.32 6.38
N GLN D 424 4.12 33.81 7.51
CA GLN D 424 4.19 34.61 8.73
C GLN D 424 5.54 35.26 8.99
N LEU D 425 6.64 34.64 8.54
CA LEU D 425 7.99 34.93 9.03
C LEU D 425 9.00 35.23 7.93
N LEU D 426 8.58 35.40 6.69
CA LEU D 426 9.50 35.67 5.59
C LEU D 426 8.93 36.75 4.69
N PRO D 427 9.78 37.60 4.10
CA PRO D 427 9.27 38.74 3.31
C PRO D 427 9.19 38.45 1.81
N LYS D 428 8.03 38.72 1.22
CA LYS D 428 7.81 38.57 -0.22
C LYS D 428 7.01 39.74 -0.77
ZN ZN E . 10.44 -10.22 6.20
K K F . 15.18 -10.30 1.23
ZN ZN G . -19.91 40.67 1.70
ZN ZN H . -0.87 -38.13 -27.89
K K I . -2.53 -31.00 -28.75
ZN ZN J . 9.19 10.97 20.62
#